data_6NJH
#
_entry.id   6NJH
#
_cell.length_a   81.640
_cell.length_b   82.070
_cell.length_c   116.530
_cell.angle_alpha   90.00
_cell.angle_beta   110.23
_cell.angle_gamma   90.00
#
_symmetry.space_group_name_H-M   'P 1 21 1'
#
loop_
_entity.id
_entity.type
_entity.pdbx_description
1 polymer "cAMP-specific 3',5'-cyclic phosphodiesterase 4D"
2 non-polymer 'ZINC ION'
3 non-polymer 'MAGNESIUM ION'
4 non-polymer 2-(4-{[4-(3-chlorophenyl)-6-ethyl-1,3,5-triazin-2-yl]amino}phenyl)acetamide
5 water water
#
_entity_poly.entity_id   1
_entity_poly.type   'polypeptide(L)'
_entity_poly.pdbx_seq_one_letter_code
;MSIPRFGVKTEQEDVLAKELEDVNKWGLHVFRIAELSGNRPLTVIMHTIFQERDLLKTFKIPVDTLITYLMTLEDHYHAD
VAYHNNIHAADVVQSTHVLLSTPALEAVFTDLEILAAIFASAIHDVDHPGVSNQFLINTNSELALMYNDSSVLENHHLAV
GFKLLQEENCDIFQNLTKKQRQSLRKMVIDIVLATDMSKHMNLLADLKTMVETKKVTSSGVLLLDNYSDRIQVLQNMVHC
ADLSNPTKPLQLYRQWTDRIMEEFFRQGDRERERGMEISPMCDKHNASVEKSQVGFIDYIVHPLWETWADLVHPDAQDIL
DTLEDNREWYQSTIPQAPAPPLDEQNRDSQGNQVSEFISNTFLDENLYFQ
;
_entity_poly.pdbx_strand_id   A,B,C,D
#
loop_
_chem_comp.id
_chem_comp.type
_chem_comp.name
_chem_comp.formula
KRD non-polymer 2-(4-{[4-(3-chlorophenyl)-6-ethyl-1,3,5-triazin-2-yl]amino}phenyl)acetamide 'C19 H18 Cl N5 O'
MG non-polymer 'MAGNESIUM ION' 'Mg 2'
ZN non-polymer 'ZINC ION' 'Zn 2'
#
# COMPACT_ATOMS: atom_id res chain seq x y z
N GLN A 12 -9.23 0.18 -44.73
CA GLN A 12 -8.81 -0.65 -43.60
C GLN A 12 -10.01 -1.12 -42.79
N GLU A 13 -10.96 -0.23 -42.54
CA GLU A 13 -12.21 -0.57 -41.82
C GLU A 13 -12.96 -1.71 -42.51
N ASP A 14 -13.01 -1.68 -43.86
CA ASP A 14 -13.69 -2.72 -44.65
C ASP A 14 -12.95 -4.07 -44.50
N VAL A 15 -11.63 -4.03 -44.48
CA VAL A 15 -10.85 -5.28 -44.36
C VAL A 15 -10.97 -5.94 -42.96
N LEU A 16 -10.98 -5.09 -41.92
CA LEU A 16 -11.19 -5.52 -40.56
C LEU A 16 -12.55 -6.18 -40.42
N ALA A 17 -13.58 -5.57 -40.99
CA ALA A 17 -14.93 -6.16 -40.93
C ALA A 17 -15.02 -7.52 -41.66
N LYS A 18 -14.29 -7.68 -42.78
CA LYS A 18 -14.26 -8.98 -43.52
C LYS A 18 -13.61 -10.03 -42.63
N GLU A 19 -12.52 -9.69 -41.95
CA GLU A 19 -11.91 -10.66 -41.01
C GLU A 19 -12.87 -11.06 -39.87
N LEU A 20 -13.59 -10.09 -39.33
CA LEU A 20 -14.53 -10.30 -38.20
C LEU A 20 -15.73 -11.14 -38.55
N GLU A 21 -15.98 -11.32 -39.84
CA GLU A 21 -16.96 -12.30 -40.31
C GLU A 21 -16.69 -13.73 -39.87
N ASP A 22 -15.43 -14.05 -39.57
CA ASP A 22 -15.04 -15.37 -39.06
C ASP A 22 -15.08 -15.52 -37.52
N VAL A 23 -15.73 -14.58 -36.84
CA VAL A 23 -15.70 -14.58 -35.37
C VAL A 23 -16.32 -15.82 -34.75
N ASN A 24 -17.24 -16.49 -35.46
CA ASN A 24 -17.83 -17.73 -34.93
C ASN A 24 -17.10 -19.00 -35.34
N LYS A 25 -15.96 -18.86 -35.96
CA LYS A 25 -15.24 -19.98 -36.49
C LYS A 25 -13.92 -20.26 -35.69
N TRP A 26 -13.64 -21.54 -35.52
CA TRP A 26 -12.38 -21.95 -34.94
C TRP A 26 -11.29 -21.68 -35.95
N GLY A 27 -10.31 -20.86 -35.62
CA GLY A 27 -9.34 -20.51 -36.65
C GLY A 27 -9.45 -19.11 -37.18
N LEU A 28 -10.18 -18.25 -36.51
CA LEU A 28 -10.11 -16.79 -36.78
C LEU A 28 -8.66 -16.31 -36.91
N HIS A 29 -8.42 -15.41 -37.86
CA HIS A 29 -7.09 -14.81 -38.10
C HIS A 29 -6.88 -13.70 -37.06
N VAL A 30 -6.64 -14.12 -35.83
CA VAL A 30 -6.57 -13.16 -34.73
C VAL A 30 -5.35 -12.24 -34.85
N PHE A 31 -4.28 -12.72 -35.46
CA PHE A 31 -3.08 -11.87 -35.57
C PHE A 31 -3.30 -10.77 -36.59
N ARG A 32 -3.95 -11.13 -37.70
CA ARG A 32 -4.31 -10.15 -38.73
C ARG A 32 -5.24 -9.10 -38.08
N ILE A 33 -6.19 -9.56 -37.27
CA ILE A 33 -7.15 -8.65 -36.62
C ILE A 33 -6.41 -7.68 -35.68
N ALA A 34 -5.40 -8.21 -34.98
CA ALA A 34 -4.60 -7.35 -34.15
C ALA A 34 -3.90 -6.24 -35.00
N GLU A 35 -3.36 -6.60 -36.15
CA GLU A 35 -2.70 -5.62 -37.04
C GLU A 35 -3.70 -4.62 -37.54
N LEU A 36 -4.81 -5.10 -38.08
CA LEU A 36 -5.83 -4.21 -38.64
C LEU A 36 -6.54 -3.26 -37.66
N SER A 37 -6.60 -3.61 -36.37
CA SER A 37 -7.28 -2.80 -35.39
C SER A 37 -6.33 -1.80 -34.70
N GLY A 38 -5.09 -1.74 -35.13
CA GLY A 38 -4.11 -0.92 -34.47
C GLY A 38 -3.79 -1.50 -33.10
N ASN A 39 -3.60 -2.82 -33.06
CA ASN A 39 -3.37 -3.58 -31.84
C ASN A 39 -4.46 -3.51 -30.75
N ARG A 40 -5.69 -3.71 -31.18
CA ARG A 40 -6.87 -3.70 -30.37
C ARG A 40 -7.69 -4.94 -30.59
N PRO A 41 -7.04 -6.08 -30.77
CA PRO A 41 -7.83 -7.29 -30.99
C PRO A 41 -8.81 -7.61 -29.84
N LEU A 42 -8.42 -7.38 -28.58
CA LEU A 42 -9.35 -7.71 -27.45
C LEU A 42 -10.58 -6.84 -27.49
N THR A 43 -10.37 -5.53 -27.64
CA THR A 43 -11.48 -4.62 -27.75
C THR A 43 -12.45 -4.94 -28.94
N VAL A 44 -11.92 -5.14 -30.14
CA VAL A 44 -12.84 -5.30 -31.28
C VAL A 44 -13.49 -6.66 -31.25
N ILE A 45 -12.76 -7.69 -30.82
CA ILE A 45 -13.36 -9.02 -30.69
C ILE A 45 -14.42 -9.10 -29.61
N MET A 46 -14.14 -8.52 -28.44
CA MET A 46 -15.14 -8.50 -27.36
C MET A 46 -16.38 -7.71 -27.83
N HIS A 47 -16.19 -6.57 -28.48
CA HIS A 47 -17.37 -5.74 -28.91
C HIS A 47 -18.21 -6.52 -29.92
N THR A 48 -17.55 -7.14 -30.89
CA THR A 48 -18.25 -7.97 -31.87
C THR A 48 -19.06 -9.06 -31.18
N ILE A 49 -18.43 -9.72 -30.22
CA ILE A 49 -19.06 -10.82 -29.53
C ILE A 49 -20.22 -10.34 -28.68
N PHE A 50 -20.03 -9.22 -27.98
CA PHE A 50 -21.14 -8.68 -27.18
C PHE A 50 -22.35 -8.35 -28.11
N GLN A 51 -22.09 -7.80 -29.30
CA GLN A 51 -23.17 -7.46 -30.24
C GLN A 51 -23.86 -8.73 -30.72
N GLU A 52 -23.11 -9.66 -31.22
CA GLU A 52 -23.63 -10.91 -31.71
C GLU A 52 -24.47 -11.63 -30.67
N ARG A 53 -24.07 -11.59 -29.39
CA ARG A 53 -24.87 -12.31 -28.38
C ARG A 53 -25.95 -11.46 -27.73
N ASP A 54 -26.10 -10.24 -28.21
CA ASP A 54 -27.10 -9.29 -27.67
C ASP A 54 -26.94 -9.01 -26.17
N LEU A 55 -25.71 -9.09 -25.71
CA LEU A 55 -25.44 -8.88 -24.28
C LEU A 55 -25.54 -7.41 -23.85
N LEU A 56 -25.38 -6.48 -24.78
CA LEU A 56 -25.60 -5.06 -24.43
C LEU A 56 -27.09 -4.83 -24.08
N LYS A 57 -27.99 -5.33 -24.93
CA LYS A 57 -29.41 -5.16 -24.67
C LYS A 57 -29.78 -5.93 -23.39
N THR A 58 -29.36 -7.18 -23.26
CA THR A 58 -29.78 -7.99 -22.14
C THR A 58 -29.34 -7.42 -20.81
N PHE A 59 -28.13 -6.90 -20.70
CA PHE A 59 -27.65 -6.46 -19.39
C PHE A 59 -27.58 -4.94 -19.31
N LYS A 60 -28.20 -4.27 -20.31
CA LYS A 60 -28.31 -2.79 -20.36
C LYS A 60 -26.94 -2.15 -20.16
N ILE A 61 -26.02 -2.58 -21.00
CA ILE A 61 -24.67 -2.09 -20.91
C ILE A 61 -24.57 -1.01 -21.93
N PRO A 62 -24.37 0.24 -21.49
CA PRO A 62 -24.08 1.27 -22.49
C PRO A 62 -22.86 0.98 -23.31
N VAL A 63 -22.95 1.24 -24.61
CA VAL A 63 -21.91 0.85 -25.57
C VAL A 63 -20.60 1.62 -25.29
N ASP A 64 -20.72 2.89 -24.97
CA ASP A 64 -19.56 3.72 -24.68
C ASP A 64 -18.84 3.21 -23.40
N THR A 65 -19.63 2.76 -22.42
CA THR A 65 -19.10 2.14 -21.22
C THR A 65 -18.35 0.83 -21.54
N LEU A 66 -18.92 0.00 -22.40
CA LEU A 66 -18.27 -1.20 -22.81
C LEU A 66 -16.92 -0.91 -23.44
N ILE A 67 -16.91 -0.01 -24.40
CA ILE A 67 -15.67 0.33 -25.11
C ILE A 67 -14.60 0.92 -24.21
N THR A 68 -14.99 1.79 -23.31
CA THR A 68 -14.06 2.39 -22.39
C THR A 68 -13.43 1.34 -21.49
N TYR A 69 -14.25 0.44 -20.92
CA TYR A 69 -13.70 -0.69 -20.09
C TYR A 69 -12.76 -1.53 -20.90
N LEU A 70 -13.22 -1.91 -22.09
CA LEU A 70 -12.42 -2.77 -22.92
C LEU A 70 -11.06 -2.19 -23.28
N MET A 71 -11.04 -0.92 -23.62
CA MET A 71 -9.79 -0.27 -23.96
C MET A 71 -8.83 -0.22 -22.75
N THR A 72 -9.37 0.05 -21.58
CA THR A 72 -8.57 0.10 -20.38
C THR A 72 -8.03 -1.30 -20.02
N LEU A 73 -8.91 -2.29 -20.11
CA LEU A 73 -8.48 -3.70 -19.90
C LEU A 73 -7.34 -4.06 -20.82
N GLU A 74 -7.51 -3.74 -22.10
CA GLU A 74 -6.51 -4.07 -23.10
C GLU A 74 -5.18 -3.33 -22.83
N ASP A 75 -5.26 -2.08 -22.41
CA ASP A 75 -4.03 -1.34 -22.06
C ASP A 75 -3.28 -1.98 -20.92
N HIS A 76 -3.95 -2.75 -20.07
CA HIS A 76 -3.26 -3.42 -18.93
C HIS A 76 -2.75 -4.80 -19.22
N TYR A 77 -2.94 -5.24 -20.46
CA TYR A 77 -2.14 -6.30 -20.94
C TYR A 77 -0.82 -5.73 -21.42
N HIS A 78 0.28 -6.43 -21.13
CA HIS A 78 1.61 -5.96 -21.53
C HIS A 78 1.92 -6.31 -22.96
N ALA A 79 2.02 -5.29 -23.77
CA ALA A 79 2.39 -5.46 -25.21
C ALA A 79 3.77 -6.07 -25.42
N ASP A 80 4.69 -5.80 -24.53
CA ASP A 80 6.06 -6.35 -24.64
C ASP A 80 6.15 -7.83 -24.23
N VAL A 81 5.13 -8.40 -23.63
CA VAL A 81 5.23 -9.79 -23.23
C VAL A 81 4.80 -10.59 -24.47
N ALA A 82 5.55 -11.61 -24.81
CA ALA A 82 5.45 -12.21 -26.14
C ALA A 82 4.21 -13.06 -26.33
N TYR A 83 3.79 -13.78 -25.29
CA TYR A 83 2.66 -14.67 -25.39
C TYR A 83 1.49 -14.22 -24.53
N HIS A 84 1.76 -13.98 -23.24
CA HIS A 84 0.69 -13.50 -22.31
C HIS A 84 0.32 -12.05 -22.45
N ASN A 85 -0.17 -11.70 -23.64
CA ASN A 85 -0.56 -10.34 -23.94
C ASN A 85 -2.02 -10.25 -24.43
N ASN A 86 -2.40 -9.10 -24.96
CA ASN A 86 -3.76 -8.83 -25.36
C ASN A 86 -4.20 -9.72 -26.54
N ILE A 87 -3.28 -10.21 -27.33
CA ILE A 87 -3.64 -11.04 -28.44
C ILE A 87 -4.05 -12.40 -27.93
N HIS A 88 -3.27 -12.92 -26.97
CA HIS A 88 -3.70 -14.15 -26.30
C HIS A 88 -5.09 -14.02 -25.67
N ALA A 89 -5.34 -12.95 -24.98
CA ALA A 89 -6.60 -12.74 -24.28
C ALA A 89 -7.75 -12.76 -25.28
N ALA A 90 -7.57 -12.02 -26.38
CA ALA A 90 -8.56 -11.97 -27.46
C ALA A 90 -8.88 -13.36 -27.99
N ASP A 91 -7.86 -14.15 -28.17
CA ASP A 91 -7.96 -15.51 -28.66
C ASP A 91 -8.77 -16.40 -27.71
N VAL A 92 -8.52 -16.27 -26.41
CA VAL A 92 -9.18 -17.17 -25.44
C VAL A 92 -10.63 -16.74 -25.37
N VAL A 93 -10.88 -15.43 -25.47
CA VAL A 93 -12.25 -14.93 -25.53
C VAL A 93 -13.00 -15.56 -26.70
N GLN A 94 -12.40 -15.50 -27.86
CA GLN A 94 -13.04 -15.90 -29.09
C GLN A 94 -13.23 -17.39 -29.11
N SER A 95 -12.25 -18.11 -28.61
CA SER A 95 -12.36 -19.59 -28.49
C SER A 95 -13.44 -20.05 -27.53
N THR A 96 -13.53 -19.40 -26.38
CA THR A 96 -14.62 -19.62 -25.47
C THR A 96 -15.99 -19.33 -26.14
N HIS A 97 -16.07 -18.21 -26.85
CA HIS A 97 -17.26 -17.86 -27.61
C HIS A 97 -17.73 -18.96 -28.58
N VAL A 98 -16.81 -19.60 -29.26
CA VAL A 98 -17.14 -20.69 -30.16
C VAL A 98 -17.56 -21.95 -29.35
N LEU A 99 -16.77 -22.33 -28.35
CA LEU A 99 -17.11 -23.47 -27.52
C LEU A 99 -18.51 -23.33 -26.88
N LEU A 100 -18.88 -22.13 -26.48
CA LEU A 100 -20.24 -21.88 -25.93
C LEU A 100 -21.39 -22.25 -26.90
N SER A 101 -21.11 -22.25 -28.20
CA SER A 101 -22.15 -22.44 -29.22
C SER A 101 -22.14 -23.84 -29.78
N THR A 102 -21.35 -24.72 -29.18
CA THR A 102 -21.33 -26.07 -29.65
C THR A 102 -22.79 -26.67 -29.49
N PRO A 103 -23.22 -27.48 -30.47
CA PRO A 103 -24.56 -28.08 -30.44
C PRO A 103 -24.92 -28.77 -29.13
N ALA A 104 -24.02 -29.54 -28.57
CA ALA A 104 -24.32 -30.26 -27.33
C ALA A 104 -24.64 -29.35 -26.14
N LEU A 105 -24.32 -28.06 -26.24
CA LEU A 105 -24.62 -27.13 -25.13
C LEU A 105 -25.72 -26.14 -25.46
N GLU A 106 -26.44 -26.33 -26.57
CA GLU A 106 -27.57 -25.42 -26.96
C GLU A 106 -28.56 -25.25 -25.83
N ALA A 107 -28.82 -24.00 -25.49
CA ALA A 107 -29.78 -23.61 -24.44
C ALA A 107 -29.43 -23.99 -23.04
N VAL A 108 -28.27 -24.61 -22.82
CA VAL A 108 -27.88 -25.01 -21.50
C VAL A 108 -27.57 -23.82 -20.57
N PHE A 109 -26.75 -22.86 -21.01
CA PHE A 109 -26.31 -21.79 -20.10
C PHE A 109 -27.23 -20.58 -20.14
N THR A 110 -27.47 -19.96 -19.00
CA THR A 110 -28.13 -18.63 -19.02
C THR A 110 -27.22 -17.54 -19.64
N ASP A 111 -27.83 -16.41 -19.97
CA ASP A 111 -27.08 -15.25 -20.46
C ASP A 111 -26.03 -14.75 -19.43
N LEU A 112 -26.31 -14.88 -18.13
CA LEU A 112 -25.38 -14.44 -17.12
C LEU A 112 -24.15 -15.36 -17.04
N GLU A 113 -24.41 -16.65 -17.16
CA GLU A 113 -23.35 -17.61 -17.24
C GLU A 113 -22.48 -17.38 -18.47
N ILE A 114 -23.12 -17.09 -19.59
CA ILE A 114 -22.41 -16.74 -20.83
C ILE A 114 -21.55 -15.47 -20.64
N LEU A 115 -22.11 -14.46 -20.03
CA LEU A 115 -21.36 -13.25 -19.74
C LEU A 115 -20.18 -13.54 -18.80
N ALA A 116 -20.39 -14.36 -17.79
CA ALA A 116 -19.33 -14.73 -16.89
C ALA A 116 -18.18 -15.38 -17.61
N ALA A 117 -18.47 -16.34 -18.45
CA ALA A 117 -17.42 -17.06 -19.11
C ALA A 117 -16.58 -16.16 -20.07
N ILE A 118 -17.29 -15.28 -20.78
CA ILE A 118 -16.63 -14.42 -21.72
C ILE A 118 -15.83 -13.37 -20.95
N PHE A 119 -16.43 -12.77 -19.93
CA PHE A 119 -15.69 -11.78 -19.15
C PHE A 119 -14.46 -12.42 -18.50
N ALA A 120 -14.62 -13.63 -17.95
CA ALA A 120 -13.47 -14.37 -17.29
C ALA A 120 -12.35 -14.59 -18.28
N SER A 121 -12.73 -15.00 -19.48
CA SER A 121 -11.76 -15.15 -20.56
C SER A 121 -11.05 -13.86 -20.89
N ALA A 122 -11.75 -12.76 -20.96
CA ALA A 122 -11.12 -11.46 -21.28
C ALA A 122 -10.10 -11.00 -20.24
N ILE A 123 -10.36 -11.27 -18.95
CA ILE A 123 -9.49 -10.71 -17.89
C ILE A 123 -8.47 -11.75 -17.37
N HIS A 124 -8.50 -12.98 -17.89
CA HIS A 124 -7.90 -14.10 -17.23
C HIS A 124 -6.36 -14.05 -17.12
N ASP A 125 -5.74 -13.18 -17.91
CA ASP A 125 -4.28 -12.98 -17.84
C ASP A 125 -3.89 -11.55 -17.74
N VAL A 126 -4.82 -10.67 -17.37
CA VAL A 126 -4.50 -9.22 -17.44
C VAL A 126 -3.33 -8.85 -16.50
N ASP A 127 -2.49 -7.96 -16.97
CA ASP A 127 -1.29 -7.56 -16.22
C ASP A 127 -0.30 -8.68 -15.92
N HIS A 128 -0.19 -9.66 -16.83
CA HIS A 128 0.75 -10.77 -16.67
C HIS A 128 2.18 -10.22 -16.96
N PRO A 129 3.15 -10.48 -16.07
CA PRO A 129 4.49 -9.94 -16.25
C PRO A 129 5.35 -10.79 -17.16
N GLY A 130 4.86 -11.94 -17.62
CA GLY A 130 5.67 -12.76 -18.51
C GLY A 130 6.60 -13.74 -17.81
N VAL A 131 6.34 -13.99 -16.54
CA VAL A 131 7.08 -14.98 -15.79
C VAL A 131 6.05 -15.81 -15.03
N SER A 132 6.45 -17.01 -14.64
CA SER A 132 5.54 -17.95 -14.04
C SER A 132 5.31 -17.74 -12.55
N ASN A 133 4.31 -18.47 -12.03
CA ASN A 133 4.04 -18.47 -10.60
C ASN A 133 5.28 -18.95 -9.83
N GLN A 134 5.93 -19.99 -10.34
CA GLN A 134 7.08 -20.57 -9.63
C GLN A 134 8.26 -19.57 -9.60
N PHE A 135 8.49 -18.84 -10.71
CA PHE A 135 9.48 -17.78 -10.67
C PHE A 135 9.18 -16.71 -9.57
N LEU A 136 7.93 -16.28 -9.51
CA LEU A 136 7.53 -15.27 -8.57
C LEU A 136 7.65 -15.73 -7.11
N ILE A 137 7.30 -16.98 -6.87
CA ILE A 137 7.50 -17.59 -5.57
C ILE A 137 8.99 -17.72 -5.20
N ASN A 138 9.79 -18.25 -6.12
CA ASN A 138 11.18 -18.51 -5.82
C ASN A 138 12.02 -17.25 -5.70
N THR A 139 11.62 -16.15 -6.31
CA THR A 139 12.33 -14.89 -6.11
C THR A 139 11.74 -14.04 -4.99
N ASN A 140 10.80 -14.59 -4.23
CA ASN A 140 10.14 -13.88 -3.17
C ASN A 140 9.58 -12.55 -3.61
N SER A 141 8.91 -12.55 -4.75
CA SER A 141 8.43 -11.34 -5.35
C SER A 141 7.34 -10.77 -4.49
N GLU A 142 7.09 -9.50 -4.72
CA GLU A 142 5.98 -8.74 -4.09
C GLU A 142 4.62 -9.40 -4.30
N LEU A 143 4.34 -9.82 -5.54
CA LEU A 143 3.10 -10.53 -5.78
C LEU A 143 2.97 -11.84 -4.98
N ALA A 144 4.03 -12.64 -4.90
CA ALA A 144 3.97 -13.87 -4.14
C ALA A 144 3.80 -13.63 -2.66
N LEU A 145 4.35 -12.53 -2.18
CA LEU A 145 4.15 -12.10 -0.77
C LEU A 145 2.70 -11.67 -0.53
N MET A 146 2.14 -10.90 -1.45
N MET A 146 2.14 -10.90 -1.45
CA MET A 146 0.77 -10.49 -1.35
CA MET A 146 0.76 -10.48 -1.37
C MET A 146 -0.19 -11.67 -1.30
C MET A 146 -0.21 -11.67 -1.32
N TYR A 147 0.08 -12.73 -2.07
CA TYR A 147 -0.92 -13.81 -2.25
C TYR A 147 -0.51 -15.13 -1.60
N ASN A 148 0.48 -15.09 -0.76
CA ASN A 148 0.85 -16.27 0.05
C ASN A 148 1.11 -17.52 -0.80
N ASP A 149 1.79 -17.27 -1.91
CA ASP A 149 2.28 -18.32 -2.82
C ASP A 149 1.18 -19.13 -3.51
N SER A 150 -0.12 -18.79 -3.38
CA SER A 150 -1.08 -19.65 -4.04
C SER A 150 -1.91 -18.95 -5.11
N SER A 151 -1.99 -19.62 -6.27
CA SER A 151 -2.48 -19.04 -7.49
C SER A 151 -2.16 -17.56 -7.57
N VAL A 152 -0.88 -17.28 -7.51
CA VAL A 152 -0.44 -15.87 -7.40
C VAL A 152 -0.92 -14.99 -8.56
N LEU A 153 -0.57 -15.40 -9.79
CA LEU A 153 -0.96 -14.63 -10.95
C LEU A 153 -2.48 -14.55 -11.12
N GLU A 154 -3.15 -15.69 -10.91
CA GLU A 154 -4.55 -15.81 -11.19
C GLU A 154 -5.36 -14.93 -10.21
N ASN A 155 -4.95 -14.90 -8.95
CA ASN A 155 -5.53 -13.98 -8.01
C ASN A 155 -5.30 -12.52 -8.45
N HIS A 156 -4.09 -12.23 -8.93
CA HIS A 156 -3.81 -10.87 -9.46
C HIS A 156 -4.64 -10.50 -10.70
N HIS A 157 -4.80 -11.43 -11.64
CA HIS A 157 -5.57 -11.12 -12.86
C HIS A 157 -6.99 -10.72 -12.47
N LEU A 158 -7.57 -11.52 -11.59
CA LEU A 158 -8.93 -11.23 -11.04
C LEU A 158 -8.96 -9.87 -10.39
N ALA A 159 -8.02 -9.58 -9.49
CA ALA A 159 -8.07 -8.27 -8.78
C ALA A 159 -8.02 -7.08 -9.74
N VAL A 160 -7.16 -7.15 -10.73
CA VAL A 160 -7.00 -6.07 -11.67
C VAL A 160 -8.30 -5.92 -12.56
N GLY A 161 -8.78 -7.05 -13.07
CA GLY A 161 -9.92 -7.10 -13.93
C GLY A 161 -11.16 -6.47 -13.31
N PHE A 162 -11.40 -6.77 -12.06
CA PHE A 162 -12.46 -6.12 -11.33
C PHE A 162 -12.19 -4.65 -10.91
N LYS A 163 -10.97 -4.34 -10.41
CA LYS A 163 -10.59 -2.95 -10.04
C LYS A 163 -10.79 -1.98 -11.20
N LEU A 164 -10.53 -2.41 -12.42
CA LEU A 164 -10.67 -1.54 -13.59
C LEU A 164 -12.10 -1.11 -13.86
N LEU A 165 -13.09 -1.87 -13.35
CA LEU A 165 -14.49 -1.51 -13.48
C LEU A 165 -14.76 -0.17 -12.78
N GLN A 166 -13.89 0.22 -11.87
CA GLN A 166 -14.07 1.45 -11.07
C GLN A 166 -13.53 2.70 -11.72
N GLU A 167 -12.83 2.57 -12.84
CA GLU A 167 -12.33 3.75 -13.51
C GLU A 167 -13.53 4.47 -14.20
N GLU A 168 -13.27 5.69 -14.66
CA GLU A 168 -14.30 6.59 -15.20
C GLU A 168 -15.02 5.91 -16.37
N ASN A 169 -16.33 5.82 -16.22
CA ASN A 169 -17.20 5.25 -17.20
C ASN A 169 -16.78 3.82 -17.62
N CYS A 170 -16.34 2.99 -16.66
CA CYS A 170 -15.91 1.63 -16.96
C CYS A 170 -16.79 0.54 -16.36
N ASP A 171 -17.84 0.88 -15.59
CA ASP A 171 -18.56 -0.14 -14.88
C ASP A 171 -19.58 -0.83 -15.74
N ILE A 172 -19.14 -1.80 -16.53
CA ILE A 172 -20.04 -2.48 -17.46
C ILE A 172 -21.15 -3.32 -16.77
N PHE A 173 -21.03 -3.51 -15.46
CA PHE A 173 -22.07 -4.22 -14.72
C PHE A 173 -23.02 -3.34 -13.87
N GLN A 174 -22.99 -2.04 -14.12
CA GLN A 174 -23.81 -1.08 -13.40
C GLN A 174 -25.29 -1.37 -13.36
N ASN A 175 -25.86 -1.99 -14.40
CA ASN A 175 -27.30 -2.24 -14.43
C ASN A 175 -27.68 -3.69 -14.21
N LEU A 176 -26.76 -4.50 -13.67
CA LEU A 176 -27.10 -5.83 -13.16
C LEU A 176 -27.74 -5.67 -11.81
N THR A 177 -28.59 -6.61 -11.38
CA THR A 177 -29.12 -6.58 -10.00
C THR A 177 -28.05 -6.99 -9.00
N LYS A 178 -28.27 -6.73 -7.70
CA LYS A 178 -27.28 -7.12 -6.69
C LYS A 178 -27.05 -8.60 -6.80
N LYS A 179 -28.12 -9.38 -6.90
CA LYS A 179 -27.92 -10.83 -6.97
C LYS A 179 -27.15 -11.26 -8.27
N GLN A 180 -27.46 -10.65 -9.41
CA GLN A 180 -26.74 -10.95 -10.65
C GLN A 180 -25.24 -10.61 -10.56
N ARG A 181 -24.91 -9.47 -9.99
CA ARG A 181 -23.47 -9.05 -9.78
C ARG A 181 -22.75 -10.01 -8.91
N GLN A 182 -23.39 -10.40 -7.79
CA GLN A 182 -22.77 -11.35 -6.87
C GLN A 182 -22.55 -12.66 -7.55
N SER A 183 -23.55 -13.08 -8.30
CA SER A 183 -23.44 -14.39 -8.90
C SER A 183 -22.39 -14.40 -10.03
N LEU A 184 -22.34 -13.33 -10.81
CA LEU A 184 -21.34 -13.20 -11.87
C LEU A 184 -19.89 -13.18 -11.27
N ARG A 185 -19.70 -12.44 -10.19
CA ARG A 185 -18.41 -12.31 -9.55
C ARG A 185 -17.93 -13.66 -9.02
N LYS A 186 -18.81 -14.39 -8.33
CA LYS A 186 -18.52 -15.75 -7.86
C LYS A 186 -18.14 -16.63 -9.04
N MET A 187 -18.86 -16.59 -10.12
CA MET A 187 -18.52 -17.47 -11.25
C MET A 187 -17.17 -17.10 -11.88
N VAL A 188 -16.90 -15.79 -12.02
CA VAL A 188 -15.72 -15.33 -12.72
C VAL A 188 -14.48 -15.75 -11.90
N ILE A 189 -14.60 -15.63 -10.59
CA ILE A 189 -13.52 -16.02 -9.68
C ILE A 189 -13.25 -17.51 -9.83
N ASP A 190 -14.29 -18.33 -9.71
CA ASP A 190 -14.12 -19.75 -9.94
C ASP A 190 -13.48 -20.07 -11.27
N ILE A 191 -13.92 -19.42 -12.35
CA ILE A 191 -13.35 -19.71 -13.68
C ILE A 191 -11.88 -19.33 -13.75
N VAL A 192 -11.51 -18.10 -13.37
CA VAL A 192 -10.11 -17.66 -13.53
C VAL A 192 -9.16 -18.43 -12.61
N LEU A 193 -9.56 -18.69 -11.36
CA LEU A 193 -8.76 -19.55 -10.50
C LEU A 193 -8.52 -20.95 -11.08
N ALA A 194 -9.47 -21.47 -11.85
CA ALA A 194 -9.28 -22.74 -12.53
C ALA A 194 -8.34 -22.65 -13.74
N THR A 195 -7.87 -21.45 -14.11
CA THR A 195 -6.87 -21.35 -15.18
C THR A 195 -5.44 -21.51 -14.67
N ASP A 196 -5.25 -21.54 -13.34
CA ASP A 196 -3.95 -21.85 -12.69
C ASP A 196 -3.57 -23.25 -13.19
N MET A 197 -2.46 -23.33 -13.91
CA MET A 197 -2.09 -24.59 -14.57
C MET A 197 -1.85 -25.75 -13.60
N SER A 198 -1.52 -25.42 -12.36
CA SER A 198 -1.22 -26.44 -11.36
C SER A 198 -2.50 -27.20 -11.03
N LYS A 199 -3.68 -26.65 -11.40
CA LYS A 199 -4.98 -27.32 -11.14
C LYS A 199 -5.43 -28.22 -12.28
N HIS A 200 -4.64 -28.32 -13.33
CA HIS A 200 -5.05 -29.04 -14.53
C HIS A 200 -5.49 -30.48 -14.24
N MET A 201 -4.66 -31.23 -13.53
CA MET A 201 -4.95 -32.67 -13.33
C MET A 201 -6.23 -32.86 -12.56
N ASN A 202 -6.48 -32.05 -11.52
CA ASN A 202 -7.73 -32.14 -10.74
C ASN A 202 -8.91 -31.77 -11.55
N LEU A 203 -8.74 -30.77 -12.39
CA LEU A 203 -9.83 -30.35 -13.23
C LEU A 203 -10.23 -31.42 -14.24
N LEU A 204 -9.21 -32.02 -14.84
CA LEU A 204 -9.42 -33.10 -15.83
C LEU A 204 -10.09 -34.31 -15.16
N ALA A 205 -9.65 -34.67 -13.97
CA ALA A 205 -10.22 -35.84 -13.26
C ALA A 205 -11.69 -35.59 -13.04
N ASP A 206 -12.02 -34.38 -12.58
CA ASP A 206 -13.42 -34.04 -12.36
C ASP A 206 -14.22 -33.97 -13.65
N LEU A 207 -13.62 -33.51 -14.74
CA LEU A 207 -14.31 -33.52 -16.00
C LEU A 207 -14.59 -34.98 -16.48
N LYS A 208 -13.63 -35.87 -16.32
CA LYS A 208 -13.81 -37.31 -16.65
C LYS A 208 -15.01 -37.89 -15.92
N THR A 209 -15.07 -37.61 -14.62
CA THR A 209 -16.09 -38.14 -13.76
C THR A 209 -17.45 -37.65 -14.23
N MET A 210 -17.52 -36.39 -14.56
CA MET A 210 -18.75 -35.85 -15.17
C MET A 210 -19.16 -36.49 -16.49
N VAL A 211 -18.22 -36.77 -17.38
CA VAL A 211 -18.53 -37.43 -18.62
C VAL A 211 -19.08 -38.87 -18.38
N GLU A 212 -18.46 -39.59 -17.44
CA GLU A 212 -18.89 -40.89 -17.00
C GLU A 212 -20.37 -40.93 -16.57
N THR A 213 -20.85 -39.87 -15.95
CA THR A 213 -22.25 -39.83 -15.45
C THR A 213 -23.15 -38.83 -16.23
N LYS A 214 -22.80 -38.50 -17.45
CA LYS A 214 -23.55 -37.46 -18.13
C LYS A 214 -24.96 -37.90 -18.57
N LYS A 215 -25.91 -36.97 -18.52
CA LYS A 215 -27.29 -37.18 -19.00
C LYS A 215 -27.56 -36.25 -20.19
N VAL A 216 -28.13 -36.78 -21.28
CA VAL A 216 -28.52 -35.99 -22.46
C VAL A 216 -30.06 -35.86 -22.57
N THR A 217 -30.58 -35.31 -23.69
CA THR A 217 -32.04 -35.20 -23.96
C THR A 217 -32.53 -36.05 -25.13
N VAL A 221 -27.92 -33.13 -26.62
CA VAL A 221 -27.84 -31.97 -25.70
C VAL A 221 -27.67 -32.32 -24.23
N LEU A 222 -26.62 -31.76 -23.62
CA LEU A 222 -26.26 -32.05 -22.24
C LEU A 222 -27.28 -31.54 -21.21
N LEU A 223 -27.50 -32.30 -20.13
CA LEU A 223 -28.35 -31.87 -19.03
C LEU A 223 -27.51 -31.57 -17.79
N LEU A 224 -27.53 -30.33 -17.31
CA LEU A 224 -26.75 -29.92 -16.15
C LEU A 224 -27.68 -29.35 -15.08
N ASP A 225 -27.87 -30.11 -14.00
CA ASP A 225 -28.92 -29.89 -12.98
C ASP A 225 -28.59 -28.83 -11.94
N ASN A 226 -27.30 -28.65 -11.64
CA ASN A 226 -26.89 -27.86 -10.48
C ASN A 226 -25.73 -26.92 -10.81
N TYR A 227 -25.48 -25.94 -9.93
CA TYR A 227 -24.36 -24.98 -10.07
C TYR A 227 -23.06 -25.78 -10.25
N SER A 228 -22.86 -26.75 -9.39
CA SER A 228 -21.60 -27.45 -9.34
C SER A 228 -21.21 -28.06 -10.70
N ASP A 229 -22.17 -28.62 -11.41
CA ASP A 229 -21.92 -29.19 -12.72
C ASP A 229 -21.72 -28.12 -13.78
N ARG A 230 -22.53 -27.06 -13.70
CA ARG A 230 -22.47 -25.98 -14.68
C ARG A 230 -21.10 -25.25 -14.61
N ILE A 231 -20.71 -24.89 -13.40
CA ILE A 231 -19.47 -24.16 -13.17
C ILE A 231 -18.27 -25.03 -13.55
N GLN A 232 -18.35 -26.32 -13.25
CA GLN A 232 -17.31 -27.25 -13.71
C GLN A 232 -17.14 -27.23 -15.21
N VAL A 233 -18.26 -27.24 -15.93
CA VAL A 233 -18.18 -27.22 -17.38
C VAL A 233 -17.60 -25.88 -17.86
N LEU A 234 -17.98 -24.78 -17.25
CA LEU A 234 -17.43 -23.48 -17.66
C LEU A 234 -15.92 -23.33 -17.37
N GLN A 235 -15.50 -23.86 -16.22
CA GLN A 235 -14.08 -23.86 -15.84
C GLN A 235 -13.25 -24.63 -16.84
N ASN A 236 -13.72 -25.81 -17.18
CA ASN A 236 -13.04 -26.66 -18.14
C ASN A 236 -13.07 -26.07 -19.54
N MET A 237 -14.18 -25.44 -19.90
CA MET A 237 -14.26 -24.79 -21.17
C MET A 237 -13.17 -23.73 -21.35
N VAL A 238 -13.07 -22.84 -20.39
CA VAL A 238 -12.14 -21.74 -20.48
C VAL A 238 -10.70 -22.28 -20.40
N HIS A 239 -10.48 -23.32 -19.60
CA HIS A 239 -9.17 -23.95 -19.53
C HIS A 239 -8.79 -24.59 -20.87
N CYS A 240 -9.77 -25.19 -21.56
CA CYS A 240 -9.57 -25.75 -22.93
C CYS A 240 -9.25 -24.63 -23.88
N ALA A 241 -9.98 -23.52 -23.79
CA ALA A 241 -9.71 -22.38 -24.63
C ALA A 241 -8.26 -21.88 -24.40
N ASP A 242 -7.83 -21.83 -23.14
CA ASP A 242 -6.47 -21.37 -22.79
C ASP A 242 -5.43 -22.33 -23.34
N LEU A 243 -5.74 -23.63 -23.40
CA LEU A 243 -4.88 -24.63 -24.00
C LEU A 243 -5.33 -25.10 -25.41
N SER A 244 -5.78 -24.15 -26.21
CA SER A 244 -6.37 -24.44 -27.49
C SER A 244 -5.43 -24.23 -28.69
N ASN A 245 -4.28 -23.61 -28.48
CA ASN A 245 -3.42 -23.26 -29.59
C ASN A 245 -3.07 -24.50 -30.47
N PRO A 246 -2.77 -25.67 -29.86
CA PRO A 246 -2.35 -26.79 -30.71
C PRO A 246 -3.48 -27.40 -31.50
N THR A 247 -4.71 -26.97 -31.24
CA THR A 247 -5.86 -27.44 -31.96
C THR A 247 -6.23 -26.49 -33.09
N LYS A 248 -5.48 -25.40 -33.25
CA LYS A 248 -5.82 -24.41 -34.23
C LYS A 248 -5.11 -24.73 -35.60
N PRO A 249 -5.59 -24.12 -36.69
CA PRO A 249 -4.80 -24.24 -37.93
C PRO A 249 -3.29 -23.98 -37.69
N LEU A 250 -2.48 -24.78 -38.34
CA LEU A 250 -1.07 -24.83 -38.07
C LEU A 250 -0.35 -23.51 -38.21
N GLN A 251 -0.74 -22.66 -39.16
CA GLN A 251 -0.08 -21.35 -39.28
C GLN A 251 -0.27 -20.53 -38.00
N LEU A 252 -1.40 -20.71 -37.31
CA LEU A 252 -1.66 -20.00 -36.05
C LEU A 252 -0.87 -20.65 -34.94
N TYR A 253 -1.01 -21.97 -34.81
CA TYR A 253 -0.29 -22.72 -33.78
C TYR A 253 1.17 -22.39 -33.75
N ARG A 254 1.77 -22.36 -34.92
CA ARG A 254 3.22 -22.14 -35.00
C ARG A 254 3.64 -20.77 -34.50
N GLN A 255 2.83 -19.76 -34.79
CA GLN A 255 3.08 -18.43 -34.21
C GLN A 255 2.94 -18.41 -32.64
N TRP A 256 1.99 -19.15 -32.11
CA TRP A 256 1.77 -19.19 -30.68
C TRP A 256 2.94 -19.91 -30.02
N THR A 257 3.48 -20.93 -30.68
CA THR A 257 4.63 -21.68 -30.15
C THR A 257 5.85 -20.79 -30.12
N ASP A 258 6.10 -20.07 -31.19
CA ASP A 258 7.28 -19.19 -31.23
C ASP A 258 7.17 -18.16 -30.13
N ARG A 259 5.96 -17.63 -29.92
CA ARG A 259 5.73 -16.61 -28.86
C ARG A 259 5.93 -17.15 -27.43
N ILE A 260 5.39 -18.33 -27.14
CA ILE A 260 5.56 -18.90 -25.79
C ILE A 260 7.05 -19.23 -25.49
N MET A 261 7.79 -19.72 -26.50
CA MET A 261 9.21 -20.02 -26.29
C MET A 261 9.98 -18.74 -26.07
N GLU A 262 9.65 -17.67 -26.80
CA GLU A 262 10.32 -16.39 -26.58
C GLU A 262 10.11 -15.90 -25.14
N GLU A 263 8.86 -15.95 -24.68
CA GLU A 263 8.53 -15.56 -23.33
C GLU A 263 9.30 -16.43 -22.29
N PHE A 264 9.25 -17.73 -22.43
CA PHE A 264 9.98 -18.60 -21.56
C PHE A 264 11.49 -18.32 -21.57
N PHE A 265 12.08 -18.16 -22.75
CA PHE A 265 13.53 -17.96 -22.83
C PHE A 265 13.90 -16.65 -22.17
N ARG A 266 13.03 -15.67 -22.26
CA ARG A 266 13.26 -14.43 -21.56
C ARG A 266 13.26 -14.60 -20.03
N GLN A 267 12.45 -15.50 -19.52
CA GLN A 267 12.42 -15.78 -18.08
C GLN A 267 13.74 -16.48 -17.69
N GLY A 268 14.17 -17.44 -18.54
CA GLY A 268 15.49 -18.05 -18.41
C GLY A 268 16.66 -17.04 -18.32
N ASP A 269 16.65 -16.03 -19.18
CA ASP A 269 17.68 -14.98 -19.19
C ASP A 269 17.69 -14.18 -17.85
N ARG A 270 16.52 -13.89 -17.29
CA ARG A 270 16.39 -13.23 -15.98
C ARG A 270 16.91 -14.14 -14.90
N GLU A 271 16.60 -15.41 -14.99
CA GLU A 271 17.12 -16.39 -14.06
C GLU A 271 18.68 -16.47 -14.12
N ARG A 272 19.23 -16.50 -15.33
CA ARG A 272 20.67 -16.58 -15.57
C ARG A 272 21.35 -15.36 -14.98
N GLU A 273 20.83 -14.17 -15.23
CA GLU A 273 21.41 -12.95 -14.69
C GLU A 273 21.40 -12.88 -13.17
N ARG A 274 20.49 -13.61 -12.52
CA ARG A 274 20.47 -13.60 -11.07
C ARG A 274 21.24 -14.78 -10.49
N GLY A 275 21.91 -15.56 -11.32
CA GLY A 275 22.58 -16.75 -10.88
C GLY A 275 21.65 -17.85 -10.33
N MET A 276 20.40 -17.94 -10.83
CA MET A 276 19.52 -19.04 -10.42
C MET A 276 19.72 -20.20 -11.38
N GLU A 277 19.32 -21.40 -10.96
CA GLU A 277 19.19 -22.57 -11.89
C GLU A 277 18.15 -22.18 -12.97
N ILE A 278 18.44 -22.47 -14.24
CA ILE A 278 17.53 -22.11 -15.32
C ILE A 278 16.38 -23.11 -15.35
N SER A 279 15.14 -22.61 -15.36
CA SER A 279 13.99 -23.50 -15.28
C SER A 279 13.82 -24.37 -16.55
N PRO A 280 13.24 -25.57 -16.42
CA PRO A 280 12.93 -26.36 -17.60
C PRO A 280 12.18 -25.55 -18.64
N MET A 281 12.53 -25.74 -19.91
CA MET A 281 11.89 -25.10 -21.08
C MET A 281 12.31 -23.65 -21.25
N CYS A 282 13.13 -23.11 -20.34
CA CYS A 282 13.47 -21.68 -20.34
C CYS A 282 14.90 -21.35 -20.79
N ASP A 283 15.65 -22.36 -21.20
CA ASP A 283 17.03 -22.17 -21.60
C ASP A 283 17.18 -22.14 -23.13
N LYS A 284 17.40 -20.94 -23.68
CA LYS A 284 17.55 -20.80 -25.12
C LYS A 284 18.78 -21.57 -25.70
N HIS A 285 19.74 -21.94 -24.83
CA HIS A 285 20.92 -22.71 -25.27
C HIS A 285 20.73 -24.20 -25.20
N ASN A 286 19.64 -24.66 -24.64
CA ASN A 286 19.39 -26.06 -24.51
CA ASN A 286 19.38 -26.11 -24.53
C ASN A 286 17.90 -26.34 -24.73
N ALA A 287 17.42 -26.01 -25.91
CA ALA A 287 15.98 -26.03 -26.19
C ALA A 287 15.67 -27.08 -27.23
N SER A 288 14.51 -27.70 -27.08
CA SER A 288 14.08 -28.69 -28.03
C SER A 288 12.57 -28.40 -28.33
N VAL A 289 12.37 -27.32 -29.08
CA VAL A 289 11.04 -26.75 -29.30
C VAL A 289 10.04 -27.77 -29.82
N GLU A 290 10.46 -28.54 -30.82
CA GLU A 290 9.50 -29.45 -31.49
C GLU A 290 9.18 -30.66 -30.60
N LYS A 291 10.17 -31.28 -29.97
CA LYS A 291 9.92 -32.45 -29.09
C LYS A 291 9.06 -32.03 -27.90
N SER A 292 9.23 -30.78 -27.46
CA SER A 292 8.49 -30.24 -26.33
C SER A 292 6.99 -30.03 -26.66
N GLN A 293 6.69 -29.55 -27.88
CA GLN A 293 5.29 -29.53 -28.29
C GLN A 293 4.65 -30.93 -28.37
N VAL A 294 5.39 -31.92 -28.86
CA VAL A 294 4.84 -33.26 -28.97
C VAL A 294 4.50 -33.77 -27.57
N GLY A 295 5.41 -33.55 -26.61
CA GLY A 295 5.18 -33.92 -25.23
C GLY A 295 4.00 -33.21 -24.60
N PHE A 296 3.95 -31.89 -24.81
CA PHE A 296 2.80 -31.09 -24.36
C PHE A 296 1.50 -31.69 -24.90
N ILE A 297 1.46 -32.00 -26.19
CA ILE A 297 0.21 -32.56 -26.79
C ILE A 297 -0.13 -33.92 -26.19
N ASP A 298 0.87 -34.80 -26.11
CA ASP A 298 0.66 -36.17 -25.63
C ASP A 298 0.24 -36.25 -24.15
N TYR A 299 0.86 -35.46 -23.30
CA TYR A 299 0.60 -35.59 -21.85
C TYR A 299 -0.44 -34.64 -21.29
N ILE A 300 -0.70 -33.54 -22.00
CA ILE A 300 -1.63 -32.51 -21.50
C ILE A 300 -2.77 -32.20 -22.42
N VAL A 301 -2.46 -31.74 -23.64
CA VAL A 301 -3.49 -31.17 -24.50
C VAL A 301 -4.43 -32.25 -25.09
N HIS A 302 -3.88 -33.33 -25.65
CA HIS A 302 -4.72 -34.43 -26.16
C HIS A 302 -5.59 -35.09 -25.07
N PRO A 303 -5.03 -35.44 -23.93
CA PRO A 303 -5.93 -35.98 -22.89
C PRO A 303 -7.12 -35.07 -22.50
N LEU A 304 -6.87 -33.77 -22.38
CA LEU A 304 -7.91 -32.78 -22.04
C LEU A 304 -8.95 -32.69 -23.15
N TRP A 305 -8.48 -32.46 -24.37
CA TRP A 305 -9.39 -32.27 -25.47
C TRP A 305 -10.16 -33.54 -25.86
N GLU A 306 -9.57 -34.71 -25.64
CA GLU A 306 -10.28 -35.98 -25.86
C GLU A 306 -11.45 -36.09 -24.89
N THR A 307 -11.22 -35.65 -23.66
CA THR A 307 -12.29 -35.68 -22.68
C THR A 307 -13.36 -34.60 -22.99
N TRP A 308 -12.96 -33.39 -23.38
CA TRP A 308 -13.91 -32.42 -23.83
C TRP A 308 -14.74 -32.98 -25.01
N ALA A 309 -14.07 -33.60 -25.97
CA ALA A 309 -14.75 -34.16 -27.13
C ALA A 309 -15.78 -35.24 -26.74
N ASP A 310 -15.51 -35.99 -25.68
CA ASP A 310 -16.48 -36.98 -25.19
C ASP A 310 -17.69 -36.30 -24.61
N LEU A 311 -17.43 -35.27 -23.80
CA LEU A 311 -18.52 -34.52 -23.22
C LEU A 311 -19.49 -33.96 -24.30
N VAL A 312 -18.96 -33.50 -25.42
CA VAL A 312 -19.79 -32.81 -26.42
C VAL A 312 -19.95 -33.64 -27.70
N HIS A 313 -19.76 -34.94 -27.58
CA HIS A 313 -19.68 -35.84 -28.75
C HIS A 313 -20.90 -35.70 -29.61
N PRO A 314 -20.72 -35.50 -30.93
CA PRO A 314 -19.52 -35.50 -31.75
C PRO A 314 -19.02 -34.10 -32.15
N ASP A 315 -19.42 -33.08 -31.42
CA ASP A 315 -19.18 -31.67 -31.86
C ASP A 315 -17.74 -31.26 -32.05
N ALA A 316 -16.79 -31.88 -31.31
CA ALA A 316 -15.43 -31.41 -31.31
C ALA A 316 -14.50 -32.34 -32.07
N GLN A 317 -15.07 -33.20 -32.93
CA GLN A 317 -14.24 -34.17 -33.68
C GLN A 317 -13.19 -33.49 -34.59
N ASP A 318 -13.56 -32.42 -35.27
CA ASP A 318 -12.61 -31.79 -36.14
C ASP A 318 -11.42 -31.13 -35.36
N ILE A 319 -11.71 -30.65 -34.16
CA ILE A 319 -10.69 -30.03 -33.30
C ILE A 319 -9.66 -31.12 -32.94
N LEU A 320 -10.15 -32.28 -32.57
CA LEU A 320 -9.27 -33.40 -32.31
C LEU A 320 -8.42 -33.81 -33.49
N ASP A 321 -9.02 -33.85 -34.69
CA ASP A 321 -8.28 -34.30 -35.87
C ASP A 321 -7.15 -33.30 -36.20
N THR A 322 -7.45 -32.01 -36.09
CA THR A 322 -6.46 -30.96 -36.33
C THR A 322 -5.31 -31.13 -35.34
N LEU A 323 -5.65 -31.32 -34.09
CA LEU A 323 -4.65 -31.55 -33.05
C LEU A 323 -3.72 -32.70 -33.41
N GLU A 324 -4.29 -33.81 -33.88
CA GLU A 324 -3.49 -34.96 -34.27
C GLU A 324 -2.65 -34.67 -35.48
N ASP A 325 -3.19 -34.00 -36.49
CA ASP A 325 -2.35 -33.61 -37.59
C ASP A 325 -1.21 -32.69 -37.14
N ASN A 326 -1.50 -31.79 -36.21
CA ASN A 326 -0.51 -30.81 -35.79
C ASN A 326 0.59 -31.49 -35.01
N ARG A 327 0.22 -32.53 -34.26
CA ARG A 327 1.23 -33.33 -33.55
C ARG A 327 2.22 -33.96 -34.55
N GLU A 328 1.68 -34.58 -35.62
CA GLU A 328 2.50 -35.25 -36.66
C GLU A 328 3.44 -34.20 -37.22
N TRP A 329 2.94 -33.01 -37.52
CA TRP A 329 3.85 -32.01 -38.07
C TRP A 329 5.03 -31.74 -37.14
N TYR A 330 4.78 -31.50 -35.85
CA TYR A 330 5.92 -31.19 -34.96
C TYR A 330 6.86 -32.41 -34.79
N GLN A 331 6.27 -33.60 -34.67
CA GLN A 331 7.03 -34.84 -34.64
C GLN A 331 7.95 -34.90 -35.88
N SER A 332 7.39 -34.61 -37.04
CA SER A 332 8.12 -34.75 -38.31
C SER A 332 9.22 -33.71 -38.50
N THR A 333 9.12 -32.55 -37.84
CA THR A 333 10.17 -31.50 -37.94
C THR A 333 11.20 -31.53 -36.81
N ILE A 334 11.21 -32.56 -35.97
CA ILE A 334 12.31 -32.71 -35.00
C ILE A 334 13.62 -32.83 -35.81
N PRO A 335 14.67 -32.01 -35.52
CA PRO A 335 15.93 -32.05 -36.33
C PRO A 335 16.72 -33.37 -36.34
N ASN A 352 14.80 -35.15 -19.15
CA ASN A 352 14.46 -34.25 -18.02
C ASN A 352 13.44 -33.20 -18.46
N GLN A 353 13.70 -32.41 -19.50
CA GLN A 353 13.08 -31.07 -19.60
C GLN A 353 11.54 -31.03 -19.78
N VAL A 354 11.03 -31.74 -20.77
CA VAL A 354 9.56 -31.83 -20.96
C VAL A 354 8.86 -32.37 -19.71
N SER A 355 9.37 -33.47 -19.21
CA SER A 355 8.78 -34.12 -18.04
C SER A 355 8.89 -33.26 -16.75
N GLU A 356 10.03 -32.61 -16.53
CA GLU A 356 10.20 -31.73 -15.36
C GLU A 356 9.23 -30.52 -15.49
N PHE A 357 9.13 -29.94 -16.68
CA PHE A 357 8.22 -28.82 -16.90
C PHE A 357 6.76 -29.22 -16.61
N ILE A 358 6.33 -30.36 -17.15
CA ILE A 358 4.97 -30.89 -16.90
C ILE A 358 4.64 -31.16 -15.43
N SER A 359 5.53 -31.86 -14.74
CA SER A 359 5.34 -32.12 -13.29
C SER A 359 5.28 -30.87 -12.47
N ASN A 360 6.08 -29.87 -12.84
CA ASN A 360 6.14 -28.64 -12.07
C ASN A 360 4.99 -27.68 -12.41
N THR A 361 4.39 -27.87 -13.57
CA THR A 361 3.47 -26.87 -14.11
C THR A 361 2.01 -27.31 -13.92
N PHE A 362 1.71 -28.59 -14.22
CA PHE A 362 0.34 -29.08 -14.36
C PHE A 362 -0.15 -29.97 -13.21
N LEU A 363 0.69 -30.20 -12.19
CA LEU A 363 0.31 -30.95 -11.00
C LEU A 363 0.34 -30.02 -9.80
N ASP A 364 -0.41 -30.40 -8.76
CA ASP A 364 -0.63 -29.54 -7.61
C ASP A 364 0.60 -29.45 -6.69
N GLU B 11 10.25 0.65 40.17
CA GLU B 11 9.93 -0.69 40.65
C GLU B 11 9.18 -1.51 39.59
N GLN B 12 8.67 -0.83 38.55
CA GLN B 12 7.78 -1.43 37.52
C GLN B 12 8.40 -2.59 36.74
N GLU B 13 9.66 -2.47 36.37
CA GLU B 13 10.40 -3.57 35.70
C GLU B 13 10.38 -4.88 36.53
N ASP B 14 10.56 -4.77 37.85
CA ASP B 14 10.54 -5.94 38.75
C ASP B 14 9.13 -6.60 38.78
N VAL B 15 8.08 -5.79 38.79
CA VAL B 15 6.71 -6.32 38.83
C VAL B 15 6.33 -7.06 37.53
N LEU B 16 6.77 -6.48 36.42
CA LEU B 16 6.55 -7.05 35.08
C LEU B 16 7.22 -8.39 35.01
N ALA B 17 8.45 -8.46 35.48
CA ALA B 17 9.19 -9.74 35.50
C ALA B 17 8.49 -10.80 36.35
N LYS B 18 7.90 -10.40 37.48
CA LYS B 18 7.22 -11.36 38.36
C LYS B 18 6.03 -11.89 37.64
N GLU B 19 5.27 -11.04 36.95
CA GLU B 19 4.13 -11.53 36.15
C GLU B 19 4.56 -12.50 35.05
N LEU B 20 5.67 -12.21 34.39
CA LEU B 20 6.21 -13.07 33.31
C LEU B 20 6.72 -14.45 33.74
N GLU B 21 6.95 -14.62 35.03
CA GLU B 21 7.20 -15.94 35.61
C GLU B 21 6.05 -16.91 35.36
N ASP B 22 4.84 -16.43 35.10
CA ASP B 22 3.68 -17.31 34.79
C ASP B 22 3.52 -17.65 33.30
N VAL B 23 4.55 -17.38 32.51
CA VAL B 23 4.43 -17.47 31.07
C VAL B 23 4.18 -18.91 30.59
N ASN B 24 4.50 -19.91 31.41
CA ASN B 24 4.15 -21.32 31.06
C ASN B 24 2.86 -21.81 31.63
N LYS B 25 2.05 -20.92 32.16
CA LYS B 25 0.80 -21.30 32.80
C LYS B 25 -0.44 -20.81 31.99
N TRP B 26 -1.46 -21.67 31.94
CA TRP B 26 -2.75 -21.33 31.38
C TRP B 26 -3.43 -20.37 32.31
N GLY B 27 -3.71 -19.15 31.89
CA GLY B 27 -4.20 -18.18 32.85
C GLY B 27 -3.24 -17.08 33.24
N LEU B 28 -2.14 -16.91 32.52
CA LEU B 28 -1.30 -15.70 32.62
C LEU B 28 -2.17 -14.43 32.64
N HIS B 29 -1.79 -13.48 33.48
CA HIS B 29 -2.48 -12.20 33.62
C HIS B 29 -2.07 -11.27 32.48
N VAL B 30 -2.56 -11.58 31.27
CA VAL B 30 -2.05 -10.93 30.07
C VAL B 30 -2.47 -9.47 30.04
N PHE B 31 -3.60 -9.14 30.66
CA PHE B 31 -4.00 -7.71 30.71
C PHE B 31 -3.11 -6.91 31.62
N ARG B 32 -2.77 -7.49 32.77
CA ARG B 32 -1.82 -6.88 33.70
C ARG B 32 -0.47 -6.67 33.01
N ILE B 33 -0.04 -7.68 32.26
CA ILE B 33 1.22 -7.54 31.52
C ILE B 33 1.16 -6.39 30.50
N ALA B 34 0.02 -6.27 29.84
CA ALA B 34 -0.15 -5.17 28.87
C ALA B 34 0.00 -3.81 29.58
N GLU B 35 -0.64 -3.66 30.76
CA GLU B 35 -0.58 -2.42 31.55
C GLU B 35 0.85 -2.15 31.95
N LEU B 36 1.50 -3.14 32.55
CA LEU B 36 2.89 -2.98 33.04
C LEU B 36 3.97 -2.78 31.97
N SER B 37 3.74 -3.20 30.72
CA SER B 37 4.74 -3.08 29.65
C SER B 37 4.56 -1.82 28.84
N GLY B 38 3.62 -0.96 29.24
CA GLY B 38 3.32 0.21 28.46
C GLY B 38 2.67 -0.19 27.16
N ASN B 39 1.71 -1.11 27.28
CA ASN B 39 0.98 -1.69 26.11
C ASN B 39 1.87 -2.36 25.06
N ARG B 40 2.79 -3.18 25.55
CA ARG B 40 3.66 -3.99 24.72
C ARG B 40 3.56 -5.47 25.08
N PRO B 41 2.37 -5.98 25.35
CA PRO B 41 2.30 -7.41 25.73
C PRO B 41 2.82 -8.40 24.66
N LEU B 42 2.56 -8.15 23.37
CA LEU B 42 3.05 -9.05 22.30
C LEU B 42 4.57 -9.05 22.27
N THR B 43 5.17 -7.87 22.26
CA THR B 43 6.63 -7.81 22.30
C THR B 43 7.23 -8.53 23.53
N VAL B 44 6.78 -8.22 24.74
CA VAL B 44 7.52 -8.77 25.90
C VAL B 44 7.23 -10.27 26.04
N ILE B 45 6.00 -10.70 25.73
CA ILE B 45 5.66 -12.13 25.76
C ILE B 45 6.39 -12.94 24.70
N MET B 46 6.47 -12.43 23.46
CA MET B 46 7.27 -13.11 22.41
C MET B 46 8.76 -13.19 22.83
N HIS B 47 9.31 -12.10 23.33
CA HIS B 47 10.71 -12.09 23.71
C HIS B 47 10.96 -13.15 24.81
N THR B 48 10.11 -13.15 25.83
CA THR B 48 10.23 -14.13 26.93
C THR B 48 10.20 -15.55 26.41
N ILE B 49 9.24 -15.81 25.51
CA ILE B 49 9.07 -17.12 24.94
C ILE B 49 10.24 -17.50 24.07
N PHE B 50 10.76 -16.56 23.30
CA PHE B 50 11.93 -16.86 22.46
C PHE B 50 13.14 -17.23 23.34
N GLN B 51 13.31 -16.51 24.46
CA GLN B 51 14.41 -16.81 25.39
C GLN B 51 14.21 -18.19 26.02
N GLU B 52 13.05 -18.42 26.58
CA GLU B 52 12.73 -19.68 27.22
C GLU B 52 12.94 -20.87 26.29
N ARG B 53 12.60 -20.73 25.00
CA ARG B 53 12.77 -21.87 24.08
C ARG B 53 14.13 -21.89 23.39
N ASP B 54 15.02 -20.98 23.78
CA ASP B 54 16.32 -20.86 23.16
C ASP B 54 16.33 -20.64 21.60
N LEU B 55 15.31 -19.96 21.12
CA LEU B 55 15.11 -19.81 19.66
C LEU B 55 16.06 -18.77 19.10
N LEU B 56 16.56 -17.86 19.93
CA LEU B 56 17.54 -16.88 19.44
C LEU B 56 18.83 -17.61 19.11
N LYS B 57 19.29 -18.47 20.03
CA LYS B 57 20.53 -19.24 19.80
C LYS B 57 20.32 -20.20 18.65
N THR B 58 19.19 -20.92 18.63
CA THR B 58 19.00 -21.96 17.59
C THR B 58 18.95 -21.39 16.17
N PHE B 59 18.30 -20.24 15.97
CA PHE B 59 18.14 -19.71 14.62
C PHE B 59 18.97 -18.44 14.41
N LYS B 60 19.91 -18.20 15.33
CA LYS B 60 20.90 -17.14 15.22
C LYS B 60 20.16 -15.81 14.91
N ILE B 61 19.18 -15.52 15.74
CA ILE B 61 18.41 -14.31 15.61
C ILE B 61 18.99 -13.26 16.52
N PRO B 62 19.47 -12.16 15.97
CA PRO B 62 19.98 -11.08 16.82
C PRO B 62 18.86 -10.46 17.61
N VAL B 63 19.13 -10.15 18.88
CA VAL B 63 18.11 -9.78 19.83
C VAL B 63 17.51 -8.43 19.44
N ASP B 64 18.35 -7.52 18.96
CA ASP B 64 17.87 -6.20 18.53
C ASP B 64 16.95 -6.29 17.31
N THR B 65 17.29 -7.21 16.41
CA THR B 65 16.44 -7.54 15.25
C THR B 65 15.08 -8.12 15.67
N LEU B 66 15.08 -9.03 16.65
CA LEU B 66 13.85 -9.56 17.20
C LEU B 66 12.99 -8.49 17.78
N ILE B 67 13.56 -7.66 18.62
CA ILE B 67 12.80 -6.57 19.22
C ILE B 67 12.25 -5.55 18.26
N THR B 68 13.06 -5.17 17.27
CA THR B 68 12.61 -4.21 16.23
C THR B 68 11.45 -4.78 15.40
N TYR B 69 11.55 -6.06 14.98
CA TYR B 69 10.40 -6.74 14.27
C TYR B 69 9.18 -6.75 15.17
N LEU B 70 9.36 -7.20 16.40
CA LEU B 70 8.22 -7.31 17.33
C LEU B 70 7.53 -5.99 17.55
N MET B 71 8.29 -4.91 17.69
CA MET B 71 7.66 -3.64 17.97
C MET B 71 6.87 -3.15 16.78
N THR B 72 7.40 -3.35 15.59
CA THR B 72 6.65 -2.89 14.45
C THR B 72 5.49 -3.85 14.17
N LEU B 73 5.65 -5.15 14.41
CA LEU B 73 4.47 -6.07 14.31
C LEU B 73 3.37 -5.61 15.27
N GLU B 74 3.76 -5.30 16.49
CA GLU B 74 2.79 -4.84 17.49
C GLU B 74 2.15 -3.49 17.09
N ASP B 75 2.94 -2.58 16.53
CA ASP B 75 2.35 -1.32 16.06
C ASP B 75 1.32 -1.53 14.99
N HIS B 76 1.42 -2.63 14.24
CA HIS B 76 0.44 -2.90 13.16
C HIS B 76 -0.81 -3.63 13.65
N TYR B 77 -0.86 -3.99 14.92
CA TYR B 77 -2.13 -4.28 15.51
C TYR B 77 -2.83 -2.92 15.89
N HIS B 78 -4.11 -2.81 15.63
CA HIS B 78 -4.87 -1.58 15.88
C HIS B 78 -5.29 -1.46 17.35
N ALA B 79 -4.75 -0.47 18.04
CA ALA B 79 -5.12 -0.19 19.45
C ALA B 79 -6.60 0.19 19.62
N ASP B 80 -7.18 0.84 18.61
CA ASP B 80 -8.58 1.20 18.67
C ASP B 80 -9.56 0.02 18.47
N VAL B 81 -9.09 -1.14 18.08
CA VAL B 81 -9.99 -2.26 17.88
C VAL B 81 -10.05 -2.99 19.21
N ALA B 82 -11.27 -3.28 19.65
CA ALA B 82 -11.50 -3.71 21.05
C ALA B 82 -11.03 -5.11 21.36
N TYR B 83 -11.20 -6.04 20.42
CA TYR B 83 -10.79 -7.44 20.62
C TYR B 83 -9.59 -7.89 19.79
N HIS B 84 -9.70 -7.74 18.46
CA HIS B 84 -8.60 -8.07 17.54
C HIS B 84 -7.39 -7.10 17.52
N ASN B 85 -6.72 -7.00 18.66
CA ASN B 85 -5.62 -6.12 18.87
C ASN B 85 -4.41 -6.90 19.42
N ASN B 86 -3.36 -6.17 19.78
CA ASN B 86 -2.09 -6.76 20.22
C ASN B 86 -2.19 -7.57 21.50
N ILE B 87 -3.17 -7.27 22.35
CA ILE B 87 -3.37 -8.08 23.52
C ILE B 87 -3.86 -9.47 23.10
N HIS B 88 -4.84 -9.53 22.19
CA HIS B 88 -5.30 -10.84 21.71
C HIS B 88 -4.19 -11.66 21.07
N ALA B 89 -3.35 -11.01 20.27
CA ALA B 89 -2.24 -11.68 19.63
C ALA B 89 -1.29 -12.28 20.67
N ALA B 90 -1.00 -11.50 21.70
CA ALA B 90 -0.09 -11.93 22.77
C ALA B 90 -0.68 -13.15 23.46
N ASP B 91 -1.97 -13.14 23.66
CA ASP B 91 -2.69 -14.22 24.31
C ASP B 91 -2.67 -15.52 23.48
N VAL B 92 -2.85 -15.40 22.17
CA VAL B 92 -2.83 -16.60 21.31
C VAL B 92 -1.38 -17.15 21.27
N VAL B 93 -0.41 -16.26 21.21
CA VAL B 93 1.02 -16.65 21.25
C VAL B 93 1.28 -17.48 22.53
N GLN B 94 0.91 -16.91 23.67
CA GLN B 94 1.17 -17.54 24.94
C GLN B 94 0.43 -18.85 25.13
N SER B 95 -0.80 -18.90 24.67
CA SER B 95 -1.59 -20.09 24.72
C SER B 95 -1.03 -21.18 23.86
N THR B 96 -0.60 -20.84 22.65
CA THR B 96 0.10 -21.82 21.79
C THR B 96 1.36 -22.34 22.46
N HIS B 97 2.11 -21.43 23.05
CA HIS B 97 3.32 -21.78 23.79
C HIS B 97 3.09 -22.85 24.90
N VAL B 98 1.99 -22.75 25.62
CA VAL B 98 1.61 -23.74 26.62
C VAL B 98 1.16 -25.05 25.96
N LEU B 99 0.26 -24.96 24.97
CA LEU B 99 -0.18 -26.14 24.26
C LEU B 99 0.98 -26.95 23.64
N LEU B 100 2.01 -26.26 23.17
CA LEU B 100 3.18 -26.94 22.61
C LEU B 100 3.91 -27.81 23.64
N SER B 101 3.79 -27.47 24.91
CA SER B 101 4.52 -28.18 25.97
C SER B 101 3.70 -29.27 26.63
N THR B 102 2.55 -29.59 26.08
CA THR B 102 1.72 -30.61 26.73
C THR B 102 2.49 -31.97 26.66
N PRO B 103 2.41 -32.79 27.72
CA PRO B 103 3.13 -34.09 27.78
C PRO B 103 2.94 -34.98 26.57
N ALA B 104 1.71 -35.12 26.06
CA ALA B 104 1.48 -35.96 24.88
C ALA B 104 2.25 -35.55 23.61
N LEU B 105 2.82 -34.36 23.59
CA LEU B 105 3.54 -33.88 22.41
C LEU B 105 5.03 -33.72 22.65
N GLU B 106 5.52 -34.19 23.80
CA GLU B 106 6.93 -34.08 24.17
C GLU B 106 7.84 -34.64 23.07
N ALA B 107 8.79 -33.80 22.64
CA ALA B 107 9.77 -34.13 21.58
C ALA B 107 9.20 -34.39 20.17
N VAL B 108 7.91 -34.21 19.98
CA VAL B 108 7.30 -34.46 18.69
C VAL B 108 7.71 -33.43 17.62
N PHE B 109 7.67 -32.13 17.94
CA PHE B 109 7.89 -31.09 16.92
C PHE B 109 9.33 -30.60 16.88
N THR B 110 9.86 -30.40 15.70
CA THR B 110 11.18 -29.78 15.61
C THR B 110 11.15 -28.32 16.07
N ASP B 111 12.32 -27.74 16.25
CA ASP B 111 12.43 -26.34 16.59
C ASP B 111 11.86 -25.40 15.48
N LEU B 112 11.96 -25.82 14.24
CA LEU B 112 11.44 -25.00 13.14
C LEU B 112 9.93 -25.00 13.12
N GLU B 113 9.35 -26.16 13.40
CA GLU B 113 7.89 -26.28 13.57
C GLU B 113 7.36 -25.45 14.73
N ILE B 114 8.11 -25.46 15.84
CA ILE B 114 7.80 -24.67 17.02
C ILE B 114 7.87 -23.19 16.65
N LEU B 115 8.92 -22.77 15.98
CA LEU B 115 9.04 -21.37 15.55
C LEU B 115 7.89 -20.99 14.63
N ALA B 116 7.50 -21.89 13.71
CA ALA B 116 6.38 -21.63 12.84
C ALA B 116 5.11 -21.42 13.61
N ALA B 117 4.83 -22.26 14.60
CA ALA B 117 3.53 -22.17 15.28
C ALA B 117 3.44 -20.91 16.11
N ILE B 118 4.58 -20.52 16.69
CA ILE B 118 4.64 -19.31 17.52
C ILE B 118 4.61 -18.04 16.64
N PHE B 119 5.41 -18.01 15.60
CA PHE B 119 5.38 -16.91 14.68
C PHE B 119 3.99 -16.76 14.05
N ALA B 120 3.39 -17.86 13.61
CA ALA B 120 2.03 -17.79 13.05
C ALA B 120 1.09 -17.12 14.06
N SER B 121 1.20 -17.54 15.32
CA SER B 121 0.30 -17.06 16.32
C SER B 121 0.48 -15.59 16.50
N ALA B 122 1.72 -15.13 16.43
CA ALA B 122 1.98 -13.69 16.58
C ALA B 122 1.40 -12.80 15.46
N ILE B 123 1.39 -13.32 14.23
CA ILE B 123 0.98 -12.53 13.10
C ILE B 123 -0.47 -12.77 12.69
N HIS B 124 -1.15 -13.70 13.34
CA HIS B 124 -2.37 -14.28 12.80
C HIS B 124 -3.57 -13.35 12.65
N ASP B 125 -3.53 -12.19 13.34
CA ASP B 125 -4.58 -11.16 13.17
C ASP B 125 -4.01 -9.76 12.88
N VAL B 126 -2.77 -9.67 12.42
CA VAL B 126 -2.16 -8.37 12.33
C VAL B 126 -2.90 -7.47 11.32
N ASP B 127 -2.98 -6.18 11.66
CA ASP B 127 -3.70 -5.20 10.88
C ASP B 127 -5.16 -5.54 10.67
N HIS B 128 -5.78 -6.18 11.66
CA HIS B 128 -7.24 -6.42 11.60
C HIS B 128 -7.98 -5.09 11.79
N PRO B 129 -8.98 -4.80 10.95
CA PRO B 129 -9.73 -3.56 11.07
C PRO B 129 -10.89 -3.60 12.02
N GLY B 130 -11.17 -4.74 12.65
CA GLY B 130 -12.29 -4.78 13.55
C GLY B 130 -13.62 -5.07 12.93
N VAL B 131 -13.60 -5.58 11.70
CA VAL B 131 -14.81 -6.05 11.02
C VAL B 131 -14.56 -7.41 10.40
N SER B 132 -15.62 -8.14 10.09
CA SER B 132 -15.49 -9.48 9.60
C SER B 132 -15.21 -9.57 8.11
N ASN B 133 -14.86 -10.75 7.66
CA ASN B 133 -14.76 -11.06 6.24
C ASN B 133 -16.04 -10.73 5.51
N GLN B 134 -17.18 -11.11 6.10
CA GLN B 134 -18.50 -10.90 5.39
C GLN B 134 -18.80 -9.44 5.27
N PHE B 135 -18.47 -8.67 6.29
CA PHE B 135 -18.64 -7.20 6.15
C PHE B 135 -17.76 -6.58 5.07
N LEU B 136 -16.51 -7.05 4.97
CA LEU B 136 -15.59 -6.55 3.94
C LEU B 136 -16.08 -6.89 2.52
N ILE B 137 -16.59 -8.09 2.38
CA ILE B 137 -17.13 -8.55 1.07
C ILE B 137 -18.37 -7.71 0.72
N ASN B 138 -19.27 -7.55 1.68
CA ASN B 138 -20.56 -6.86 1.38
C ASN B 138 -20.45 -5.39 1.23
N THR B 139 -19.41 -4.78 1.75
CA THR B 139 -19.20 -3.38 1.50
C THR B 139 -18.23 -3.16 0.32
N ASN B 140 -17.93 -4.22 -0.44
CA ASN B 140 -17.02 -4.12 -1.56
C ASN B 140 -15.74 -3.38 -1.20
N SER B 141 -15.15 -3.75 -0.08
CA SER B 141 -13.91 -3.16 0.29
C SER B 141 -12.77 -3.51 -0.68
N GLU B 142 -11.73 -2.69 -0.64
CA GLU B 142 -10.46 -2.91 -1.36
C GLU B 142 -9.84 -4.26 -0.97
N LEU B 143 -9.85 -4.61 0.32
CA LEU B 143 -9.28 -5.90 0.72
C LEU B 143 -10.02 -7.07 0.08
N ALA B 144 -11.34 -7.04 0.05
CA ALA B 144 -12.10 -8.14 -0.55
C ALA B 144 -11.86 -8.22 -2.05
N LEU B 145 -11.66 -7.06 -2.66
CA LEU B 145 -11.27 -7.00 -4.08
C LEU B 145 -9.90 -7.61 -4.34
N MET B 146 -8.92 -7.26 -3.51
N MET B 146 -8.92 -7.27 -3.51
CA MET B 146 -7.57 -7.79 -3.62
CA MET B 146 -7.57 -7.80 -3.63
C MET B 146 -7.55 -9.31 -3.50
C MET B 146 -7.55 -9.31 -3.50
N TYR B 147 -8.38 -9.86 -2.60
CA TYR B 147 -8.28 -11.26 -2.28
C TYR B 147 -9.43 -12.09 -2.81
N ASN B 148 -10.26 -11.51 -3.68
CA ASN B 148 -11.28 -12.29 -4.39
C ASN B 148 -12.19 -13.03 -3.42
N ASP B 149 -12.56 -12.30 -2.37
CA ASP B 149 -13.57 -12.74 -1.40
C ASP B 149 -13.20 -13.96 -0.58
N SER B 150 -11.97 -14.52 -0.68
CA SER B 150 -11.72 -15.73 0.09
C SER B 150 -10.60 -15.60 1.09
N SER B 151 -10.90 -16.04 2.31
CA SER B 151 -10.05 -15.82 3.44
C SER B 151 -9.39 -14.44 3.40
N VAL B 152 -10.21 -13.43 3.25
CA VAL B 152 -9.75 -12.08 2.97
C VAL B 152 -8.81 -11.59 4.06
N LEU B 153 -9.28 -11.58 5.30
CA LEU B 153 -8.47 -11.12 6.41
C LEU B 153 -7.22 -11.97 6.64
N GLU B 154 -7.39 -13.28 6.60
CA GLU B 154 -6.32 -14.18 6.92
C GLU B 154 -5.17 -14.07 5.90
N ASN B 155 -5.51 -13.90 4.63
CA ASN B 155 -4.52 -13.67 3.61
C ASN B 155 -3.82 -12.37 3.90
N HIS B 156 -4.62 -11.35 4.28
CA HIS B 156 -4.02 -10.02 4.63
C HIS B 156 -3.08 -10.10 5.85
N HIS B 157 -3.48 -10.87 6.86
CA HIS B 157 -2.60 -11.00 8.06
C HIS B 157 -1.24 -11.61 7.69
N LEU B 158 -1.29 -12.70 6.94
CA LEU B 158 -0.05 -13.32 6.40
C LEU B 158 0.80 -12.30 5.61
N ALA B 159 0.21 -11.59 4.68
CA ALA B 159 1.00 -10.70 3.80
C ALA B 159 1.68 -9.65 4.60
N VAL B 160 0.98 -9.09 5.57
CA VAL B 160 1.55 -8.02 6.40
C VAL B 160 2.65 -8.56 7.30
N GLY B 161 2.41 -9.71 7.91
CA GLY B 161 3.35 -10.31 8.81
C GLY B 161 4.67 -10.65 8.16
N PHE B 162 4.61 -11.13 6.92
CA PHE B 162 5.83 -11.38 6.13
C PHE B 162 6.46 -10.10 5.58
N LYS B 163 5.65 -9.20 5.04
CA LYS B 163 6.15 -7.93 4.50
C LYS B 163 6.94 -7.13 5.54
N LEU B 164 6.52 -7.20 6.80
CA LEU B 164 7.22 -6.43 7.85
C LEU B 164 8.65 -6.91 8.11
N LEU B 165 8.94 -8.17 7.74
CA LEU B 165 10.28 -8.70 7.86
C LEU B 165 11.27 -7.89 7.01
N GLN B 166 10.78 -7.19 5.99
CA GLN B 166 11.63 -6.40 5.11
C GLN B 166 11.97 -5.03 5.61
N GLU B 167 11.33 -4.59 6.70
CA GLU B 167 11.59 -3.25 7.20
C GLU B 167 12.96 -3.23 7.82
N GLU B 168 13.47 -2.02 8.02
CA GLU B 168 14.81 -1.84 8.56
C GLU B 168 15.08 -2.65 9.82
N ASN B 169 16.12 -3.49 9.73
CA ASN B 169 16.54 -4.34 10.85
C ASN B 169 15.41 -5.21 11.44
N CYS B 170 14.53 -5.70 10.56
CA CYS B 170 13.39 -6.52 10.99
C CYS B 170 13.45 -7.98 10.57
N ASP B 171 14.47 -8.39 9.82
CA ASP B 171 14.42 -9.74 9.25
C ASP B 171 14.89 -10.78 10.23
N ILE B 172 13.98 -11.23 11.11
CA ILE B 172 14.34 -12.21 12.14
C ILE B 172 14.72 -13.57 11.55
N PHE B 173 14.45 -13.81 10.27
CA PHE B 173 14.87 -15.09 9.64
C PHE B 173 16.09 -15.00 8.74
N GLN B 174 16.85 -13.92 8.84
CA GLN B 174 18.07 -13.68 8.04
C GLN B 174 19.09 -14.76 8.06
N ASN B 175 19.18 -15.55 9.14
CA ASN B 175 20.16 -16.61 9.23
C ASN B 175 19.58 -18.01 9.17
N LEU B 176 18.33 -18.15 8.74
CA LEU B 176 17.80 -19.47 8.35
C LEU B 176 18.31 -19.79 6.94
N THR B 177 18.42 -21.07 6.59
CA THR B 177 18.80 -21.45 5.23
C THR B 177 17.61 -21.21 4.29
N LYS B 178 17.82 -21.29 2.97
CA LYS B 178 16.72 -21.15 2.01
C LYS B 178 15.70 -22.26 2.32
N LYS B 179 16.15 -23.48 2.56
CA LYS B 179 15.24 -24.60 2.77
C LYS B 179 14.41 -24.38 4.06
N GLN B 180 15.06 -23.84 5.10
CA GLN B 180 14.36 -23.58 6.35
C GLN B 180 13.32 -22.48 6.19
N ARG B 181 13.70 -21.37 5.54
CA ARG B 181 12.79 -20.25 5.24
C ARG B 181 11.59 -20.75 4.44
N GLN B 182 11.82 -21.54 3.41
CA GLN B 182 10.70 -22.08 2.59
C GLN B 182 9.77 -22.99 3.37
N SER B 183 10.37 -23.85 4.18
CA SER B 183 9.57 -24.74 4.94
C SER B 183 8.76 -23.99 6.05
N LEU B 184 9.38 -23.03 6.71
CA LEU B 184 8.68 -22.22 7.73
C LEU B 184 7.53 -21.40 7.09
N ARG B 185 7.79 -20.84 5.94
CA ARG B 185 6.78 -20.04 5.24
C ARG B 185 5.59 -20.90 4.91
N LYS B 186 5.84 -22.05 4.35
CA LYS B 186 4.76 -22.96 4.03
C LYS B 186 3.94 -23.32 5.27
N MET B 187 4.61 -23.66 6.37
CA MET B 187 3.85 -24.01 7.58
C MET B 187 3.03 -22.84 8.13
N VAL B 188 3.61 -21.64 8.12
CA VAL B 188 2.96 -20.47 8.69
C VAL B 188 1.70 -20.13 7.87
N ILE B 189 1.83 -20.24 6.56
CA ILE B 189 0.69 -19.97 5.68
C ILE B 189 -0.42 -20.99 5.99
N ASP B 190 -0.07 -22.28 6.02
CA ASP B 190 -1.10 -23.29 6.37
C ASP B 190 -1.74 -23.03 7.74
N ILE B 191 -0.96 -22.61 8.73
CA ILE B 191 -1.52 -22.33 10.07
C ILE B 191 -2.47 -21.15 10.09
N VAL B 192 -2.05 -20.02 9.53
CA VAL B 192 -2.90 -18.81 9.58
C VAL B 192 -4.14 -18.93 8.76
N LEU B 193 -4.03 -19.50 7.56
CA LEU B 193 -5.25 -19.78 6.76
C LEU B 193 -6.27 -20.65 7.52
N ALA B 194 -5.78 -21.57 8.34
CA ALA B 194 -6.69 -22.43 9.10
C ALA B 194 -7.36 -21.66 10.26
N THR B 195 -6.93 -20.41 10.55
CA THR B 195 -7.60 -19.59 11.52
C THR B 195 -8.82 -18.87 10.99
N ASP B 196 -9.05 -18.92 9.67
CA ASP B 196 -10.31 -18.47 9.03
C ASP B 196 -11.43 -19.29 9.66
N MET B 197 -12.33 -18.59 10.38
CA MET B 197 -13.36 -19.28 11.16
C MET B 197 -14.27 -20.13 10.30
N SER B 198 -14.44 -19.75 9.04
CA SER B 198 -15.29 -20.53 8.16
C SER B 198 -14.77 -21.97 7.93
N LYS B 199 -13.50 -22.25 8.26
CA LYS B 199 -12.94 -23.61 8.10
C LYS B 199 -13.08 -24.47 9.35
N HIS B 200 -13.69 -23.92 10.39
CA HIS B 200 -13.75 -24.61 11.68
C HIS B 200 -14.34 -26.03 11.59
N MET B 201 -15.48 -26.17 10.94
CA MET B 201 -16.16 -27.50 10.87
C MET B 201 -15.35 -28.54 10.15
N ASN B 202 -14.71 -28.17 9.02
CA ASN B 202 -13.82 -29.10 8.32
C ASN B 202 -12.63 -29.45 9.13
N LEU B 203 -12.08 -28.47 9.84
CA LEU B 203 -10.90 -28.74 10.64
C LEU B 203 -11.21 -29.73 11.74
N LEU B 204 -12.34 -29.50 12.37
CA LEU B 204 -12.74 -30.34 13.50
C LEU B 204 -13.03 -31.78 13.03
N ALA B 205 -13.74 -31.92 11.91
CA ALA B 205 -14.03 -33.26 11.33
C ALA B 205 -12.72 -34.01 11.10
N ASP B 206 -11.74 -33.33 10.50
CA ASP B 206 -10.45 -33.95 10.26
C ASP B 206 -9.72 -34.28 11.56
N LEU B 207 -9.84 -33.41 12.58
CA LEU B 207 -9.15 -33.68 13.83
C LEU B 207 -9.77 -34.95 14.48
N LYS B 208 -11.09 -35.08 14.40
CA LYS B 208 -11.81 -36.28 14.91
C LYS B 208 -11.33 -37.57 14.28
N THR B 209 -11.21 -37.53 12.96
CA THR B 209 -10.68 -38.64 12.21
C THR B 209 -9.23 -39.00 12.63
N MET B 210 -8.38 -38.00 12.77
CA MET B 210 -7.01 -38.22 13.32
C MET B 210 -7.00 -38.83 14.73
N VAL B 211 -7.88 -38.38 15.60
CA VAL B 211 -7.95 -38.99 16.92
C VAL B 211 -8.36 -40.49 16.85
N GLU B 212 -9.35 -40.81 16.02
CA GLU B 212 -9.84 -42.21 15.84
C GLU B 212 -8.68 -43.14 15.46
N THR B 213 -7.72 -42.66 14.67
CA THR B 213 -6.60 -43.50 14.22
C THR B 213 -5.24 -43.12 14.87
N LYS B 214 -5.24 -42.48 16.01
CA LYS B 214 -3.96 -42.03 16.57
C LYS B 214 -3.05 -43.16 17.07
N LYS B 215 -1.75 -42.98 16.88
CA LYS B 215 -0.73 -43.91 17.36
C LYS B 215 0.10 -43.23 18.44
N VAL B 216 0.32 -43.90 19.58
CA VAL B 216 1.21 -43.42 20.65
C VAL B 216 2.53 -44.25 20.76
N THR B 217 3.37 -43.99 21.79
CA THR B 217 4.63 -44.74 22.05
C THR B 217 4.63 -45.52 23.38
N VAL B 221 2.69 -40.45 24.49
CA VAL B 221 3.28 -39.57 23.46
C VAL B 221 2.86 -39.85 22.01
N LEU B 222 2.29 -38.83 21.34
CA LEU B 222 1.72 -39.00 19.98
C LEU B 222 2.81 -39.31 18.95
N LEU B 223 2.50 -40.19 17.99
CA LEU B 223 3.42 -40.49 16.84
C LEU B 223 2.84 -39.86 15.56
N LEU B 224 3.59 -38.91 15.01
CA LEU B 224 3.17 -38.21 13.83
C LEU B 224 4.22 -38.41 12.74
N ASP B 225 3.90 -39.24 11.74
CA ASP B 225 4.86 -39.67 10.69
C ASP B 225 5.17 -38.68 9.60
N ASN B 226 4.18 -37.90 9.23
CA ASN B 226 4.20 -37.19 7.96
C ASN B 226 3.80 -35.74 8.17
N TYR B 227 4.12 -34.91 7.18
CA TYR B 227 3.84 -33.48 7.25
C TYR B 227 2.36 -33.29 7.50
N SER B 228 1.55 -34.01 6.74
CA SER B 228 0.13 -33.84 6.79
C SER B 228 -0.45 -33.95 8.22
N ASP B 229 0.00 -34.94 8.98
CA ASP B 229 -0.45 -35.12 10.36
C ASP B 229 0.11 -34.03 11.29
N ARG B 230 1.36 -33.68 11.10
CA ARG B 230 2.02 -32.67 11.93
C ARG B 230 1.38 -31.29 11.75
N ILE B 231 1.20 -30.89 10.48
CA ILE B 231 0.63 -29.60 10.19
C ILE B 231 -0.83 -29.52 10.62
N GLN B 232 -1.56 -30.64 10.49
CA GLN B 232 -2.89 -30.69 11.01
C GLN B 232 -2.98 -30.47 12.52
N VAL B 233 -2.10 -31.10 13.26
CA VAL B 233 -2.05 -30.88 14.70
C VAL B 233 -1.66 -29.39 15.02
N LEU B 234 -0.76 -28.79 14.25
CA LEU B 234 -0.37 -27.39 14.52
C LEU B 234 -1.53 -26.42 14.19
N GLN B 235 -2.24 -26.69 13.12
CA GLN B 235 -3.38 -25.88 12.70
C GLN B 235 -4.44 -25.90 13.76
N ASN B 236 -4.79 -27.10 14.19
CA ASN B 236 -5.78 -27.24 15.25
C ASN B 236 -5.35 -26.66 16.58
N MET B 237 -4.06 -26.78 16.88
CA MET B 237 -3.50 -26.20 18.09
C MET B 237 -3.64 -24.68 18.12
N VAL B 238 -3.30 -24.03 17.02
CA VAL B 238 -3.39 -22.58 16.97
C VAL B 238 -4.87 -22.15 16.91
N HIS B 239 -5.71 -22.93 16.23
CA HIS B 239 -7.13 -22.61 16.22
C HIS B 239 -7.76 -22.72 17.65
N CYS B 240 -7.33 -23.75 18.43
CA CYS B 240 -7.78 -23.95 19.82
C CYS B 240 -7.30 -22.76 20.64
N ALA B 241 -6.05 -22.34 20.44
CA ALA B 241 -5.54 -21.14 21.11
C ALA B 241 -6.38 -19.85 20.79
N ASP B 242 -6.75 -19.70 19.55
CA ASP B 242 -7.59 -18.58 19.08
C ASP B 242 -8.99 -18.63 19.70
N LEU B 243 -9.52 -19.83 19.95
CA LEU B 243 -10.84 -20.03 20.60
C LEU B 243 -10.67 -20.52 22.08
N SER B 244 -9.72 -19.94 22.78
CA SER B 244 -9.36 -20.44 24.10
C SER B 244 -9.94 -19.58 25.23
N ASN B 245 -10.52 -18.43 24.92
CA ASN B 245 -10.92 -17.51 25.98
C ASN B 245 -11.87 -18.18 26.99
N PRO B 246 -12.84 -18.98 26.51
CA PRO B 246 -13.82 -19.55 27.47
C PRO B 246 -13.23 -20.63 28.36
N THR B 247 -11.99 -21.05 28.06
CA THR B 247 -11.33 -22.05 28.85
C THR B 247 -10.42 -21.43 29.89
N LYS B 248 -10.37 -20.10 29.95
CA LYS B 248 -9.48 -19.43 30.84
C LYS B 248 -10.17 -19.11 32.19
N PRO B 249 -9.38 -18.86 33.25
CA PRO B 249 -10.02 -18.28 34.43
C PRO B 249 -11.05 -17.20 34.11
N LEU B 250 -12.15 -17.28 34.83
CA LEU B 250 -13.33 -16.47 34.56
C LEU B 250 -13.16 -14.95 34.54
N GLN B 251 -12.28 -14.40 35.35
CA GLN B 251 -11.96 -13.00 35.36
C GLN B 251 -11.37 -12.58 33.98
N LEU B 252 -10.60 -13.46 33.36
CA LEU B 252 -10.04 -13.22 32.00
C LEU B 252 -11.14 -13.33 30.94
N TYR B 253 -11.85 -14.45 30.96
CA TYR B 253 -12.87 -14.76 30.00
C TYR B 253 -13.85 -13.61 29.91
N ARG B 254 -14.25 -13.12 31.06
CA ARG B 254 -15.24 -12.08 31.05
C ARG B 254 -14.76 -10.80 30.35
N GLN B 255 -13.52 -10.43 30.55
CA GLN B 255 -12.96 -9.26 29.85
C GLN B 255 -12.89 -9.49 28.30
N TRP B 256 -12.58 -10.71 27.89
CA TRP B 256 -12.53 -11.03 26.47
C TRP B 256 -13.91 -10.90 25.91
N THR B 257 -14.91 -11.33 26.68
CA THR B 257 -16.32 -11.28 26.19
C THR B 257 -16.76 -9.86 26.00
N ASP B 258 -16.44 -9.00 26.97
CA ASP B 258 -16.85 -7.62 26.86
C ASP B 258 -16.18 -6.96 25.63
N ARG B 259 -14.91 -7.27 25.40
CA ARG B 259 -14.16 -6.78 24.24
C ARG B 259 -14.72 -7.23 22.87
N ILE B 260 -15.00 -8.52 22.71
CA ILE B 260 -15.57 -9.01 21.44
C ILE B 260 -16.95 -8.41 21.17
N MET B 261 -17.80 -8.27 22.22
CA MET B 261 -19.14 -7.66 21.99
C MET B 261 -19.00 -6.18 21.62
N GLU B 262 -18.09 -5.46 22.22
CA GLU B 262 -17.83 -4.06 21.84
C GLU B 262 -17.41 -3.97 20.35
N GLU B 263 -16.50 -4.85 19.93
CA GLU B 263 -16.05 -4.90 18.54
C GLU B 263 -17.20 -5.23 17.60
N PHE B 264 -17.93 -6.29 17.90
CA PHE B 264 -19.11 -6.65 17.11
C PHE B 264 -20.13 -5.50 17.04
N PHE B 265 -20.41 -4.88 18.17
CA PHE B 265 -21.46 -3.84 18.22
C PHE B 265 -21.00 -2.65 17.36
N ARG B 266 -19.69 -2.39 17.36
CA ARG B 266 -19.12 -1.28 16.55
C ARG B 266 -19.28 -1.58 15.03
N GLN B 267 -19.27 -2.85 14.64
CA GLN B 267 -19.55 -3.23 13.27
C GLN B 267 -21.01 -2.99 12.95
N GLY B 268 -21.88 -3.42 13.88
CA GLY B 268 -23.35 -3.22 13.74
C GLY B 268 -23.74 -1.77 13.55
N ASP B 269 -23.08 -0.87 14.28
CA ASP B 269 -23.26 0.56 14.10
C ASP B 269 -22.90 1.05 12.71
N ARG B 270 -21.78 0.58 12.16
CA ARG B 270 -21.40 0.88 10.75
C ARG B 270 -22.45 0.36 9.79
N GLU B 271 -22.94 -0.87 10.03
CA GLU B 271 -23.99 -1.48 9.20
C GLU B 271 -25.35 -0.67 9.27
N ARG B 272 -25.71 -0.21 10.48
CA ARG B 272 -26.87 0.61 10.69
C ARG B 272 -26.71 1.91 9.90
N GLU B 273 -25.54 2.58 9.97
CA GLU B 273 -25.34 3.84 9.27
C GLU B 273 -25.39 3.73 7.77
N ARG B 274 -25.12 2.54 7.23
CA ARG B 274 -25.19 2.34 5.78
C ARG B 274 -26.54 1.84 5.35
N GLY B 275 -27.47 1.69 6.29
CA GLY B 275 -28.78 1.07 5.99
C GLY B 275 -28.77 -0.42 5.66
N MET B 276 -27.80 -1.17 6.20
CA MET B 276 -27.75 -2.62 5.95
C MET B 276 -28.50 -3.32 7.08
N GLU B 277 -28.90 -4.57 6.85
CA GLU B 277 -29.45 -5.40 7.93
C GLU B 277 -28.31 -5.56 8.95
N ILE B 278 -28.61 -5.46 10.23
CA ILE B 278 -27.54 -5.62 11.22
C ILE B 278 -27.23 -7.09 11.39
N SER B 279 -25.95 -7.44 11.30
CA SER B 279 -25.57 -8.83 11.32
C SER B 279 -25.91 -9.47 12.70
N PRO B 280 -26.19 -10.80 12.75
CA PRO B 280 -26.36 -11.50 14.01
C PRO B 280 -25.19 -11.23 14.98
N MET B 281 -25.51 -11.02 16.26
CA MET B 281 -24.57 -10.70 17.34
C MET B 281 -24.05 -9.26 17.37
N CYS B 282 -24.41 -8.46 16.38
CA CYS B 282 -23.78 -7.13 16.19
C CYS B 282 -24.70 -5.96 16.54
N ASP B 283 -25.91 -6.25 17.05
CA ASP B 283 -26.87 -5.20 17.38
C ASP B 283 -26.87 -4.94 18.88
N LYS B 284 -26.30 -3.80 19.29
CA LYS B 284 -26.28 -3.41 20.71
C LYS B 284 -27.66 -3.24 21.35
N HIS B 285 -28.70 -3.03 20.52
CA HIS B 285 -30.09 -2.88 21.01
C HIS B 285 -30.85 -4.20 21.13
N ASN B 286 -30.27 -5.28 20.63
CA ASN B 286 -30.95 -6.55 20.62
C ASN B 286 -29.90 -7.66 20.88
N ALA B 287 -29.28 -7.58 22.03
CA ALA B 287 -28.14 -8.42 22.38
C ALA B 287 -28.47 -9.31 23.55
N SER B 288 -27.89 -10.50 23.54
CA SER B 288 -28.11 -11.44 24.59
C SER B 288 -26.75 -12.09 24.91
N VAL B 289 -25.92 -11.28 25.54
CA VAL B 289 -24.51 -11.60 25.74
C VAL B 289 -24.30 -12.96 26.39
N GLU B 290 -25.04 -13.22 27.47
CA GLU B 290 -24.82 -14.44 28.24
C GLU B 290 -25.33 -15.66 27.46
N LYS B 291 -26.54 -15.61 26.90
CA LYS B 291 -27.07 -16.80 26.17
C LYS B 291 -26.18 -17.12 24.96
N SER B 292 -25.57 -16.07 24.40
CA SER B 292 -24.68 -16.21 23.21
C SER B 292 -23.39 -16.90 23.56
N GLN B 293 -22.80 -16.56 24.70
CA GLN B 293 -21.64 -17.33 25.14
C GLN B 293 -22.00 -18.81 25.37
N VAL B 294 -23.15 -19.10 25.94
CA VAL B 294 -23.52 -20.49 26.24
C VAL B 294 -23.58 -21.26 24.89
N GLY B 295 -24.21 -20.63 23.91
CA GLY B 295 -24.30 -21.20 22.58
C GLY B 295 -22.96 -21.38 21.90
N PHE B 296 -22.10 -20.35 22.00
CA PHE B 296 -20.73 -20.43 21.49
C PHE B 296 -20.07 -21.66 22.12
N ILE B 297 -20.18 -21.80 23.43
CA ILE B 297 -19.49 -22.94 24.10
C ILE B 297 -20.06 -24.28 23.63
N ASP B 298 -21.38 -24.40 23.64
CA ASP B 298 -22.03 -25.69 23.33
C ASP B 298 -21.80 -26.12 21.88
N TYR B 299 -21.85 -25.19 20.93
CA TYR B 299 -21.78 -25.60 19.53
C TYR B 299 -20.40 -25.54 18.90
N ILE B 300 -19.52 -24.73 19.48
CA ILE B 300 -18.21 -24.50 18.88
C ILE B 300 -17.06 -24.88 19.79
N VAL B 301 -16.98 -24.24 20.95
CA VAL B 301 -15.79 -24.34 21.77
C VAL B 301 -15.68 -25.70 22.46
N HIS B 302 -16.76 -26.19 23.07
CA HIS B 302 -16.69 -27.48 23.77
C HIS B 302 -16.44 -28.63 22.80
N PRO B 303 -17.13 -28.67 21.70
CA PRO B 303 -16.80 -29.73 20.75
C PRO B 303 -15.33 -29.75 20.27
N LEU B 304 -14.78 -28.57 19.99
CA LEU B 304 -13.40 -28.48 19.57
C LEU B 304 -12.45 -28.91 20.69
N TRP B 305 -12.62 -28.33 21.88
CA TRP B 305 -11.71 -28.62 22.99
C TRP B 305 -11.84 -30.06 23.58
N GLU B 306 -13.03 -30.64 23.51
CA GLU B 306 -13.20 -32.08 23.84
C GLU B 306 -12.43 -32.97 22.90
N THR B 307 -12.41 -32.62 21.61
CA THR B 307 -11.63 -33.36 20.66
C THR B 307 -10.12 -33.17 20.84
N TRP B 308 -9.70 -31.93 21.10
CA TRP B 308 -8.32 -31.73 21.46
C TRP B 308 -7.97 -32.58 22.71
N ALA B 309 -8.81 -32.52 23.72
CA ALA B 309 -8.54 -33.28 24.99
C ALA B 309 -8.42 -34.79 24.77
N ASP B 310 -9.15 -35.34 23.81
CA ASP B 310 -8.98 -36.74 23.40
C ASP B 310 -7.62 -36.97 22.76
N LEU B 311 -7.25 -36.10 21.84
CA LEU B 311 -5.96 -36.20 21.23
C LEU B 311 -4.81 -36.28 22.26
N VAL B 312 -4.86 -35.46 23.31
CA VAL B 312 -3.75 -35.31 24.24
C VAL B 312 -4.06 -35.92 25.60
N HIS B 313 -5.04 -36.82 25.63
CA HIS B 313 -5.57 -37.37 26.88
C HIS B 313 -4.46 -37.93 27.77
N PRO B 314 -4.43 -37.58 29.06
CA PRO B 314 -5.35 -36.76 29.84
C PRO B 314 -4.88 -35.32 30.05
N ASP B 315 -3.96 -34.82 29.19
CA ASP B 315 -3.27 -33.53 29.44
C ASP B 315 -4.17 -32.30 29.58
N ALA B 316 -5.33 -32.28 28.92
CA ALA B 316 -6.17 -31.10 28.84
C ALA B 316 -7.44 -31.18 29.69
N GLN B 317 -7.47 -32.10 30.64
CA GLN B 317 -8.63 -32.24 31.52
C GLN B 317 -9.01 -30.98 32.32
N ASP B 318 -8.03 -30.30 32.90
CA ASP B 318 -8.30 -29.10 33.68
C ASP B 318 -8.91 -27.95 32.82
N ILE B 319 -8.49 -27.87 31.55
CA ILE B 319 -8.99 -26.90 30.62
C ILE B 319 -10.47 -27.17 30.36
N LEU B 320 -10.79 -28.42 30.10
CA LEU B 320 -12.19 -28.81 29.90
C LEU B 320 -13.06 -28.50 31.15
N ASP B 321 -12.54 -28.76 32.35
CA ASP B 321 -13.35 -28.55 33.57
C ASP B 321 -13.64 -27.08 33.76
N THR B 322 -12.61 -26.25 33.53
CA THR B 322 -12.79 -24.78 33.61
C THR B 322 -13.86 -24.31 32.62
N LEU B 323 -13.79 -24.82 31.39
CA LEU B 323 -14.76 -24.47 30.36
C LEU B 323 -16.17 -24.81 30.76
N GLU B 324 -16.34 -25.99 31.35
CA GLU B 324 -17.67 -26.40 31.83
C GLU B 324 -18.12 -25.53 33.00
N ASP B 325 -17.23 -25.22 33.95
CA ASP B 325 -17.61 -24.27 35.01
C ASP B 325 -17.95 -22.91 34.48
N ASN B 326 -17.20 -22.46 33.46
CA ASN B 326 -17.45 -21.15 32.88
C ASN B 326 -18.80 -21.13 32.13
N ARG B 327 -19.15 -22.23 31.51
CA ARG B 327 -20.47 -22.33 30.86
C ARG B 327 -21.64 -22.19 31.87
N GLU B 328 -21.58 -22.92 33.01
CA GLU B 328 -22.56 -22.82 34.11
C GLU B 328 -22.64 -21.37 34.56
N TRP B 329 -21.49 -20.71 34.79
CA TRP B 329 -21.58 -19.30 35.19
C TRP B 329 -22.39 -18.43 34.22
N TYR B 330 -22.11 -18.51 32.92
CA TYR B 330 -22.89 -17.65 31.97
C TYR B 330 -24.34 -18.07 31.93
N GLN B 331 -24.58 -19.38 31.95
CA GLN B 331 -25.96 -19.91 32.00
C GLN B 331 -26.69 -19.33 33.23
N SER B 332 -26.02 -19.33 34.37
CA SER B 332 -26.61 -18.86 35.64
C SER B 332 -26.84 -17.34 35.68
N THR B 333 -26.09 -16.56 34.90
CA THR B 333 -26.29 -15.10 34.86
C THR B 333 -27.16 -14.64 33.72
N ILE B 334 -27.85 -15.55 33.02
CA ILE B 334 -28.88 -15.10 32.04
C ILE B 334 -29.96 -14.34 32.83
N PRO B 335 -30.33 -13.09 32.40
CA PRO B 335 -31.33 -12.30 33.17
C PRO B 335 -32.74 -12.90 33.33
N ASN B 352 -31.80 -18.33 17.75
CA ASN B 352 -31.97 -17.68 16.41
C ASN B 352 -30.70 -16.86 16.02
N GLN B 353 -30.43 -15.76 16.74
CA GLN B 353 -29.21 -14.96 16.52
C GLN B 353 -27.94 -15.80 16.69
N VAL B 354 -27.87 -16.57 17.76
CA VAL B 354 -26.75 -17.46 18.02
C VAL B 354 -26.57 -18.43 16.84
N SER B 355 -27.63 -19.10 16.48
CA SER B 355 -27.58 -20.09 15.43
C SER B 355 -27.25 -19.48 14.04
N GLU B 356 -27.85 -18.33 13.73
CA GLU B 356 -27.56 -17.62 12.47
C GLU B 356 -26.05 -17.16 12.42
N PHE B 357 -25.57 -16.62 13.54
CA PHE B 357 -24.17 -16.26 13.65
C PHE B 357 -23.24 -17.45 13.39
N ILE B 358 -23.52 -18.55 14.06
CA ILE B 358 -22.72 -19.75 13.93
C ILE B 358 -22.69 -20.25 12.50
N SER B 359 -23.85 -20.37 11.88
CA SER B 359 -23.93 -20.91 10.51
C SER B 359 -23.24 -20.00 9.47
N ASN B 360 -23.20 -18.69 9.73
CA ASN B 360 -22.50 -17.71 8.86
C ASN B 360 -21.01 -17.56 9.16
N THR B 361 -20.57 -18.03 10.33
CA THR B 361 -19.24 -17.78 10.80
C THR B 361 -18.35 -19.02 10.65
N PHE B 362 -18.85 -20.17 11.14
CA PHE B 362 -18.05 -21.37 11.33
C PHE B 362 -18.23 -22.49 10.30
N LEU B 363 -19.08 -22.29 9.29
CA LEU B 363 -19.27 -23.25 8.21
C LEU B 363 -18.75 -22.64 6.94
N ASP B 364 -18.47 -23.47 5.95
CA ASP B 364 -17.82 -23.04 4.70
C ASP B 364 -18.72 -22.37 3.67
N GLN C 12 19.30 -9.51 -31.83
CA GLN C 12 19.15 -9.31 -30.41
C GLN C 12 20.45 -8.68 -29.92
N GLU C 13 21.29 -9.49 -29.29
CA GLU C 13 22.31 -8.99 -28.40
C GLU C 13 23.34 -8.07 -29.07
N ASP C 14 23.85 -8.43 -30.26
CA ASP C 14 24.86 -7.64 -30.95
C ASP C 14 24.33 -6.25 -31.42
N VAL C 15 23.11 -6.21 -31.94
CA VAL C 15 22.46 -4.92 -32.38
C VAL C 15 22.18 -3.97 -31.17
N LEU C 16 21.74 -4.56 -30.06
CA LEU C 16 21.46 -3.81 -28.82
C LEU C 16 22.76 -3.21 -28.30
N ALA C 17 23.83 -3.99 -28.27
CA ALA C 17 25.14 -3.48 -27.84
C ALA C 17 25.64 -2.33 -28.72
N LYS C 18 25.40 -2.40 -30.03
CA LYS C 18 25.84 -1.36 -30.94
C LYS C 18 25.10 -0.09 -30.61
N GLU C 19 23.78 -0.17 -30.40
CA GLU C 19 23.02 1.02 -30.01
C GLU C 19 23.54 1.64 -28.70
N LEU C 20 23.87 0.80 -27.72
CA LEU C 20 24.37 1.23 -26.43
C LEU C 20 25.77 1.89 -26.43
N GLU C 21 26.51 1.68 -27.50
CA GLU C 21 27.70 2.48 -27.75
C GLU C 21 27.43 3.98 -27.78
N ASP C 22 26.19 4.41 -28.06
CA ASP C 22 25.87 5.87 -28.13
C ASP C 22 25.40 6.43 -26.77
N VAL C 23 25.63 5.66 -25.72
CA VAL C 23 25.12 6.03 -24.42
C VAL C 23 25.67 7.36 -23.92
N ASN C 24 26.83 7.80 -24.42
CA ASN C 24 27.36 9.13 -24.02
C ASN C 24 26.96 10.24 -24.93
N LYS C 25 26.04 9.99 -25.86
CA LYS C 25 25.67 10.98 -26.88
C LYS C 25 24.26 11.54 -26.65
N TRP C 26 24.12 12.84 -26.82
CA TRP C 26 22.83 13.47 -26.81
C TRP C 26 22.11 13.02 -28.07
N GLY C 27 20.99 12.34 -27.93
CA GLY C 27 20.38 11.78 -29.14
C GLY C 27 20.45 10.29 -29.28
N LEU C 28 20.81 9.58 -28.23
CA LEU C 28 20.66 8.11 -28.19
C LEU C 28 19.29 7.69 -28.70
N HIS C 29 19.26 6.62 -29.48
CA HIS C 29 17.97 6.04 -30.02
C HIS C 29 17.30 5.22 -28.93
N VAL C 30 16.73 5.93 -27.96
CA VAL C 30 16.20 5.28 -26.78
C VAL C 30 14.99 4.41 -27.11
N PHE C 31 14.22 4.79 -28.12
CA PHE C 31 13.04 3.97 -28.49
C PHE C 31 13.46 2.64 -29.12
N ARG C 32 14.48 2.70 -29.97
CA ARG C 32 15.10 1.50 -30.54
C ARG C 32 15.63 0.59 -29.45
N ILE C 33 16.30 1.20 -28.48
CA ILE C 33 16.81 0.40 -27.36
C ILE C 33 15.66 -0.30 -26.59
N ALA C 34 14.57 0.42 -26.39
CA ALA C 34 13.43 -0.17 -25.67
C ALA C 34 12.89 -1.39 -26.47
N GLU C 35 12.78 -1.28 -27.78
CA GLU C 35 12.39 -2.40 -28.65
C GLU C 35 13.35 -3.54 -28.52
N LEU C 36 14.63 -3.28 -28.76
CA LEU C 36 15.63 -4.32 -28.73
C LEU C 36 15.87 -5.01 -27.39
N SER C 37 15.55 -4.36 -26.26
CA SER C 37 15.76 -4.96 -24.95
C SER C 37 14.53 -5.73 -24.43
N GLY C 38 13.50 -5.81 -25.25
CA GLY C 38 12.24 -6.40 -24.82
C GLY C 38 11.57 -5.50 -23.81
N ASN C 39 11.57 -4.21 -24.11
CA ASN C 39 11.03 -3.15 -23.23
C ASN C 39 11.67 -3.05 -21.85
N ARG C 40 12.97 -3.03 -21.86
CA ARG C 40 13.79 -2.85 -20.69
C ARG C 40 14.80 -1.73 -20.83
N PRO C 41 14.42 -0.62 -21.42
CA PRO C 41 15.40 0.46 -21.64
C PRO C 41 15.95 1.01 -20.36
N LEU C 42 15.15 1.16 -19.31
CA LEU C 42 15.69 1.69 -18.04
C LEU C 42 16.75 0.76 -17.46
N THR C 43 16.44 -0.55 -17.40
CA THR C 43 17.41 -1.52 -16.86
C THR C 43 18.74 -1.55 -17.67
N VAL C 44 18.68 -1.66 -18.98
CA VAL C 44 19.91 -1.83 -19.71
C VAL C 44 20.68 -0.52 -19.71
N ILE C 45 19.96 0.62 -19.81
CA ILE C 45 20.68 1.92 -19.79
C ILE C 45 21.34 2.19 -18.46
N MET C 46 20.64 1.92 -17.37
CA MET C 46 21.23 2.12 -16.04
C MET C 46 22.44 1.23 -15.88
N HIS C 47 22.31 -0.03 -16.28
CA HIS C 47 23.39 -0.96 -16.13
C HIS C 47 24.63 -0.51 -16.90
N THR C 48 24.43 -0.15 -18.14
CA THR C 48 25.48 0.39 -18.98
C THR C 48 26.17 1.59 -18.34
N ILE C 49 25.36 2.51 -17.80
CA ILE C 49 25.87 3.72 -17.15
C ILE C 49 26.60 3.40 -15.85
N PHE C 50 26.06 2.49 -15.06
CA PHE C 50 26.76 2.09 -13.87
C PHE C 50 28.12 1.47 -14.21
N GLN C 51 28.20 0.66 -15.28
CA GLN C 51 29.49 0.06 -15.71
C GLN C 51 30.44 1.16 -16.17
N GLU C 52 30.03 1.99 -17.09
CA GLU C 52 30.85 3.06 -17.63
C GLU C 52 31.41 3.98 -16.53
N ARG C 53 30.64 4.24 -15.48
CA ARG C 53 31.14 5.12 -14.41
C ARG C 53 31.84 4.39 -13.28
N ASP C 54 32.01 3.08 -13.44
CA ASP C 54 32.60 2.25 -12.43
C ASP C 54 31.92 2.30 -11.04
N LEU C 55 30.63 2.54 -11.04
CA LEU C 55 29.88 2.69 -9.78
C LEU C 55 29.67 1.39 -9.05
N LEU C 56 29.70 0.27 -9.77
CA LEU C 56 29.61 -1.05 -9.10
C LEU C 56 30.84 -1.27 -8.26
N LYS C 57 32.01 -1.03 -8.84
CA LYS C 57 33.30 -1.22 -8.07
C LYS C 57 33.39 -0.21 -6.96
N THR C 58 33.09 1.07 -7.21
CA THR C 58 33.17 2.11 -6.17
C THR C 58 32.25 1.89 -4.98
N PHE C 59 31.02 1.42 -5.19
CA PHE C 59 30.10 1.32 -4.04
C PHE C 59 29.82 -0.14 -3.67
N LYS C 60 30.61 -1.05 -4.25
CA LYS C 60 30.59 -2.51 -3.96
C LYS C 60 29.14 -3.01 -4.15
N ILE C 61 28.56 -2.69 -5.31
CA ILE C 61 27.19 -3.02 -5.61
C ILE C 61 27.20 -4.30 -6.41
N PRO C 62 26.63 -5.37 -5.86
CA PRO C 62 26.62 -6.65 -6.61
C PRO C 62 25.74 -6.52 -7.84
N VAL C 63 26.19 -7.08 -8.95
CA VAL C 63 25.57 -6.88 -10.24
C VAL C 63 24.17 -7.44 -10.25
N ASP C 64 24.00 -8.61 -9.61
CA ASP C 64 22.69 -9.29 -9.59
C ASP C 64 21.71 -8.46 -8.80
N THR C 65 22.21 -7.82 -7.73
CA THR C 65 21.42 -6.86 -6.92
C THR C 65 20.99 -5.66 -7.74
N LEU C 66 21.91 -5.10 -8.50
CA LEU C 66 21.60 -3.98 -9.35
C LEU C 66 20.52 -4.33 -10.34
N ILE C 67 20.67 -5.48 -11.00
CA ILE C 67 19.70 -5.92 -12.02
C ILE C 67 18.34 -6.21 -11.44
N THR C 68 18.29 -6.86 -10.28
CA THR C 68 17.04 -7.16 -9.60
C THR C 68 16.32 -5.91 -9.19
N TYR C 69 17.04 -4.93 -8.63
CA TYR C 69 16.41 -3.64 -8.27
C TYR C 69 15.86 -2.98 -9.53
N LEU C 70 16.69 -2.90 -10.54
CA LEU C 70 16.33 -2.20 -11.77
C LEU C 70 15.09 -2.81 -12.43
N MET C 71 14.98 -4.12 -12.43
CA MET C 71 13.86 -4.77 -13.05
C MET C 71 12.56 -4.49 -12.29
N THR C 72 12.62 -4.51 -10.97
CA THR C 72 11.43 -4.20 -10.26
C THR C 72 11.11 -2.70 -10.29
N LEU C 73 12.12 -1.82 -10.29
CA LEU C 73 11.85 -0.40 -10.52
C LEU C 73 11.14 -0.19 -11.84
N GLU C 74 11.67 -0.81 -12.89
CA GLU C 74 11.10 -0.68 -14.21
C GLU C 74 9.68 -1.26 -14.25
N ASP C 75 9.41 -2.40 -13.60
CA ASP C 75 8.06 -2.93 -13.52
C ASP C 75 7.10 -1.95 -12.82
N HIS C 76 7.60 -1.05 -11.99
CA HIS C 76 6.73 -0.08 -11.36
C HIS C 76 6.51 1.21 -12.15
N TYR C 77 7.12 1.30 -13.33
CA TYR C 77 6.67 2.25 -14.28
C TYR C 77 5.50 1.64 -15.14
N HIS C 78 4.43 2.42 -15.39
CA HIS C 78 3.20 1.90 -16.02
C HIS C 78 3.30 1.90 -17.55
N ALA C 79 3.40 0.70 -18.11
CA ALA C 79 3.48 0.57 -19.59
C ALA C 79 2.27 1.21 -20.34
N ASP C 80 1.09 1.18 -19.74
CA ASP C 80 -0.08 1.80 -20.35
C ASP C 80 -0.08 3.31 -20.33
N VAL C 81 0.83 3.94 -19.62
CA VAL C 81 0.87 5.40 -19.61
C VAL C 81 1.76 5.82 -20.78
N ALA C 82 1.30 6.77 -21.58
CA ALA C 82 1.91 7.05 -22.89
C ALA C 82 3.23 7.76 -22.82
N TYR C 83 3.39 8.68 -21.87
CA TYR C 83 4.67 9.44 -21.74
C TYR C 83 5.45 9.14 -20.45
N HIS C 84 4.78 9.29 -19.29
CA HIS C 84 5.41 9.02 -18.00
C HIS C 84 5.60 7.54 -17.69
N ASN C 85 6.39 6.89 -18.52
CA ASN C 85 6.63 5.46 -18.43
C ASN C 85 8.19 5.17 -18.34
N ASN C 86 8.57 3.90 -18.43
CA ASN C 86 9.95 3.47 -18.28
C ASN C 86 10.84 4.03 -19.38
N ILE C 87 10.28 4.34 -20.54
CA ILE C 87 11.11 4.90 -21.61
C ILE C 87 11.49 6.33 -21.26
N HIS C 88 10.55 7.12 -20.77
CA HIS C 88 10.88 8.44 -20.26
C HIS C 88 11.93 8.44 -19.13
N ALA C 89 11.80 7.51 -18.21
CA ALA C 89 12.74 7.43 -17.13
C ALA C 89 14.14 7.14 -17.68
N ALA C 90 14.23 6.21 -18.63
CA ALA C 90 15.51 5.80 -19.21
C ALA C 90 16.18 7.02 -19.89
N ASP C 91 15.34 7.81 -20.57
CA ASP C 91 15.79 8.98 -21.28
C ASP C 91 16.35 10.05 -20.30
N VAL C 92 15.68 10.27 -19.16
CA VAL C 92 16.13 11.30 -18.21
C VAL C 92 17.41 10.81 -17.59
N VAL C 93 17.47 9.54 -17.28
CA VAL C 93 18.72 8.94 -16.72
C VAL C 93 19.91 9.19 -17.69
N GLN C 94 19.70 8.83 -18.96
CA GLN C 94 20.75 8.98 -19.95
C GLN C 94 21.15 10.43 -20.21
N SER C 95 20.16 11.32 -20.21
CA SER C 95 20.39 12.74 -20.40
C SER C 95 21.13 13.38 -19.26
N THR C 96 20.80 12.98 -18.04
CA THR C 96 21.55 13.37 -16.87
C THR C 96 22.99 12.85 -16.93
N HIS C 97 23.15 11.59 -17.30
CA HIS C 97 24.45 11.01 -17.54
C HIS C 97 25.36 11.78 -18.53
N VAL C 98 24.80 12.32 -19.59
CA VAL C 98 25.56 13.17 -20.52
C VAL C 98 25.84 14.54 -19.89
N LEU C 99 24.83 15.19 -19.31
CA LEU C 99 25.03 16.48 -18.64
C LEU C 99 26.13 16.42 -17.56
N LEU C 100 26.23 15.31 -16.84
CA LEU C 100 27.24 15.14 -15.83
C LEU C 100 28.68 15.14 -16.40
N SER C 101 28.83 14.84 -17.68
CA SER C 101 30.13 14.78 -18.33
CA SER C 101 30.16 14.78 -18.28
C SER C 101 30.45 16.02 -19.12
N THR C 102 29.68 17.06 -18.97
CA THR C 102 29.97 18.29 -19.68
C THR C 102 31.34 18.82 -19.14
N PRO C 103 32.20 19.30 -20.02
CA PRO C 103 33.55 19.84 -19.60
C PRO C 103 33.52 20.78 -18.41
N ALA C 104 32.61 21.74 -18.39
CA ALA C 104 32.54 22.71 -17.28
C ALA C 104 32.26 22.11 -15.90
N LEU C 105 31.87 20.84 -15.87
CA LEU C 105 31.62 20.14 -14.60
C LEU C 105 32.58 18.96 -14.36
N GLU C 106 33.65 18.80 -15.19
CA GLU C 106 34.66 17.73 -14.95
C GLU C 106 35.22 17.79 -13.52
N ALA C 107 35.13 16.66 -12.86
CA ALA C 107 35.64 16.47 -11.47
C ALA C 107 34.99 17.31 -10.37
N VAL C 108 33.92 18.03 -10.69
CA VAL C 108 33.24 18.84 -9.70
C VAL C 108 32.47 18.02 -8.67
N PHE C 109 31.76 17.00 -9.13
CA PHE C 109 30.91 16.18 -8.24
C PHE C 109 31.61 14.93 -7.73
N THR C 110 31.42 14.57 -6.48
CA THR C 110 31.90 13.30 -5.99
C THR C 110 31.13 12.15 -6.62
N ASP C 111 31.64 10.93 -6.44
CA ASP C 111 30.99 9.74 -6.94
C ASP C 111 29.62 9.52 -6.27
N LEU C 112 29.49 9.93 -5.02
CA LEU C 112 28.24 9.83 -4.32
C LEU C 112 27.18 10.76 -4.89
N GLU C 113 27.60 11.98 -5.20
CA GLU C 113 26.72 12.94 -5.80
C GLU C 113 26.27 12.45 -7.18
N ILE C 114 27.21 11.85 -7.94
CA ILE C 114 26.92 11.31 -9.26
C ILE C 114 25.86 10.19 -9.09
N LEU C 115 26.10 9.29 -8.17
CA LEU C 115 25.19 8.25 -7.90
C LEU C 115 23.83 8.81 -7.53
N ALA C 116 23.81 9.87 -6.72
CA ALA C 116 22.55 10.49 -6.32
C ALA C 116 21.80 10.98 -7.53
N ALA C 117 22.50 11.69 -8.42
CA ALA C 117 21.77 12.35 -9.54
C ALA C 117 21.20 11.31 -10.50
N ILE C 118 21.96 10.25 -10.70
CA ILE C 118 21.54 9.18 -11.60
C ILE C 118 20.40 8.36 -10.99
N PHE C 119 20.57 7.96 -9.72
CA PHE C 119 19.48 7.30 -9.03
C PHE C 119 18.20 8.15 -8.99
N ALA C 120 18.33 9.45 -8.69
CA ALA C 120 17.17 10.31 -8.62
C ALA C 120 16.46 10.33 -9.98
N SER C 121 17.24 10.42 -11.04
CA SER C 121 16.69 10.41 -12.38
C SER C 121 15.93 9.14 -12.68
N ALA C 122 16.47 8.00 -12.28
CA ALA C 122 15.81 6.71 -12.51
C ALA C 122 14.47 6.55 -11.81
N ILE C 123 14.37 7.07 -10.58
CA ILE C 123 13.17 6.90 -9.81
C ILE C 123 12.19 8.06 -9.95
N HIS C 124 12.57 9.15 -10.67
CA HIS C 124 11.87 10.40 -10.49
C HIS C 124 10.39 10.45 -10.89
N ASP C 125 9.95 9.51 -11.71
CA ASP C 125 8.53 9.44 -12.10
C ASP C 125 7.94 8.02 -11.79
N VAL C 126 8.59 7.24 -10.93
CA VAL C 126 8.12 5.86 -10.77
C VAL C 126 6.64 5.77 -10.24
N ASP C 127 5.89 4.81 -10.77
CA ASP C 127 4.49 4.60 -10.42
C ASP C 127 3.61 5.81 -10.73
N HIS C 128 3.95 6.55 -11.79
CA HIS C 128 3.12 7.65 -12.25
C HIS C 128 1.85 7.10 -12.88
N PRO C 129 0.68 7.68 -12.54
CA PRO C 129 -0.60 7.14 -13.05
C PRO C 129 -1.03 7.80 -14.33
N GLY C 130 -0.30 8.77 -14.85
CA GLY C 130 -0.68 9.39 -16.10
C GLY C 130 -1.63 10.58 -15.99
N VAL C 131 -1.76 11.11 -14.78
CA VAL C 131 -2.53 12.31 -14.53
C VAL C 131 -1.70 13.25 -13.65
N SER C 132 -2.10 14.50 -13.62
CA SER C 132 -1.34 15.55 -12.96
C SER C 132 -1.68 15.68 -11.48
N ASN C 133 -0.82 16.40 -10.78
CA ASN C 133 -1.07 16.74 -9.39
C ASN C 133 -2.39 17.40 -9.20
N GLN C 134 -2.75 18.31 -10.11
CA GLN C 134 -4.00 19.09 -9.98
C GLN C 134 -5.17 18.18 -10.18
N PHE C 135 -5.07 17.26 -11.11
CA PHE C 135 -6.15 16.23 -11.24
C PHE C 135 -6.36 15.35 -9.98
N LEU C 136 -5.25 14.91 -9.38
CA LEU C 136 -5.30 14.10 -8.17
C LEU C 136 -5.90 14.86 -6.99
N ILE C 137 -5.54 16.13 -6.86
CA ILE C 137 -6.09 17.01 -5.81
C ILE C 137 -7.61 17.24 -6.04
N ASN C 138 -7.98 17.53 -7.27
CA ASN C 138 -9.37 17.83 -7.57
C ASN C 138 -10.29 16.65 -7.58
N THR C 139 -9.79 15.45 -7.74
CA THR C 139 -10.61 14.25 -7.61
C THR C 139 -10.46 13.60 -6.24
N ASN C 140 -9.88 14.34 -5.29
CA ASN C 140 -9.75 13.84 -3.95
C ASN C 140 -9.20 12.42 -3.91
N SER C 141 -8.14 12.20 -4.66
CA SER C 141 -7.55 10.91 -4.69
C SER C 141 -6.89 10.58 -3.35
N GLU C 142 -6.71 9.28 -3.13
CA GLU C 142 -5.99 8.73 -2.00
C GLU C 142 -4.56 9.27 -1.91
N LEU C 143 -3.87 9.39 -3.04
CA LEU C 143 -2.53 10.01 -3.04
C LEU C 143 -2.49 11.48 -2.57
N ALA C 144 -3.42 12.29 -3.03
CA ALA C 144 -3.49 13.65 -2.58
C ALA C 144 -3.81 13.72 -1.06
N LEU C 145 -4.63 12.79 -0.58
CA LEU C 145 -5.01 12.73 0.83
C LEU C 145 -3.80 12.32 1.68
N MET C 146 -3.03 11.35 1.20
CA MET C 146 -1.79 10.94 1.86
CA MET C 146 -1.81 10.93 1.87
C MET C 146 -0.79 12.07 1.98
N TYR C 147 -0.69 12.89 0.93
CA TYR C 147 0.41 13.88 0.88
C TYR C 147 -0.03 15.33 1.08
N ASN C 148 -1.30 15.54 1.48
CA ASN C 148 -1.74 16.87 1.88
C ASN C 148 -1.57 17.87 0.75
N ASP C 149 -1.92 17.40 -0.43
CA ASP C 149 -1.95 18.22 -1.63
C ASP C 149 -0.62 18.83 -2.08
N SER C 150 0.53 18.51 -1.45
CA SER C 150 1.75 19.15 -1.93
C SER C 150 2.80 18.23 -2.50
N SER C 151 3.27 18.60 -3.69
CA SER C 151 4.13 17.74 -4.48
C SER C 151 3.72 16.26 -4.37
N VAL C 152 2.47 16.04 -4.60
CA VAL C 152 1.88 14.74 -4.40
C VAL C 152 2.63 13.63 -5.16
N LEU C 153 2.71 13.73 -6.49
CA LEU C 153 3.41 12.72 -7.27
C LEU C 153 4.86 12.57 -6.87
N GLU C 154 5.53 13.70 -6.69
CA GLU C 154 6.96 13.68 -6.50
C GLU C 154 7.27 12.99 -5.18
N ASN C 155 6.46 13.27 -4.18
CA ASN C 155 6.61 12.58 -2.90
C ASN C 155 6.38 11.09 -3.04
N HIS C 156 5.38 10.76 -3.86
CA HIS C 156 5.11 9.33 -4.15
C HIS C 156 6.23 8.65 -4.92
N HIS C 157 6.82 9.33 -5.89
CA HIS C 157 7.93 8.72 -6.65
C HIS C 157 9.09 8.37 -5.73
N LEU C 158 9.44 9.34 -4.87
CA LEU C 158 10.48 9.09 -3.85
C LEU C 158 10.15 7.89 -2.96
N ALA C 159 8.94 7.85 -2.38
CA ALA C 159 8.62 6.77 -1.43
C ALA C 159 8.70 5.39 -2.09
N VAL C 160 8.20 5.30 -3.32
CA VAL C 160 8.23 4.07 -4.03
C VAL C 160 9.68 3.68 -4.37
N GLY C 161 10.43 4.63 -4.88
CA GLY C 161 11.82 4.34 -5.25
C GLY C 161 12.69 3.83 -4.15
N PHE C 162 12.53 4.41 -2.95
CA PHE C 162 13.22 3.95 -1.78
C PHE C 162 12.67 2.67 -1.15
N LYS C 163 11.35 2.53 -1.10
CA LYS C 163 10.69 1.29 -0.61
C LYS C 163 11.15 0.07 -1.39
N LEU C 164 11.36 0.21 -2.70
CA LEU C 164 11.71 -0.93 -3.50
C LEU C 164 13.09 -1.52 -3.13
N LEU C 165 13.94 -0.71 -2.52
CA LEU C 165 15.25 -1.14 -2.11
C LEU C 165 15.11 -2.26 -1.05
N GLN C 166 13.94 -2.38 -0.43
CA GLN C 166 13.72 -3.37 0.65
C GLN C 166 13.22 -4.67 0.14
N GLU C 167 12.93 -4.78 -1.15
CA GLU C 167 12.50 -6.05 -1.71
C GLU C 167 13.70 -6.99 -1.76
N GLU C 168 13.39 -8.27 -1.94
CA GLU C 168 14.39 -9.33 -1.98
C GLU C 168 15.51 -9.03 -2.96
N ASN C 169 16.72 -8.96 -2.41
CA ASN C 169 17.92 -8.75 -3.16
C ASN C 169 17.91 -7.46 -4.00
N CYS C 170 17.30 -6.42 -3.45
CA CYS C 170 17.14 -5.15 -4.16
C CYS C 170 17.91 -4.01 -3.54
N ASP C 171 18.64 -4.24 -2.45
CA ASP C 171 19.28 -3.10 -1.77
C ASP C 171 20.59 -2.72 -2.36
N ILE C 172 20.56 -1.94 -3.44
CA ILE C 172 21.82 -1.58 -4.13
C ILE C 172 22.73 -0.68 -3.30
N PHE C 173 22.24 -0.15 -2.18
CA PHE C 173 23.10 0.65 -1.30
C PHE C 173 23.61 -0.10 -0.04
N GLN C 174 23.44 -1.42 -0.01
CA GLN C 174 23.83 -2.24 1.17
C GLN C 174 25.24 -2.04 1.68
N ASN C 175 26.18 -1.68 0.82
CA ASN C 175 27.57 -1.51 1.25
C ASN C 175 28.02 -0.08 1.31
N LEU C 176 27.11 0.88 1.27
CA LEU C 176 27.40 2.25 1.63
C LEU C 176 27.41 2.35 3.16
N THR C 177 28.14 3.31 3.72
CA THR C 177 28.10 3.54 5.19
C THR C 177 26.81 4.23 5.58
N LYS C 178 26.51 4.28 6.89
CA LYS C 178 25.30 4.99 7.35
C LYS C 178 25.42 6.45 6.89
N LYS C 179 26.59 7.08 7.03
CA LYS C 179 26.70 8.50 6.64
C LYS C 179 26.47 8.63 5.11
N GLN C 180 27.01 7.71 4.31
CA GLN C 180 26.86 7.80 2.87
C GLN C 180 25.40 7.65 2.45
N ARG C 181 24.71 6.67 3.05
CA ARG C 181 23.28 6.40 2.80
C ARG C 181 22.47 7.64 3.17
N GLN C 182 22.74 8.23 4.30
CA GLN C 182 22.02 9.45 4.72
C GLN C 182 22.22 10.62 3.79
N SER C 183 23.47 10.82 3.43
CA SER C 183 23.77 11.91 2.59
C SER C 183 23.16 11.70 1.14
N LEU C 184 23.24 10.48 0.62
CA LEU C 184 22.64 10.17 -0.70
C LEU C 184 21.11 10.36 -0.65
N ARG C 185 20.49 9.90 0.42
CA ARG C 185 19.06 10.04 0.60
C ARG C 185 18.62 11.51 0.59
N LYS C 186 19.31 12.35 1.36
CA LYS C 186 19.03 13.78 1.38
C LYS C 186 19.15 14.34 -0.02
N MET C 187 20.21 14.03 -0.73
CA MET C 187 20.36 14.60 -2.06
C MET C 187 19.24 14.13 -3.02
N VAL C 188 18.83 12.88 -2.94
CA VAL C 188 17.89 12.32 -3.89
C VAL C 188 16.54 12.95 -3.65
N ILE C 189 16.22 13.15 -2.40
CA ILE C 189 14.98 13.81 -2.02
C ILE C 189 14.96 15.22 -2.55
N ASP C 190 16.02 15.97 -2.29
CA ASP C 190 16.06 17.35 -2.85
C ASP C 190 15.92 17.36 -4.37
N ILE C 191 16.56 16.40 -5.06
CA ILE C 191 16.56 16.39 -6.54
C ILE C 191 15.15 16.09 -7.09
N VAL C 192 14.53 15.05 -6.55
CA VAL C 192 13.19 14.67 -7.06
C VAL C 192 12.11 15.66 -6.75
N LEU C 193 12.11 16.22 -5.55
CA LEU C 193 11.17 17.26 -5.21
C LEU C 193 11.29 18.46 -6.14
N ALA C 194 12.48 18.74 -6.61
CA ALA C 194 12.69 19.86 -7.56
C ALA C 194 12.20 19.54 -8.94
N THR C 195 11.79 18.30 -9.21
CA THR C 195 11.16 17.96 -10.49
C THR C 195 9.65 18.21 -10.55
N ASP C 196 9.04 18.58 -9.41
CA ASP C 196 7.68 19.14 -9.38
C ASP C 196 7.68 20.39 -10.24
N MET C 197 6.89 20.37 -11.33
CA MET C 197 6.92 21.43 -12.31
C MET C 197 6.54 22.75 -11.73
N SER C 198 5.74 22.76 -10.67
CA SER C 198 5.31 24.01 -10.06
C SER C 198 6.52 24.77 -9.44
N LYS C 199 7.68 24.11 -9.24
CA LYS C 199 8.85 24.77 -8.71
C LYS C 199 9.77 25.35 -9.81
N HIS C 200 9.37 25.23 -11.06
CA HIS C 200 10.23 25.60 -12.16
C HIS C 200 10.71 27.06 -12.09
N MET C 201 9.79 27.98 -11.88
CA MET C 201 10.16 29.42 -11.91
C MET C 201 11.13 29.76 -10.80
N ASN C 202 10.95 29.20 -9.61
CA ASN C 202 11.87 29.46 -8.49
C ASN C 202 13.20 28.89 -8.77
N LEU C 203 13.21 27.70 -9.35
CA LEU C 203 14.48 27.04 -9.66
C LEU C 203 15.29 27.84 -10.68
N LEU C 204 14.61 28.30 -11.71
CA LEU C 204 15.25 29.06 -12.75
C LEU C 204 15.80 30.41 -12.18
N ALA C 205 15.00 31.10 -11.37
CA ALA C 205 15.44 32.38 -10.75
C ALA C 205 16.73 32.16 -9.96
N ASP C 206 16.76 31.09 -9.16
CA ASP C 206 17.96 30.75 -8.41
C ASP C 206 19.13 30.37 -9.33
N LEU C 207 18.85 29.69 -10.43
CA LEU C 207 19.91 29.32 -11.32
C LEU C 207 20.54 30.60 -11.96
N LYS C 208 19.69 31.56 -12.30
CA LYS C 208 20.14 32.84 -12.85
C LYS C 208 21.09 33.55 -11.92
N THR C 209 20.71 33.59 -10.66
CA THR C 209 21.49 34.21 -9.63
C THR C 209 22.88 33.56 -9.53
N MET C 210 22.89 32.25 -9.52
CA MET C 210 24.12 31.49 -9.49
C MET C 210 25.00 31.74 -10.71
N VAL C 211 24.41 31.87 -11.88
CA VAL C 211 25.21 32.21 -13.06
C VAL C 211 25.85 33.63 -12.94
N GLU C 212 25.07 34.60 -12.45
CA GLU C 212 25.53 35.97 -12.23
C GLU C 212 26.79 36.01 -11.36
N THR C 213 26.88 35.14 -10.38
CA THR C 213 28.02 35.15 -9.46
C THR C 213 28.98 33.96 -9.64
N LYS C 214 29.00 33.33 -10.80
CA LYS C 214 29.78 32.11 -10.91
C LYS C 214 31.31 32.32 -10.91
N LYS C 215 32.03 31.39 -10.29
CA LYS C 215 33.48 31.34 -10.33
C LYS C 215 33.94 30.04 -11.01
N VAL C 216 35.02 30.13 -11.80
CA VAL C 216 35.69 28.94 -12.30
C VAL C 216 36.92 28.59 -11.42
N THR C 217 37.37 27.35 -11.48
CA THR C 217 38.49 26.86 -10.63
C THR C 217 39.76 26.93 -11.46
N SER C 218 40.90 26.59 -10.85
CA SER C 218 42.16 26.47 -11.59
C SER C 218 42.11 25.54 -12.80
N SER C 219 41.30 24.47 -12.68
CA SER C 219 41.01 23.47 -13.76
C SER C 219 40.15 23.98 -14.95
N GLY C 220 39.50 25.13 -14.83
CA GLY C 220 38.54 25.64 -15.84
C GLY C 220 37.05 25.25 -15.62
N VAL C 221 36.78 24.52 -14.56
CA VAL C 221 35.48 24.03 -14.31
C VAL C 221 34.85 24.94 -13.25
N LEU C 222 33.55 24.79 -13.18
CA LEU C 222 32.77 25.50 -12.22
C LEU C 222 33.16 25.25 -10.75
N LEU C 223 33.22 26.33 -9.97
CA LEU C 223 33.64 26.24 -8.57
C LEU C 223 32.43 26.25 -7.68
N LEU C 224 32.20 25.16 -6.95
CA LEU C 224 31.03 25.03 -6.11
C LEU C 224 31.44 24.69 -4.68
N ASP C 225 31.40 25.70 -3.79
CA ASP C 225 31.99 25.67 -2.41
C ASP C 225 31.18 24.90 -1.39
N ASN C 226 29.87 24.91 -1.54
CA ASN C 226 28.97 24.51 -0.47
C ASN C 226 27.83 23.62 -1.00
N TYR C 227 27.16 22.94 -0.07
CA TYR C 227 26.07 21.99 -0.42
C TYR C 227 25.05 22.75 -1.25
N SER C 228 24.71 23.93 -0.79
CA SER C 228 23.63 24.68 -1.40
C SER C 228 23.84 24.91 -2.88
N ASP C 229 25.05 25.25 -3.28
CA ASP C 229 25.36 25.46 -4.70
C ASP C 229 25.41 24.14 -5.51
N ARG C 230 26.00 23.11 -4.91
CA ARG C 230 26.13 21.82 -5.55
C ARG C 230 24.71 21.18 -5.84
N ILE C 231 23.87 21.15 -4.80
CA ILE C 231 22.59 20.59 -4.89
C ILE C 231 21.72 21.41 -5.86
N GLN C 232 21.87 22.72 -5.87
CA GLN C 232 21.16 23.58 -6.84
C GLN C 232 21.50 23.20 -8.27
N VAL C 233 22.78 22.98 -8.56
CA VAL C 233 23.19 22.59 -9.88
C VAL C 233 22.65 21.17 -10.22
N LEU C 234 22.65 20.25 -9.26
CA LEU C 234 22.11 18.90 -9.55
C LEU C 234 20.56 18.94 -9.77
N GLN C 235 19.86 19.76 -9.00
CA GLN C 235 18.43 19.92 -9.16
C GLN C 235 18.08 20.47 -10.53
N ASN C 236 18.76 21.54 -10.92
CA ASN C 236 18.54 22.12 -12.22
C ASN C 236 18.96 21.17 -13.37
N MET C 237 20.07 20.45 -13.18
CA MET C 237 20.53 19.47 -14.16
C MET C 237 19.45 18.43 -14.46
N VAL C 238 18.88 17.86 -13.40
CA VAL C 238 17.85 16.81 -13.59
C VAL C 238 16.57 17.42 -14.15
N HIS C 239 16.22 18.61 -13.71
CA HIS C 239 15.05 19.29 -14.24
C HIS C 239 15.23 19.53 -15.76
N CYS C 240 16.46 19.92 -16.19
CA CYS C 240 16.79 20.18 -17.61
C CYS C 240 16.67 18.90 -18.35
N ALA C 241 17.15 17.82 -17.76
CA ALA C 241 16.99 16.51 -18.37
C ALA C 241 15.52 16.13 -18.57
N ASP C 242 14.70 16.43 -17.57
CA ASP C 242 13.30 16.17 -17.61
C ASP C 242 12.63 16.97 -18.68
N LEU C 243 13.11 18.20 -18.94
CA LEU C 243 12.56 19.08 -20.00
C LEU C 243 13.50 19.14 -21.21
N SER C 244 14.04 18.00 -21.61
CA SER C 244 15.07 17.96 -22.63
C SER C 244 14.55 17.54 -23.98
N ASN C 245 13.30 17.08 -24.08
CA ASN C 245 12.82 16.48 -25.32
C ASN C 245 12.95 17.45 -26.51
N PRO C 246 12.58 18.73 -26.32
CA PRO C 246 12.67 19.66 -27.45
C PRO C 246 14.09 20.01 -27.90
N THR C 247 15.10 19.62 -27.10
CA THR C 247 16.47 19.83 -27.45
C THR C 247 17.11 18.61 -28.16
N LYS C 248 16.34 17.58 -28.39
CA LYS C 248 16.83 16.36 -28.97
C LYS C 248 16.63 16.38 -30.53
N PRO C 249 17.33 15.50 -31.24
CA PRO C 249 17.02 15.36 -32.64
C PRO C 249 15.49 15.25 -32.88
N LEU C 250 15.06 15.92 -33.93
CA LEU C 250 13.66 16.05 -34.21
C LEU C 250 12.85 14.77 -34.28
N GLN C 251 13.42 13.70 -34.81
CA GLN C 251 12.73 12.39 -34.91
C GLN C 251 12.35 11.90 -33.49
N LEU C 252 13.20 12.20 -32.50
CA LEU C 252 12.94 11.84 -31.12
C LEU C 252 11.90 12.78 -30.48
N TYR C 253 12.15 14.08 -30.60
CA TYR C 253 11.24 15.09 -30.12
C TYR C 253 9.77 14.84 -30.57
N ARG C 254 9.61 14.53 -31.85
CA ARG C 254 8.28 14.37 -32.44
C ARG C 254 7.54 13.21 -31.78
N GLN C 255 8.24 12.13 -31.53
CA GLN C 255 7.62 10.98 -30.82
C GLN C 255 7.24 11.33 -29.33
N TRP C 256 8.09 12.11 -28.67
CA TRP C 256 7.83 12.50 -27.30
C TRP C 256 6.58 13.38 -27.29
N THR C 257 6.45 14.26 -28.28
CA THR C 257 5.29 15.15 -28.34
C THR C 257 4.01 14.34 -28.52
N ASP C 258 4.02 13.40 -29.44
CA ASP C 258 2.82 12.60 -29.69
C ASP C 258 2.44 11.80 -28.43
N ARG C 259 3.43 11.29 -27.71
CA ARG C 259 3.19 10.62 -26.42
C ARG C 259 2.61 11.51 -25.30
N ILE C 260 3.18 12.71 -25.09
CA ILE C 260 2.66 13.58 -24.04
C ILE C 260 1.21 14.01 -24.37
N MET C 261 0.92 14.27 -25.65
CA MET C 261 -0.47 14.73 -26.00
C MET C 261 -1.44 13.60 -25.81
N GLU C 262 -1.06 12.37 -26.15
CA GLU C 262 -1.88 11.18 -25.86
CA GLU C 262 -1.89 11.21 -25.86
C GLU C 262 -2.20 11.06 -24.36
N GLU C 263 -1.19 11.20 -23.52
CA GLU C 263 -1.37 11.14 -22.09
C GLU C 263 -2.29 12.24 -21.58
N PHE C 264 -2.04 13.47 -21.98
CA PHE C 264 -2.87 14.60 -21.64
C PHE C 264 -4.35 14.41 -22.08
N PHE C 265 -4.53 13.96 -23.29
CA PHE C 265 -5.88 13.80 -23.82
C PHE C 265 -6.62 12.73 -23.01
N ARG C 266 -5.90 11.70 -22.55
CA ARG C 266 -6.47 10.60 -21.80
C ARG C 266 -6.89 11.14 -20.42
N GLN C 267 -6.20 12.17 -19.92
CA GLN C 267 -6.66 12.84 -18.67
C GLN C 267 -7.94 13.65 -18.92
N GLY C 268 -7.93 14.35 -20.04
CA GLY C 268 -9.13 15.15 -20.45
C GLY C 268 -10.37 14.29 -20.54
N ASP C 269 -10.22 13.11 -21.13
CA ASP C 269 -11.32 12.16 -21.27
C ASP C 269 -11.86 11.74 -19.92
N ARG C 270 -10.99 11.50 -18.95
CA ARG C 270 -11.46 11.16 -17.59
C ARG C 270 -12.18 12.34 -16.98
N GLU C 271 -11.64 13.54 -17.21
CA GLU C 271 -12.28 14.76 -16.72
C GLU C 271 -13.72 14.93 -17.34
N ARG C 272 -13.81 14.75 -18.66
CA ARG C 272 -15.07 14.81 -19.35
C ARG C 272 -16.02 13.81 -18.71
N GLU C 273 -15.61 12.56 -18.46
CA GLU C 273 -16.51 11.53 -17.94
C GLU C 273 -16.99 11.81 -16.56
N ARG C 274 -16.28 12.60 -15.83
CA ARG C 274 -16.71 13.00 -14.51
C ARG C 274 -17.44 14.34 -14.54
N GLY C 275 -17.69 14.90 -15.72
CA GLY C 275 -18.37 16.21 -15.82
C GLY C 275 -17.57 17.40 -15.31
N MET C 276 -16.23 17.30 -15.35
CA MET C 276 -15.39 18.41 -14.90
C MET C 276 -15.07 19.27 -16.10
N GLU C 277 -14.62 20.48 -15.85
CA GLU C 277 -14.04 21.33 -16.87
C GLU C 277 -12.81 20.62 -17.41
N ILE C 278 -12.61 20.62 -18.73
CA ILE C 278 -11.46 19.98 -19.29
C ILE C 278 -10.23 20.88 -19.11
N SER C 279 -9.14 20.35 -18.54
CA SER C 279 -7.98 21.13 -18.26
C SER C 279 -7.31 21.62 -19.54
N PRO C 280 -6.64 22.78 -19.49
CA PRO C 280 -5.89 23.29 -20.65
C PRO C 280 -4.91 22.23 -21.18
N MET C 281 -4.78 22.13 -22.50
CA MET C 281 -3.97 21.14 -23.22
C MET C 281 -4.53 19.72 -23.25
N CYS C 282 -5.62 19.46 -22.54
CA CYS C 282 -6.10 18.07 -22.33
C CYS C 282 -7.33 17.72 -23.16
N ASP C 283 -7.79 18.64 -24.00
CA ASP C 283 -9.05 18.40 -24.79
C ASP C 283 -8.69 18.01 -26.21
N LYS C 284 -8.80 16.72 -26.53
CA LYS C 284 -8.53 16.23 -27.87
C LYS C 284 -9.38 16.92 -28.97
N HIS C 285 -10.51 17.54 -28.61
CA HIS C 285 -11.41 18.22 -29.61
C HIS C 285 -11.05 19.66 -29.80
N ASN C 286 -10.12 20.18 -28.98
CA ASN C 286 -9.78 21.57 -29.04
C ASN C 286 -8.28 21.72 -28.75
N ALA C 287 -7.49 21.12 -29.61
CA ALA C 287 -6.05 21.00 -29.38
C ALA C 287 -5.28 21.74 -30.48
N SER C 288 -4.16 22.33 -30.11
CA SER C 288 -3.30 23.02 -31.09
C SER C 288 -1.85 22.58 -30.74
N VAL C 289 -1.57 21.34 -31.09
CA VAL C 289 -0.35 20.63 -30.71
C VAL C 289 0.92 21.42 -31.07
N GLU C 290 0.92 21.98 -32.28
CA GLU C 290 2.09 22.67 -32.73
C GLU C 290 2.27 24.03 -32.03
N LYS C 291 1.22 24.87 -31.96
CA LYS C 291 1.34 26.19 -31.30
C LYS C 291 1.74 26.00 -29.83
N SER C 292 1.29 24.88 -29.23
CA SER C 292 1.55 24.61 -27.82
C SER C 292 3.02 24.26 -27.59
N GLN C 293 3.63 23.48 -28.50
CA GLN C 293 5.06 23.29 -28.40
C GLN C 293 5.86 24.61 -28.54
N VAL C 294 5.46 25.48 -29.44
CA VAL C 294 6.20 26.75 -29.64
C VAL C 294 6.17 27.54 -28.34
N GLY C 295 5.00 27.58 -27.74
CA GLY C 295 4.79 28.22 -26.45
C GLY C 295 5.62 27.59 -25.38
N PHE C 296 5.55 26.25 -25.28
CA PHE C 296 6.36 25.53 -24.30
C PHE C 296 7.84 25.91 -24.45
N ILE C 297 8.35 25.92 -25.68
CA ILE C 297 9.76 26.29 -25.90
C ILE C 297 10.04 27.75 -25.50
N ASP C 298 9.18 28.67 -25.94
CA ASP C 298 9.44 30.11 -25.72
C ASP C 298 9.36 30.50 -24.24
N TYR C 299 8.38 29.96 -23.52
CA TYR C 299 8.17 30.42 -22.14
C TYR C 299 8.86 29.58 -21.09
N ILE C 300 9.21 28.34 -21.41
CA ILE C 300 9.72 27.41 -20.40
C ILE C 300 11.06 26.83 -20.80
N VAL C 301 11.12 26.14 -21.95
CA VAL C 301 12.30 25.32 -22.24
C VAL C 301 13.50 26.21 -22.67
N HIS C 302 13.27 27.16 -23.56
CA HIS C 302 14.40 28.01 -24.01
C HIS C 302 14.96 28.89 -22.84
N PRO C 303 14.09 29.50 -22.04
CA PRO C 303 14.66 30.24 -20.93
C PRO C 303 15.54 29.38 -20.01
N LEU C 304 15.08 28.17 -19.70
CA LEU C 304 15.83 27.27 -18.83
C LEU C 304 17.14 26.86 -19.47
N TRP C 305 17.08 26.38 -20.71
CA TRP C 305 18.28 25.90 -21.33
C TRP C 305 19.31 26.98 -21.75
N GLU C 306 18.84 28.17 -22.07
CA GLU C 306 19.74 29.33 -22.25
C GLU C 306 20.51 29.59 -20.98
N THR C 307 19.84 29.51 -19.82
CA THR C 307 20.50 29.78 -18.57
C THR C 307 21.47 28.65 -18.23
N TRP C 308 21.07 27.39 -18.46
CA TRP C 308 22.00 26.34 -18.32
C TRP C 308 23.23 26.57 -19.20
N ALA C 309 23.00 26.89 -20.45
CA ALA C 309 24.10 27.10 -21.41
C ALA C 309 25.08 28.20 -20.95
N ASP C 310 24.57 29.23 -20.27
CA ASP C 310 25.44 30.22 -19.67
C ASP C 310 26.31 29.61 -18.56
N LEU C 311 25.69 28.84 -17.70
CA LEU C 311 26.40 28.22 -16.62
C LEU C 311 27.56 27.39 -17.15
N VAL C 312 27.37 26.67 -18.24
CA VAL C 312 28.38 25.69 -18.70
C VAL C 312 29.09 26.17 -19.96
N HIS C 313 28.98 27.47 -20.24
CA HIS C 313 29.43 28.06 -21.52
C HIS C 313 30.86 27.66 -21.84
N PRO C 314 31.13 27.20 -23.07
CA PRO C 314 30.26 27.03 -24.24
C PRO C 314 29.76 25.61 -24.44
N ASP C 315 29.74 24.79 -23.37
CA ASP C 315 29.48 23.35 -23.55
C ASP C 315 28.12 22.96 -24.20
N ALA C 316 27.07 23.75 -23.96
CA ALA C 316 25.72 23.39 -24.37
C ALA C 316 25.22 24.16 -25.58
N GLN C 317 26.14 24.76 -26.33
CA GLN C 317 25.76 25.49 -27.56
C GLN C 317 24.98 24.63 -28.58
N ASP C 318 25.42 23.41 -28.84
CA ASP C 318 24.75 22.57 -29.85
C ASP C 318 23.28 22.24 -29.44
N ILE C 319 23.06 22.11 -28.12
CA ILE C 319 21.77 21.80 -27.55
C ILE C 319 20.83 22.97 -27.79
N LEU C 320 21.31 24.14 -27.54
CA LEU C 320 20.57 25.33 -27.87
C LEU C 320 20.19 25.47 -29.35
N ASP C 321 21.13 25.20 -30.25
CA ASP C 321 20.87 25.41 -31.68
C ASP C 321 19.77 24.47 -32.13
N THR C 322 19.83 23.24 -31.62
CA THR C 322 18.86 22.20 -31.98
C THR C 322 17.49 22.61 -31.52
N LEU C 323 17.42 23.08 -30.28
CA LEU C 323 16.21 23.59 -29.76
C LEU C 323 15.61 24.68 -30.66
N GLU C 324 16.44 25.61 -31.11
CA GLU C 324 15.96 26.71 -31.96
C GLU C 324 15.50 26.19 -33.32
N ASP C 325 16.20 25.23 -33.90
CA ASP C 325 15.68 24.60 -35.12
C ASP C 325 14.39 23.87 -34.90
N ASN C 326 14.27 23.19 -33.76
CA ASN C 326 13.09 22.42 -33.49
C ASN C 326 11.90 23.37 -33.27
N ARG C 327 12.14 24.51 -32.66
CA ARG C 327 11.07 25.51 -32.58
C ARG C 327 10.51 25.95 -33.97
N GLU C 328 11.42 26.27 -34.91
CA GLU C 328 11.04 26.65 -36.30
C GLU C 328 10.19 25.57 -36.89
N TRP C 329 10.61 24.30 -36.74
CA TRP C 329 9.78 23.20 -37.25
C TRP C 329 8.34 23.24 -36.77
N TYR C 330 8.13 23.35 -35.46
CA TYR C 330 6.73 23.38 -34.98
C TYR C 330 5.99 24.65 -35.38
N GLN C 331 6.66 25.80 -35.32
CA GLN C 331 6.11 27.08 -35.85
C GLN C 331 5.67 26.91 -37.30
N SER C 332 6.51 26.28 -38.12
CA SER C 332 6.24 26.11 -39.55
C SER C 332 5.11 25.10 -39.87
N THR C 333 4.86 24.14 -38.98
CA THR C 333 3.80 23.14 -39.18
C THR C 333 2.50 23.51 -38.48
N ILE C 334 2.36 24.75 -37.97
CA ILE C 334 1.03 25.23 -37.51
C ILE C 334 0.04 25.27 -38.70
N PRO C 335 -1.17 24.65 -38.56
CA PRO C 335 -2.18 24.75 -39.63
C PRO C 335 -2.70 26.18 -39.68
N ASN C 352 -4.01 31.46 -25.11
CA ASN C 352 -4.99 31.22 -24.00
C ASN C 352 -4.76 29.87 -23.32
N GLN C 353 -5.02 28.78 -24.04
CA GLN C 353 -4.78 27.41 -23.51
C GLN C 353 -3.32 27.24 -23.11
N VAL C 354 -2.40 27.67 -23.98
CA VAL C 354 -0.96 27.63 -23.69
C VAL C 354 -0.62 28.39 -22.40
N SER C 355 -1.08 29.63 -22.36
CA SER C 355 -0.81 30.50 -21.22
C SER C 355 -1.46 30.02 -19.90
N GLU C 356 -2.70 29.52 -19.98
CA GLU C 356 -3.40 28.94 -18.80
C GLU C 356 -2.68 27.65 -18.29
N PHE C 357 -2.29 26.78 -19.23
CA PHE C 357 -1.50 25.59 -18.90
C PHE C 357 -0.21 25.97 -18.17
N ILE C 358 0.53 26.92 -18.73
CA ILE C 358 1.81 27.36 -18.13
C ILE C 358 1.63 27.92 -16.73
N SER C 359 0.65 28.83 -16.55
CA SER C 359 0.38 29.44 -15.24
C SER C 359 0.03 28.41 -14.18
N ASN C 360 -0.68 27.37 -14.60
CA ASN C 360 -1.13 26.34 -13.67
C ASN C 360 -0.10 25.27 -13.45
N THR C 361 0.90 25.18 -14.33
CA THR C 361 1.85 24.06 -14.29
C THR C 361 3.20 24.44 -13.68
N PHE C 362 3.72 25.59 -14.13
CA PHE C 362 5.11 25.96 -13.87
C PHE C 362 5.34 27.09 -12.83
N LEU C 363 4.26 27.58 -12.21
CA LEU C 363 4.34 28.59 -11.12
C LEU C 363 3.85 27.97 -9.83
N ASP C 364 4.28 28.55 -8.72
CA ASP C 364 4.03 27.98 -7.38
C ASP C 364 2.61 28.16 -6.85
N GLU D 13 -22.38 13.64 35.49
CA GLU D 13 -23.27 14.19 34.45
C GLU D 13 -23.54 15.68 34.77
N ASP D 14 -24.18 15.92 35.93
CA ASP D 14 -24.31 17.29 36.50
C ASP D 14 -22.91 17.84 36.82
N VAL D 15 -22.03 16.99 37.32
CA VAL D 15 -20.65 17.41 37.67
C VAL D 15 -19.79 17.76 36.40
N LEU D 16 -19.97 16.95 35.35
CA LEU D 16 -19.29 17.17 34.09
C LEU D 16 -19.71 18.53 33.52
N ALA D 17 -21.02 18.81 33.57
CA ALA D 17 -21.53 20.09 33.06
C ALA D 17 -21.00 21.29 33.84
N LYS D 18 -20.83 21.14 35.16
CA LYS D 18 -20.29 22.25 36.01
C LYS D 18 -18.84 22.50 35.61
N GLU D 19 -18.06 21.44 35.39
CA GLU D 19 -16.67 21.65 34.90
C GLU D 19 -16.66 22.37 33.54
N LEU D 20 -17.57 22.02 32.63
CA LEU D 20 -17.59 22.58 31.27
C LEU D 20 -17.97 24.02 31.19
N GLU D 21 -18.53 24.52 32.28
CA GLU D 21 -18.75 25.95 32.43
C GLU D 21 -17.45 26.76 32.36
N ASP D 22 -16.30 26.13 32.63
CA ASP D 22 -15.00 26.83 32.54
C ASP D 22 -14.32 26.73 31.15
N VAL D 23 -15.08 26.31 30.14
CA VAL D 23 -14.51 26.09 28.86
C VAL D 23 -13.86 27.33 28.25
N ASN D 24 -14.28 28.53 28.66
CA ASN D 24 -13.69 29.78 28.13
C ASN D 24 -12.56 30.31 28.97
N LYS D 25 -12.12 29.54 29.95
CA LYS D 25 -11.12 30.00 30.90
C LYS D 25 -9.78 29.27 30.72
N TRP D 26 -8.72 30.05 30.81
CA TRP D 26 -7.37 29.48 30.77
C TRP D 26 -7.19 28.73 32.06
N GLY D 27 -7.00 27.43 32.00
CA GLY D 27 -6.94 26.68 33.26
C GLY D 27 -8.11 25.79 33.53
N LEU D 28 -8.91 25.49 32.51
CA LEU D 28 -9.89 24.39 32.59
C LEU D 28 -9.28 23.11 33.18
N HIS D 29 -10.03 22.43 34.03
CA HIS D 29 -9.62 21.15 34.67
C HIS D 29 -9.78 20.00 33.70
N VAL D 30 -8.92 19.99 32.70
CA VAL D 30 -9.10 19.08 31.56
C VAL D 30 -8.90 17.62 31.98
N PHE D 31 -8.06 17.37 32.99
CA PHE D 31 -7.89 15.98 33.47
C PHE D 31 -9.13 15.48 34.17
N ARG D 32 -9.75 16.34 35.00
CA ARG D 32 -11.04 16.03 35.66
C ARG D 32 -12.09 15.75 34.60
N ILE D 33 -12.12 16.57 33.54
CA ILE D 33 -13.13 16.36 32.46
C ILE D 33 -12.92 15.02 31.78
N ALA D 34 -11.66 14.66 31.58
CA ALA D 34 -11.36 13.36 31.01
C ALA D 34 -11.91 12.23 31.90
N GLU D 35 -11.70 12.35 33.21
CA GLU D 35 -12.20 11.32 34.17
C GLU D 35 -13.71 11.27 34.08
N LEU D 36 -14.37 12.41 34.21
CA LEU D 36 -15.85 12.48 34.24
C LEU D 36 -16.55 12.08 32.95
N SER D 37 -15.87 12.15 31.79
CA SER D 37 -16.49 11.83 30.50
C SER D 37 -16.25 10.42 30.09
N GLY D 38 -15.62 9.64 30.95
CA GLY D 38 -15.25 8.27 30.58
C GLY D 38 -14.14 8.27 29.55
N ASN D 39 -13.15 9.15 29.77
CA ASN D 39 -12.02 9.37 28.84
C ASN D 39 -12.40 9.84 27.42
N ARG D 40 -13.31 10.82 27.39
CA ARG D 40 -13.77 11.46 26.17
C ARG D 40 -13.59 12.95 26.24
N PRO D 41 -12.45 13.43 26.73
CA PRO D 41 -12.31 14.87 26.84
C PRO D 41 -12.31 15.57 25.51
N LEU D 42 -11.72 14.97 24.48
CA LEU D 42 -11.75 15.62 23.14
C LEU D 42 -13.16 15.73 22.57
N THR D 43 -13.90 14.65 22.63
CA THR D 43 -15.30 14.67 22.17
C THR D 43 -16.17 15.71 22.90
N VAL D 44 -16.15 15.74 24.22
CA VAL D 44 -17.07 16.65 24.92
C VAL D 44 -16.63 18.08 24.81
N ILE D 45 -15.32 18.31 24.86
CA ILE D 45 -14.82 19.67 24.68
C ILE D 45 -15.10 20.24 23.29
N MET D 46 -14.83 19.45 22.25
CA MET D 46 -15.10 19.87 20.91
C MET D 46 -16.61 20.13 20.72
N HIS D 47 -17.43 19.24 21.21
CA HIS D 47 -18.92 19.44 21.09
C HIS D 47 -19.36 20.76 21.78
N THR D 48 -18.90 20.97 23.01
CA THR D 48 -19.20 22.17 23.75
C THR D 48 -18.77 23.44 22.95
N ILE D 49 -17.55 23.40 22.41
CA ILE D 49 -17.01 24.50 21.66
C ILE D 49 -17.77 24.72 20.34
N PHE D 50 -18.14 23.65 19.66
CA PHE D 50 -18.91 23.79 18.45
C PHE D 50 -20.25 24.45 18.77
N GLN D 51 -20.87 24.05 19.90
CA GLN D 51 -22.15 24.66 20.31
C GLN D 51 -21.93 26.15 20.62
N GLU D 52 -20.99 26.47 21.47
CA GLU D 52 -20.78 27.87 21.84
C GLU D 52 -20.56 28.73 20.61
N ARG D 53 -19.85 28.20 19.63
CA ARG D 53 -19.49 29.05 18.52
C ARG D 53 -20.48 28.96 17.39
N ASP D 54 -21.56 28.23 17.64
CA ASP D 54 -22.61 28.12 16.65
C ASP D 54 -22.12 27.55 15.32
N LEU D 55 -21.11 26.69 15.39
CA LEU D 55 -20.53 26.13 14.19
C LEU D 55 -21.42 25.05 13.56
N LEU D 56 -22.28 24.41 14.36
CA LEU D 56 -23.20 23.43 13.78
C LEU D 56 -24.18 24.14 12.86
N LYS D 57 -24.76 25.24 13.34
CA LYS D 57 -25.76 25.99 12.56
C LYS D 57 -25.08 26.62 11.36
N THR D 58 -23.94 27.26 11.56
CA THR D 58 -23.30 27.98 10.45
C THR D 58 -22.86 27.05 9.32
N PHE D 59 -22.36 25.85 9.62
CA PHE D 59 -21.84 24.96 8.54
C PHE D 59 -22.76 23.76 8.30
N LYS D 60 -23.95 23.81 8.89
CA LYS D 60 -24.99 22.78 8.70
C LYS D 60 -24.41 21.36 8.99
N ILE D 61 -23.82 21.22 10.17
CA ILE D 61 -23.21 19.97 10.58
C ILE D 61 -24.20 19.24 11.46
N PRO D 62 -24.70 18.10 11.00
CA PRO D 62 -25.56 17.32 11.88
C PRO D 62 -24.85 16.87 13.14
N VAL D 63 -25.56 16.93 14.26
CA VAL D 63 -24.95 16.71 15.57
C VAL D 63 -24.47 15.25 15.72
N ASP D 64 -25.27 14.31 15.24
CA ASP D 64 -24.90 12.90 15.30
C ASP D 64 -23.64 12.58 14.44
N THR D 65 -23.53 13.24 13.29
CA THR D 65 -22.32 13.20 12.48
C THR D 65 -21.09 13.79 13.22
N LEU D 66 -21.25 14.92 13.89
CA LEU D 66 -20.17 15.51 14.64
C LEU D 66 -19.70 14.56 15.70
N ILE D 67 -20.64 14.02 16.47
CA ILE D 67 -20.31 13.11 17.58
C ILE D 67 -19.61 11.84 17.09
N THR D 68 -20.10 11.26 16.00
CA THR D 68 -19.51 10.06 15.44
C THR D 68 -18.06 10.33 14.93
N TYR D 69 -17.83 11.42 14.21
CA TYR D 69 -16.47 11.80 13.81
C TYR D 69 -15.58 12.01 15.01
N LEU D 70 -16.09 12.76 15.99
CA LEU D 70 -15.25 13.04 17.16
C LEU D 70 -14.83 11.79 17.88
N MET D 71 -15.75 10.85 18.03
CA MET D 71 -15.43 9.63 18.78
C MET D 71 -14.43 8.81 18.07
N THR D 72 -14.51 8.79 16.73
CA THR D 72 -13.55 8.07 15.92
C THR D 72 -12.22 8.73 16.00
N LEU D 73 -12.22 10.04 15.86
CA LEU D 73 -10.95 10.78 15.99
C LEU D 73 -10.25 10.46 17.34
N GLU D 74 -11.03 10.57 18.40
CA GLU D 74 -10.52 10.35 19.73
C GLU D 74 -10.03 8.91 19.88
N ASP D 75 -10.76 7.93 19.32
CA ASP D 75 -10.28 6.54 19.35
C ASP D 75 -8.89 6.38 18.68
N HIS D 76 -8.56 7.26 17.73
CA HIS D 76 -7.27 7.14 17.07
C HIS D 76 -6.11 7.85 17.74
N TYR D 77 -6.40 8.47 18.88
CA TYR D 77 -5.34 8.91 19.73
C TYR D 77 -4.98 7.72 20.62
N HIS D 78 -3.68 7.47 20.82
CA HIS D 78 -3.24 6.27 21.57
C HIS D 78 -3.31 6.47 23.09
N ALA D 79 -4.23 5.75 23.71
CA ALA D 79 -4.40 5.83 25.19
C ALA D 79 -3.12 5.44 25.94
N ASP D 80 -2.31 4.58 25.36
CA ASP D 80 -1.02 4.18 25.98
C ASP D 80 0.13 5.19 25.85
N VAL D 81 -0.05 6.25 25.06
CA VAL D 81 0.98 7.24 24.93
C VAL D 81 0.72 8.30 26.05
N ALA D 82 1.72 8.62 26.79
CA ALA D 82 1.55 9.35 28.05
C ALA D 82 1.17 10.80 27.85
N TYR D 83 1.75 11.46 26.84
CA TYR D 83 1.53 12.90 26.62
C TYR D 83 0.75 13.18 25.35
N HIS D 84 1.23 12.63 24.22
CA HIS D 84 0.57 12.82 22.91
C HIS D 84 -0.63 11.95 22.68
N ASN D 85 -1.63 12.15 23.55
CA ASN D 85 -2.88 11.40 23.54
C ASN D 85 -4.09 12.36 23.43
N ASN D 86 -5.27 11.81 23.62
CA ASN D 86 -6.53 12.56 23.45
C ASN D 86 -6.69 13.69 24.48
N ILE D 87 -6.06 13.57 25.64
CA ILE D 87 -6.16 14.65 26.62
C ILE D 87 -5.37 15.84 26.13
N HIS D 88 -4.18 15.60 25.60
CA HIS D 88 -3.37 16.68 25.01
C HIS D 88 -4.09 17.36 23.87
N ALA D 89 -4.79 16.58 23.07
CA ALA D 89 -5.54 17.16 21.96
C ALA D 89 -6.63 18.09 22.46
N ALA D 90 -7.35 17.62 23.44
CA ALA D 90 -8.47 18.35 24.02
C ALA D 90 -7.99 19.67 24.54
N ASP D 91 -6.83 19.65 25.18
CA ASP D 91 -6.22 20.82 25.79
C ASP D 91 -5.83 21.85 24.72
N VAL D 92 -5.28 21.40 23.59
CA VAL D 92 -4.83 22.33 22.55
C VAL D 92 -6.05 22.92 21.92
N VAL D 93 -7.09 22.10 21.74
CA VAL D 93 -8.35 22.59 21.23
C VAL D 93 -8.88 23.72 22.11
N GLN D 94 -8.95 23.44 23.41
CA GLN D 94 -9.57 24.39 24.34
C GLN D 94 -8.73 25.65 24.47
N SER D 95 -7.42 25.51 24.46
CA SER D 95 -6.50 26.65 24.53
C SER D 95 -6.57 27.53 23.29
N THR D 96 -6.67 26.92 22.10
CA THR D 96 -6.93 27.66 20.88
C THR D 96 -8.26 28.41 20.98
N HIS D 97 -9.28 27.72 21.42
CA HIS D 97 -10.57 28.35 21.62
C HIS D 97 -10.53 29.63 22.49
N VAL D 98 -9.73 29.62 23.54
CA VAL D 98 -9.61 30.82 24.40
C VAL D 98 -8.80 31.89 23.68
N LEU D 99 -7.68 31.49 23.07
CA LEU D 99 -6.87 32.45 22.31
C LEU D 99 -7.64 33.14 21.22
N LEU D 100 -8.56 32.42 20.57
CA LEU D 100 -9.40 33.03 19.53
C LEU D 100 -10.30 34.18 20.02
N SER D 101 -10.62 34.19 21.31
CA SER D 101 -11.53 35.19 21.89
C SER D 101 -10.80 36.32 22.56
N THR D 102 -9.50 36.39 22.41
CA THR D 102 -8.74 37.46 23.03
C THR D 102 -9.24 38.81 22.42
N PRO D 103 -9.39 39.86 23.25
CA PRO D 103 -9.92 41.16 22.78
C PRO D 103 -9.26 41.70 21.52
N ALA D 104 -7.95 41.67 21.45
CA ALA D 104 -7.24 42.16 20.26
C ALA D 104 -7.57 41.47 18.95
N LEU D 105 -8.22 40.31 19.02
CA LEU D 105 -8.63 39.61 17.80
C LEU D 105 -10.15 39.59 17.58
N GLU D 106 -10.90 40.37 18.38
CA GLU D 106 -12.36 40.46 18.25
C GLU D 106 -12.78 40.77 16.82
N ALA D 107 -13.63 39.92 16.27
CA ALA D 107 -14.19 40.05 14.89
C ALA D 107 -13.18 39.96 13.73
N VAL D 108 -11.93 39.64 14.02
CA VAL D 108 -10.93 39.52 12.97
C VAL D 108 -11.10 38.31 12.06
N PHE D 109 -11.35 37.14 12.63
CA PHE D 109 -11.41 35.91 11.84
C PHE D 109 -12.82 35.54 11.38
N THR D 110 -12.97 35.04 10.17
CA THR D 110 -14.25 34.50 9.74
C THR D 110 -14.57 33.19 10.48
N ASP D 111 -15.82 32.75 10.38
CA ASP D 111 -16.20 31.49 10.96
C ASP D 111 -15.37 30.32 10.37
N LEU D 112 -15.01 30.40 9.09
CA LEU D 112 -14.36 29.29 8.43
C LEU D 112 -12.93 29.19 8.95
N GLU D 113 -12.31 30.34 9.17
CA GLU D 113 -11.00 30.44 9.75
C GLU D 113 -10.98 29.93 11.19
N ILE D 114 -12.05 30.24 11.93
CA ILE D 114 -12.27 29.71 13.27
C ILE D 114 -12.42 28.17 13.25
N LEU D 115 -13.24 27.66 12.34
CA LEU D 115 -13.39 26.20 12.20
C LEU D 115 -12.11 25.53 11.85
N ALA D 116 -11.38 26.13 10.93
CA ALA D 116 -10.07 25.62 10.57
C ALA D 116 -9.15 25.50 11.79
N ALA D 117 -9.04 26.55 12.58
CA ALA D 117 -8.10 26.54 13.68
C ALA D 117 -8.46 25.47 14.72
N ILE D 118 -9.75 25.31 14.93
CA ILE D 118 -10.22 24.42 15.96
C ILE D 118 -10.11 22.99 15.45
N PHE D 119 -10.53 22.74 14.20
CA PHE D 119 -10.36 21.40 13.59
C PHE D 119 -8.90 21.03 13.54
N ALA D 120 -8.04 21.97 13.13
CA ALA D 120 -6.58 21.68 13.09
C ALA D 120 -6.08 21.27 14.45
N SER D 121 -6.51 22.03 15.47
CA SER D 121 -6.09 21.71 16.83
C SER D 121 -6.50 20.31 17.24
N ALA D 122 -7.72 19.92 16.93
CA ALA D 122 -8.22 18.61 17.31
C ALA D 122 -7.41 17.45 16.67
N ILE D 123 -6.99 17.61 15.39
CA ILE D 123 -6.39 16.50 14.67
C ILE D 123 -4.87 16.55 14.74
N HIS D 124 -4.30 17.61 15.34
CA HIS D 124 -2.91 17.94 15.12
C HIS D 124 -1.88 16.89 15.57
N ASP D 125 -2.27 15.98 16.47
CA ASP D 125 -1.41 14.91 16.95
C ASP D 125 -2.06 13.55 16.81
N VAL D 126 -3.08 13.38 15.98
CA VAL D 126 -3.79 12.12 15.96
C VAL D 126 -2.87 10.94 15.47
N ASP D 127 -3.07 9.79 16.09
CA ASP D 127 -2.27 8.62 15.80
C ASP D 127 -0.78 8.79 16.06
N HIS D 128 -0.43 9.62 17.03
CA HIS D 128 0.97 9.82 17.38
C HIS D 128 1.48 8.56 18.08
N PRO D 129 2.68 8.10 17.71
CA PRO D 129 3.16 6.84 18.28
C PRO D 129 3.98 7.03 19.56
N GLY D 130 4.22 8.25 19.98
CA GLY D 130 4.94 8.50 21.20
C GLY D 130 6.43 8.58 21.01
N VAL D 131 6.87 8.74 19.76
CA VAL D 131 8.27 8.93 19.44
C VAL D 131 8.39 10.10 18.48
N SER D 132 9.57 10.68 18.41
CA SER D 132 9.77 11.92 17.66
C SER D 132 10.04 11.68 16.17
N ASN D 133 9.96 12.76 15.39
CA ASN D 133 10.37 12.76 14.00
C ASN D 133 11.79 12.24 13.83
N GLN D 134 12.70 12.65 14.72
CA GLN D 134 14.09 12.27 14.59
C GLN D 134 14.27 10.76 14.85
N PHE D 135 13.54 10.20 15.81
CA PHE D 135 13.55 8.77 16.01
C PHE D 135 13.08 8.00 14.75
N LEU D 136 12.02 8.46 14.17
CA LEU D 136 11.46 7.83 12.98
C LEU D 136 12.38 7.92 11.76
N ILE D 137 13.08 9.04 11.60
CA ILE D 137 14.05 9.18 10.57
C ILE D 137 15.29 8.29 10.80
N ASN D 138 15.81 8.31 12.02
CA ASN D 138 17.04 7.57 12.32
C ASN D 138 16.82 6.09 12.33
N THR D 139 15.60 5.62 12.56
CA THR D 139 15.33 4.20 12.48
C THR D 139 14.80 3.79 11.10
N ASN D 140 14.84 4.69 10.14
CA ASN D 140 14.35 4.41 8.81
C ASN D 140 12.99 3.78 8.82
N SER D 141 12.08 4.32 9.64
CA SER D 141 10.74 3.81 9.80
C SER D 141 9.91 3.97 8.56
N GLU D 142 8.86 3.14 8.49
CA GLU D 142 7.85 3.17 7.39
C GLU D 142 7.26 4.58 7.18
N LEU D 143 6.91 5.27 8.28
CA LEU D 143 6.42 6.64 8.13
C LEU D 143 7.46 7.60 7.55
N ALA D 144 8.73 7.51 7.98
CA ALA D 144 9.73 8.41 7.44
C ALA D 144 10.01 8.13 5.96
N LEU D 145 9.91 6.86 5.57
CA LEU D 145 10.04 6.42 4.16
C LEU D 145 8.86 6.96 3.36
N MET D 146 7.66 6.91 3.89
CA MET D 146 6.50 7.45 3.20
CA MET D 146 6.50 7.46 3.19
C MET D 146 6.63 8.96 2.96
N TYR D 147 7.21 9.68 3.94
CA TYR D 147 7.11 11.15 3.87
C TYR D 147 8.44 11.79 3.63
N ASN D 148 9.42 11.01 3.22
CA ASN D 148 10.69 11.56 2.75
C ASN D 148 11.32 12.47 3.78
N ASP D 149 11.25 12.00 5.02
CA ASP D 149 11.91 12.60 6.17
C ASP D 149 11.43 14.02 6.53
N SER D 150 10.38 14.56 5.92
CA SER D 150 10.04 15.94 6.28
C SER D 150 8.64 16.09 6.83
N SER D 151 8.61 16.75 7.99
CA SER D 151 7.43 16.78 8.83
C SER D 151 6.66 15.49 8.80
N VAL D 152 7.35 14.47 9.17
CA VAL D 152 6.82 13.12 9.03
C VAL D 152 5.52 12.93 9.85
N LEU D 153 5.58 13.20 11.16
CA LEU D 153 4.40 13.03 12.00
C LEU D 153 3.27 13.97 11.61
N GLU D 154 3.62 15.22 11.32
CA GLU D 154 2.63 16.20 11.05
C GLU D 154 1.85 15.84 9.78
N ASN D 155 2.56 15.40 8.76
CA ASN D 155 1.91 14.96 7.52
C ASN D 155 0.97 13.80 7.80
N HIS D 156 1.44 12.86 8.61
CA HIS D 156 0.63 11.73 9.06
C HIS D 156 -0.61 12.13 9.90
N HIS D 157 -0.48 13.10 10.81
CA HIS D 157 -1.63 13.51 11.58
C HIS D 157 -2.71 14.06 10.64
N LEU D 158 -2.27 14.90 9.68
CA LEU D 158 -3.20 15.46 8.68
C LEU D 158 -3.90 14.38 7.89
N ALA D 159 -3.13 13.45 7.36
CA ALA D 159 -3.73 12.42 6.50
C ALA D 159 -4.75 11.62 7.29
N VAL D 160 -4.46 11.30 8.54
CA VAL D 160 -5.38 10.48 9.32
C VAL D 160 -6.64 11.28 9.65
N GLY D 161 -6.44 12.53 10.10
CA GLY D 161 -7.54 13.38 10.44
C GLY D 161 -8.57 13.53 9.32
N PHE D 162 -8.07 13.77 8.09
CA PHE D 162 -8.94 13.89 6.92
C PHE D 162 -9.55 12.54 6.43
N LYS D 163 -8.76 11.48 6.45
CA LYS D 163 -9.24 10.14 6.07
C LYS D 163 -10.40 9.67 6.94
N LEU D 164 -10.38 10.02 8.21
CA LEU D 164 -11.46 9.56 9.11
C LEU D 164 -12.81 10.16 8.76
N LEU D 165 -12.81 11.30 8.06
CA LEU D 165 -14.02 11.90 7.58
C LEU D 165 -14.83 10.94 6.68
N GLN D 166 -14.15 9.96 6.10
CA GLN D 166 -14.78 9.06 5.13
C GLN D 166 -15.38 7.86 5.78
N GLU D 167 -15.19 7.66 7.08
CA GLU D 167 -15.89 6.57 7.76
C GLU D 167 -17.39 6.86 7.84
N GLU D 168 -18.15 5.81 8.17
CA GLU D 168 -19.63 5.88 8.17
C GLU D 168 -20.13 7.04 9.07
N ASN D 169 -20.91 7.91 8.47
CA ASN D 169 -21.52 9.06 9.11
C ASN D 169 -20.53 9.98 9.79
N CYS D 170 -19.35 10.16 9.18
CA CYS D 170 -18.25 10.93 9.80
C CYS D 170 -17.90 12.20 9.06
N ASP D 171 -18.56 12.48 7.95
CA ASP D 171 -18.15 13.63 7.18
C ASP D 171 -18.74 14.92 7.69
N ILE D 172 -18.09 15.54 8.68
CA ILE D 172 -18.64 16.77 9.25
C ILE D 172 -18.61 17.96 8.31
N PHE D 173 -17.92 17.85 7.16
CA PHE D 173 -17.90 18.95 6.19
C PHE D 173 -18.82 18.74 4.98
N GLN D 174 -19.67 17.74 5.05
CA GLN D 174 -20.58 17.38 3.92
C GLN D 174 -21.39 18.53 3.37
N ASN D 175 -21.71 19.54 4.18
CA ASN D 175 -22.50 20.68 3.68
C ASN D 175 -21.77 21.98 3.50
N LEU D 176 -20.45 21.94 3.49
CA LEU D 176 -19.67 23.08 3.04
C LEU D 176 -19.77 23.13 1.50
N THR D 177 -19.59 24.29 0.90
CA THR D 177 -19.42 24.38 -0.55
C THR D 177 -18.02 23.90 -0.98
N LYS D 178 -17.83 23.65 -2.28
CA LYS D 178 -16.54 23.17 -2.77
C LYS D 178 -15.47 24.23 -2.39
N LYS D 179 -15.77 25.50 -2.62
CA LYS D 179 -14.79 26.53 -2.33
C LYS D 179 -14.48 26.57 -0.84
N GLN D 180 -15.51 26.46 0.01
CA GLN D 180 -15.26 26.43 1.47
C GLN D 180 -14.37 25.25 1.92
N ARG D 181 -14.69 24.06 1.43
CA ARG D 181 -13.92 22.83 1.70
C ARG D 181 -12.47 22.98 1.29
N GLN D 182 -12.22 23.51 0.10
CA GLN D 182 -10.86 23.72 -0.37
C GLN D 182 -10.15 24.71 0.50
N SER D 183 -10.84 25.78 0.84
CA SER D 183 -10.18 26.82 1.62
C SER D 183 -9.87 26.32 3.08
N LEU D 184 -10.79 25.55 3.63
CA LEU D 184 -10.58 24.99 4.96
CA LEU D 184 -10.61 24.96 4.96
C LEU D 184 -9.43 24.01 4.95
N ARG D 185 -9.43 23.14 3.94
CA ARG D 185 -8.41 22.12 3.84
C ARG D 185 -7.02 22.76 3.75
N LYS D 186 -6.89 23.78 2.87
CA LYS D 186 -5.62 24.53 2.75
C LYS D 186 -5.22 25.08 4.13
N MET D 187 -6.13 25.71 4.84
CA MET D 187 -5.76 26.37 6.11
C MET D 187 -5.37 25.34 7.14
N VAL D 188 -6.06 24.22 7.17
CA VAL D 188 -5.77 23.18 8.18
C VAL D 188 -4.41 22.62 7.95
N ILE D 189 -4.10 22.37 6.69
CA ILE D 189 -2.77 21.84 6.32
C ILE D 189 -1.69 22.80 6.75
N ASP D 190 -1.81 24.08 6.37
CA ASP D 190 -0.84 25.10 6.84
C ASP D 190 -0.71 25.23 8.34
N ILE D 191 -1.81 25.09 9.07
CA ILE D 191 -1.74 25.13 10.56
C ILE D 191 -1.03 23.92 11.15
N VAL D 192 -1.40 22.71 10.74
CA VAL D 192 -0.78 21.53 11.32
C VAL D 192 0.70 21.37 10.98
N LEU D 193 1.05 21.61 9.72
CA LEU D 193 2.44 21.61 9.32
C LEU D 193 3.30 22.59 10.15
N ALA D 194 2.71 23.69 10.60
CA ALA D 194 3.43 24.63 11.42
C ALA D 194 3.61 24.14 12.86
N THR D 195 3.01 23.00 13.22
CA THR D 195 3.18 22.43 14.55
C THR D 195 4.43 21.59 14.65
N ASP D 196 5.06 21.35 13.51
CA ASP D 196 6.37 20.69 13.44
C ASP D 196 7.34 21.56 14.20
N MET D 197 7.88 21.03 15.29
CA MET D 197 8.68 21.82 16.19
C MET D 197 9.93 22.33 15.56
N SER D 198 10.40 21.65 14.52
CA SER D 198 11.62 22.12 13.81
C SER D 198 11.39 23.44 13.09
N LYS D 199 10.14 23.83 12.90
CA LYS D 199 9.79 25.15 12.31
C LYS D 199 9.65 26.28 13.30
N HIS D 200 9.82 25.99 14.58
CA HIS D 200 9.55 26.97 15.63
C HIS D 200 10.33 28.30 15.42
N MET D 201 11.65 28.21 15.21
CA MET D 201 12.46 29.47 15.08
C MET D 201 12.03 30.33 13.94
N ASN D 202 11.74 29.74 12.79
CA ASN D 202 11.26 30.50 11.62
C ASN D 202 9.93 31.10 11.89
N LEU D 203 9.07 30.34 12.56
CA LEU D 203 7.72 30.84 12.86
C LEU D 203 7.77 32.06 13.81
N LEU D 204 8.62 31.93 14.81
CA LEU D 204 8.81 33.02 15.77
C LEU D 204 9.42 34.29 15.09
N ALA D 205 10.47 34.10 14.28
CA ALA D 205 11.09 35.22 13.57
C ALA D 205 10.05 35.95 12.76
N ASP D 206 9.22 35.20 12.04
CA ASP D 206 8.16 35.83 11.24
C ASP D 206 7.12 36.48 12.10
N LEU D 207 6.80 35.91 13.25
CA LEU D 207 5.81 36.53 14.12
C LEU D 207 6.37 37.87 14.65
N LYS D 208 7.66 37.90 15.00
CA LYS D 208 8.32 39.14 15.45
C LYS D 208 8.16 40.24 14.44
N THR D 209 8.46 39.92 13.18
CA THR D 209 8.41 40.86 12.09
C THR D 209 7.00 41.41 11.92
N MET D 210 6.01 40.53 11.98
CA MET D 210 4.61 40.96 11.96
C MET D 210 4.24 41.89 13.12
N VAL D 211 4.71 41.61 14.32
CA VAL D 211 4.43 42.52 15.43
C VAL D 211 5.04 43.91 15.17
N GLU D 212 6.27 43.94 14.69
CA GLU D 212 6.99 45.18 14.37
C GLU D 212 6.20 46.07 13.44
N THR D 213 5.46 45.48 12.51
CA THR D 213 4.69 46.27 11.53
C THR D 213 3.17 46.15 11.74
N LYS D 214 2.71 45.82 12.92
CA LYS D 214 1.27 45.65 13.11
C LYS D 214 0.42 46.95 13.04
N LYS D 215 -0.79 46.82 12.48
CA LYS D 215 -1.75 47.92 12.41
C LYS D 215 -2.97 47.57 13.29
N VAL D 216 -3.44 48.50 14.14
CA VAL D 216 -4.67 48.32 14.94
C VAL D 216 -5.86 49.20 14.45
N THR D 217 -6.99 49.18 15.16
CA THR D 217 -8.22 49.90 14.80
C THR D 217 -8.73 50.71 16.01
N VAL D 221 -7.88 46.52 18.36
CA VAL D 221 -8.12 45.32 17.52
C VAL D 221 -7.16 45.25 16.33
N LEU D 222 -6.49 44.09 16.14
CA LEU D 222 -5.50 43.90 15.07
C LEU D 222 -6.17 43.99 13.67
N LEU D 223 -5.48 44.59 12.70
CA LEU D 223 -5.94 44.66 11.30
C LEU D 223 -5.09 43.71 10.44
N LEU D 224 -5.72 42.71 9.86
CA LEU D 224 -5.04 41.69 9.07
C LEU D 224 -5.64 41.68 7.64
N ASP D 225 -4.89 42.25 6.68
CA ASP D 225 -5.37 42.61 5.32
C ASP D 225 -5.41 41.42 4.36
N ASN D 226 -4.56 40.42 4.57
CA ASN D 226 -4.34 39.38 3.56
C ASN D 226 -4.27 37.98 4.18
N TYR D 227 -4.36 36.94 3.35
CA TYR D 227 -4.31 35.55 3.78
C TYR D 227 -3.03 35.33 4.56
N SER D 228 -1.93 35.79 3.98
CA SER D 228 -0.63 35.51 4.53
C SER D 228 -0.53 35.93 6.02
N ASP D 229 -1.06 37.10 6.36
CA ASP D 229 -1.00 37.60 7.73
C ASP D 229 -1.96 36.85 8.65
N ARG D 230 -3.17 36.56 8.14
CA ARG D 230 -4.17 35.84 8.89
C ARG D 230 -3.75 34.40 9.22
N ILE D 231 -3.27 33.67 8.21
CA ILE D 231 -2.80 32.31 8.39
C ILE D 231 -1.58 32.28 9.30
N GLN D 232 -0.71 33.28 9.18
CA GLN D 232 0.43 33.37 10.03
C GLN D 232 0.06 33.49 11.52
N VAL D 233 -0.94 34.31 11.78
CA VAL D 233 -1.44 34.47 13.15
C VAL D 233 -2.13 33.16 13.63
N LEU D 234 -2.87 32.48 12.77
CA LEU D 234 -3.47 31.18 13.15
C LEU D 234 -2.45 30.06 13.43
N GLN D 235 -1.38 30.02 12.63
CA GLN D 235 -0.26 29.07 12.81
C GLN D 235 0.44 29.27 14.12
N ASN D 236 0.78 30.49 14.38
CA ASN D 236 1.39 30.83 15.67
C ASN D 236 0.45 30.62 16.86
N MET D 237 -0.83 30.91 16.68
CA MET D 237 -1.80 30.69 17.74
C MET D 237 -1.83 29.24 18.18
N VAL D 238 -1.91 28.33 17.21
CA VAL D 238 -2.05 26.91 17.50
C VAL D 238 -0.71 26.43 18.05
N HIS D 239 0.37 26.94 17.51
CA HIS D 239 1.71 26.61 18.03
C HIS D 239 1.88 27.03 19.48
N CYS D 240 1.37 28.23 19.82
CA CYS D 240 1.35 28.71 21.22
C CYS D 240 0.50 27.79 22.08
N ALA D 241 -0.65 27.40 21.58
CA ALA D 241 -1.49 26.49 22.30
C ALA D 241 -0.80 25.17 22.57
N ASP D 242 -0.08 24.67 21.56
CA ASP D 242 0.65 23.41 21.68
C ASP D 242 1.75 23.54 22.71
N LEU D 243 2.36 24.72 22.84
CA LEU D 243 3.42 25.00 23.85
C LEU D 243 2.89 25.87 25.04
N SER D 244 1.66 25.56 25.48
CA SER D 244 1.00 26.37 26.47
C SER D 244 1.07 25.80 27.90
N ASN D 245 1.50 24.54 28.05
CA ASN D 245 1.43 23.89 29.36
C ASN D 245 2.13 24.76 30.44
N PRO D 246 3.35 25.33 30.16
CA PRO D 246 4.04 26.05 31.22
C PRO D 246 3.39 27.40 31.60
N THR D 247 2.38 27.83 30.83
CA THR D 247 1.63 29.02 31.12
C THR D 247 0.31 28.72 31.85
N LYS D 248 0.05 27.47 32.16
CA LYS D 248 -1.17 27.09 32.83
C LYS D 248 -0.98 27.11 34.39
N PRO D 249 -2.09 27.10 35.14
CA PRO D 249 -1.95 26.86 36.59
C PRO D 249 -1.03 25.69 36.90
N LEU D 250 -0.20 25.90 37.90
CA LEU D 250 0.85 24.95 38.21
C LEU D 250 0.44 23.50 38.39
N GLN D 251 -0.72 23.25 39.01
CA GLN D 251 -1.20 21.91 39.26
C GLN D 251 -1.37 21.17 37.90
N LEU D 252 -1.78 21.91 36.87
CA LEU D 252 -1.89 21.37 35.50
C LEU D 252 -0.51 21.15 34.86
N TYR D 253 0.29 22.19 34.86
CA TYR D 253 1.64 22.15 34.32
C TYR D 253 2.46 20.98 34.83
N ARG D 254 2.35 20.72 36.11
CA ARG D 254 3.11 19.68 36.74
C ARG D 254 2.74 18.30 36.23
N GLN D 255 1.46 18.07 36.02
CA GLN D 255 1.02 16.82 35.41
C GLN D 255 1.54 16.68 33.92
N TRP D 256 1.55 17.77 33.19
CA TRP D 256 1.92 17.71 31.79
C TRP D 256 3.40 17.39 31.74
N THR D 257 4.17 17.93 32.67
CA THR D 257 5.62 17.66 32.70
C THR D 257 5.87 16.19 33.02
N ASP D 258 5.18 15.65 34.00
CA ASP D 258 5.40 14.25 34.33
C ASP D 258 5.06 13.37 33.11
N ARG D 259 3.99 13.71 32.38
CA ARG D 259 3.55 12.92 31.22
C ARG D 259 4.55 12.99 30.06
N ILE D 260 5.06 14.17 29.77
CA ILE D 260 6.04 14.28 28.68
C ILE D 260 7.34 13.51 29.02
N MET D 261 7.78 13.57 30.29
CA MET D 261 9.04 12.88 30.65
C MET D 261 8.83 11.39 30.57
N GLU D 262 7.66 10.89 30.98
CA GLU D 262 7.35 9.48 30.85
C GLU D 262 7.40 9.03 29.36
N GLU D 263 6.81 9.84 28.48
CA GLU D 263 6.80 9.53 27.05
C GLU D 263 8.24 9.58 26.46
N PHE D 264 8.99 10.63 26.77
CA PHE D 264 10.39 10.70 26.38
C PHE D 264 11.23 9.51 26.91
N PHE D 265 11.06 9.14 28.17
CA PHE D 265 11.88 8.09 28.77
C PHE D 265 11.54 6.77 28.11
N ARG D 266 10.28 6.59 27.73
CA ARG D 266 9.89 5.40 26.98
C ARG D 266 10.53 5.32 25.58
N GLN D 267 10.74 6.46 24.93
CA GLN D 267 11.46 6.47 23.66
C GLN D 267 12.93 6.10 23.91
N GLY D 268 13.51 6.68 24.97
CA GLY D 268 14.89 6.30 25.43
C GLY D 268 15.09 4.79 25.65
N ASP D 269 14.13 4.17 26.30
CA ASP D 269 14.15 2.71 26.53
C ASP D 269 14.15 1.91 25.22
N ARG D 270 13.34 2.33 24.23
CA ARG D 270 13.35 1.70 22.90
C ARG D 270 14.70 1.86 22.23
N GLU D 271 15.25 3.05 22.33
CA GLU D 271 16.55 3.35 21.78
C GLU D 271 17.59 2.43 22.44
N ARG D 272 17.53 2.30 23.76
CA ARG D 272 18.49 1.49 24.50
C ARG D 272 18.43 0.05 24.05
N GLU D 273 17.24 -0.49 23.94
CA GLU D 273 17.06 -1.88 23.50
C GLU D 273 17.58 -2.14 22.09
N ARG D 274 17.66 -1.12 21.25
CA ARG D 274 18.16 -1.32 19.89
C ARG D 274 19.62 -0.99 19.80
N GLY D 275 20.25 -0.68 20.92
CA GLY D 275 21.65 -0.26 20.90
C GLY D 275 21.92 1.06 20.20
N MET D 276 20.96 2.01 20.23
CA MET D 276 21.20 3.36 19.70
C MET D 276 21.68 4.26 20.81
N GLU D 277 22.32 5.38 20.44
CA GLU D 277 22.64 6.44 21.38
C GLU D 277 21.32 6.91 21.96
N ILE D 278 21.26 7.10 23.27
CA ILE D 278 20.03 7.58 23.89
C ILE D 278 19.89 9.07 23.61
N SER D 279 18.74 9.48 23.09
CA SER D 279 18.55 10.90 22.72
C SER D 279 18.54 11.83 23.92
N PRO D 280 18.92 13.11 23.74
CA PRO D 280 18.83 14.08 24.85
C PRO D 280 17.42 14.13 25.44
N MET D 281 17.31 14.23 26.77
CA MET D 281 16.03 14.28 27.52
C MET D 281 15.32 12.96 27.67
N CYS D 282 15.85 11.90 27.05
CA CYS D 282 15.18 10.61 26.98
C CYS D 282 15.77 9.51 27.84
N ASP D 283 16.78 9.84 28.63
CA ASP D 283 17.44 8.85 29.48
C ASP D 283 16.96 8.97 30.92
N LYS D 284 16.12 8.03 31.34
CA LYS D 284 15.61 8.01 32.73
C LYS D 284 16.71 7.89 33.80
N HIS D 285 17.91 7.45 33.41
CA HIS D 285 19.05 7.33 34.35
C HIS D 285 19.89 8.57 34.43
N ASN D 286 19.65 9.53 33.56
CA ASN D 286 20.49 10.71 33.50
C ASN D 286 19.60 11.91 33.17
N ALA D 287 18.62 12.14 34.04
CA ALA D 287 17.56 13.12 33.75
C ALA D 287 17.66 14.28 34.70
N SER D 288 17.29 15.45 34.23
CA SER D 288 17.29 16.62 35.05
C SER D 288 15.97 17.38 34.75
N VAL D 289 14.88 16.79 35.21
CA VAL D 289 13.54 17.25 34.89
C VAL D 289 13.34 18.74 35.11
N GLU D 290 13.75 19.21 36.29
CA GLU D 290 13.43 20.58 36.68
C GLU D 290 14.30 21.59 35.93
N LYS D 291 15.63 21.35 35.83
CA LYS D 291 16.52 22.28 35.08
C LYS D 291 16.10 22.30 33.60
N SER D 292 15.53 21.19 33.11
CA SER D 292 15.11 21.11 31.72
C SER D 292 13.89 21.97 31.45
N GLN D 293 12.94 21.97 32.37
CA GLN D 293 11.80 22.90 32.20
C GLN D 293 12.22 24.36 32.24
N VAL D 294 13.19 24.70 33.09
CA VAL D 294 13.66 26.07 33.17
C VAL D 294 14.25 26.48 31.80
N GLY D 295 15.05 25.60 31.25
CA GLY D 295 15.64 25.81 29.93
C GLY D 295 14.58 25.93 28.85
N PHE D 296 13.60 25.00 28.86
CA PHE D 296 12.51 25.02 27.92
C PHE D 296 11.85 26.38 27.99
N ILE D 297 11.56 26.86 29.20
CA ILE D 297 10.90 28.17 29.35
C ILE D 297 11.77 29.31 28.83
N ASP D 298 13.04 29.31 29.24
CA ASP D 298 13.95 30.41 28.92
C ASP D 298 14.29 30.50 27.43
N TYR D 299 14.54 29.37 26.78
CA TYR D 299 14.93 29.42 25.38
C TYR D 299 13.79 29.24 24.34
N ILE D 300 12.65 28.69 24.75
CA ILE D 300 11.55 28.44 23.79
C ILE D 300 10.24 29.06 24.15
N VAL D 301 9.72 28.72 25.33
CA VAL D 301 8.33 29.13 25.66
C VAL D 301 8.20 30.61 26.01
N HIS D 302 9.10 31.15 26.83
CA HIS D 302 9.00 32.62 27.15
C HIS D 302 9.24 33.52 25.89
N PRO D 303 10.26 33.22 25.08
CA PRO D 303 10.43 34.09 23.89
C PRO D 303 9.16 34.07 22.99
N LEU D 304 8.51 32.92 22.84
CA LEU D 304 7.32 32.79 21.99
C LEU D 304 6.19 33.57 22.59
N TRP D 305 5.89 33.30 23.85
CA TRP D 305 4.74 33.90 24.48
C TRP D 305 4.91 35.40 24.72
N GLU D 306 6.13 35.85 24.91
CA GLU D 306 6.39 37.30 25.03
C GLU D 306 6.07 37.98 23.73
N THR D 307 6.40 37.31 22.61
CA THR D 307 6.05 37.85 21.31
C THR D 307 4.55 37.78 21.06
N TRP D 308 3.92 36.66 21.42
CA TRP D 308 2.44 36.63 21.32
C TRP D 308 1.79 37.77 22.18
N ALA D 309 2.29 37.96 23.38
CA ALA D 309 1.79 39.01 24.26
C ALA D 309 1.94 40.42 23.66
N ASP D 310 2.99 40.66 22.91
CA ASP D 310 3.15 41.94 22.20
C ASP D 310 2.08 42.08 21.14
N LEU D 311 1.91 41.03 20.34
CA LEU D 311 0.90 41.03 19.30
C LEU D 311 -0.47 41.40 19.83
N VAL D 312 -0.84 40.88 21.02
CA VAL D 312 -2.23 41.07 21.53
C VAL D 312 -2.29 42.03 22.72
N HIS D 313 -1.26 42.83 22.89
CA HIS D 313 -1.04 43.66 24.11
C HIS D 313 -2.24 44.51 24.45
N PRO D 314 -2.70 44.50 25.71
CA PRO D 314 -2.23 43.80 26.90
C PRO D 314 -2.97 42.49 27.26
N ASP D 315 -3.63 41.85 26.29
CA ASP D 315 -4.54 40.72 26.60
C ASP D 315 -3.87 39.52 27.30
N ALA D 316 -2.58 39.27 27.06
CA ALA D 316 -1.94 38.04 27.52
C ALA D 316 -1.01 38.25 28.68
N GLN D 317 -1.17 39.37 29.36
CA GLN D 317 -0.31 39.69 30.51
C GLN D 317 -0.40 38.66 31.63
N ASP D 318 -1.59 38.18 31.94
CA ASP D 318 -1.68 37.19 33.01
C ASP D 318 -0.99 35.86 32.67
N ILE D 319 -1.00 35.51 31.38
CA ILE D 319 -0.39 34.28 30.89
C ILE D 319 1.11 34.35 31.08
N LEU D 320 1.66 35.49 30.72
CA LEU D 320 3.07 35.73 30.96
C LEU D 320 3.46 35.67 32.44
N ASP D 321 2.63 36.24 33.33
CA ASP D 321 3.00 36.27 34.77
C ASP D 321 3.00 34.89 35.34
N THR D 322 2.00 34.09 34.92
CA THR D 322 1.93 32.72 35.38
C THR D 322 3.20 31.98 34.94
N LEU D 323 3.55 32.13 33.68
CA LEU D 323 4.71 31.48 33.15
C LEU D 323 5.97 31.81 33.97
N GLU D 324 6.11 33.08 34.33
CA GLU D 324 7.24 33.51 35.14
C GLU D 324 7.19 32.93 36.56
N ASP D 325 6.03 32.93 37.18
CA ASP D 325 5.89 32.20 38.47
C ASP D 325 6.20 30.70 38.34
N ASN D 326 5.76 30.08 37.24
CA ASN D 326 5.97 28.64 37.05
C ASN D 326 7.45 28.35 36.83
N ARG D 327 8.14 29.27 36.16
CA ARG D 327 9.59 29.14 36.03
C ARG D 327 10.32 29.10 37.39
N GLU D 328 9.98 30.07 38.27
CA GLU D 328 10.53 30.15 39.63
C GLU D 328 10.28 28.83 40.34
N TRP D 329 9.08 28.28 40.22
CA TRP D 329 8.79 26.98 40.85
C TRP D 329 9.75 25.87 40.44
N TYR D 330 9.96 25.70 39.12
CA TYR D 330 10.88 24.65 38.68
C TYR D 330 12.33 24.97 39.05
N GLN D 331 12.72 26.24 38.92
CA GLN D 331 14.04 26.68 39.36
C GLN D 331 14.25 26.33 40.85
N SER D 332 13.25 26.65 41.67
CA SER D 332 13.34 26.43 43.11
C SER D 332 13.36 24.94 43.53
N THR D 333 12.80 24.06 42.70
CA THR D 333 12.78 22.62 43.03
C THR D 333 13.88 21.82 42.36
N ILE D 334 14.87 22.50 41.78
CA ILE D 334 16.10 21.79 41.36
C ILE D 334 16.76 21.19 42.63
N PRO D 335 17.15 19.89 42.62
CA PRO D 335 17.70 19.26 43.86
C PRO D 335 19.04 19.81 44.37
N ASN D 352 23.85 21.18 28.62
CA ASN D 352 24.32 20.20 27.57
C ASN D 352 23.13 19.41 26.99
N GLN D 353 22.49 18.56 27.82
CA GLN D 353 21.27 17.85 27.38
C GLN D 353 20.13 18.82 26.95
N VAL D 354 19.85 19.83 27.78
CA VAL D 354 18.83 20.85 27.47
C VAL D 354 19.17 21.50 26.12
N SER D 355 20.41 21.95 25.98
CA SER D 355 20.83 22.64 24.78
C SER D 355 20.84 21.73 23.50
N GLU D 356 21.29 20.49 23.65
CA GLU D 356 21.33 19.53 22.52
C GLU D 356 19.88 19.23 22.11
N PHE D 357 19.00 19.04 23.10
CA PHE D 357 17.56 18.80 22.80
C PHE D 357 16.93 19.93 22.03
N ILE D 358 17.15 21.16 22.51
CA ILE D 358 16.65 22.36 21.83
C ILE D 358 17.14 22.52 20.40
N SER D 359 18.47 22.41 20.19
CA SER D 359 19.06 22.52 18.82
C SER D 359 18.52 21.48 17.86
N ASN D 360 18.27 20.26 18.36
CA ASN D 360 17.79 19.17 17.52
C ASN D 360 16.29 19.22 17.31
N THR D 361 15.57 19.97 18.16
CA THR D 361 14.10 19.91 18.16
C THR D 361 13.47 21.14 17.51
N PHE D 362 13.99 22.32 17.85
CA PHE D 362 13.34 23.58 17.50
C PHE D 362 13.99 24.40 16.38
N LEU D 363 15.08 23.90 15.80
CA LEU D 363 15.72 24.53 14.65
C LEU D 363 15.52 23.64 13.41
N ASP D 364 15.64 24.24 12.23
CA ASP D 364 15.35 23.54 10.96
C ASP D 364 16.40 22.49 10.54
ZN ZN E . -4.04 -17.63 -20.68
MG MG F . -2.79 -17.52 -16.89
CL KRD G . 4.85 -28.99 -21.84
C17 KRD G . 5.11 -27.54 -22.81
C16 KRD G . 6.33 -27.31 -23.34
C15 KRD G . 6.50 -26.18 -24.12
C14 KRD G . 5.46 -25.31 -24.37
C18 KRD G . 4.06 -26.64 -23.02
C13 KRD G . 4.27 -25.53 -23.79
C3 KRD G . 3.13 -24.64 -24.08
N KRD G . 2.79 -24.41 -25.43
N1 KRD G . 2.40 -24.16 -23.05
C4 KRD G . 1.33 -23.42 -23.38
N2 KRD G . 1.04 -23.17 -24.64
C2 KRD G . 1.74 -23.63 -25.68
C1 KRD G . 1.20 -23.33 -27.07
C KRD G . 2.25 -23.20 -28.12
N3 KRD G . 0.56 -22.83 -22.45
C5 KRD G . 1.01 -22.55 -21.22
C10 KRD G . 1.74 -23.46 -20.45
C9 KRD G . 2.25 -23.06 -19.23
C8 KRD G . 2.00 -21.79 -18.76
C7 KRD G . 1.27 -20.92 -19.49
C6 KRD G . 0.79 -21.30 -20.74
C11 KRD G . 2.50 -21.38 -17.39
C12 KRD G . 3.69 -20.46 -17.54
O KRD G . 3.52 -19.26 -17.76
N4 KRD G . 4.90 -21.09 -17.44
MG MG H . 4.83 -2.44 -5.74
ZN ZN I . -7.40 -14.38 16.54
MG MG J . -8.45 -14.05 12.70
CL KRD K . -21.23 -17.97 18.56
C17 KRD K . -20.58 -16.50 19.36
C16 KRD K . -21.44 -15.49 19.74
C15 KRD K . -20.91 -14.36 20.39
C14 KRD K . -19.53 -14.26 20.67
C18 KRD K . -19.23 -16.39 19.62
C13 KRD K . -18.72 -15.28 20.25
C3 KRD K . -17.27 -15.24 20.52
N KRD K . -16.86 -15.18 21.83
N1 KRD K . -16.38 -15.35 19.50
C4 KRD K . -15.04 -15.38 19.80
N2 KRD K . -14.64 -15.31 21.09
C2 KRD K . -15.52 -15.23 22.10
C1 KRD K . -15.01 -15.21 23.55
C KRD K . -15.26 -13.83 24.18
N3 KRD K . -14.07 -15.46 18.83
C5 KRD K . -14.30 -15.12 17.51
C10 KRD K . -15.43 -15.52 16.79
C9 KRD K . -15.63 -15.05 15.47
C8 KRD K . -14.72 -14.17 14.87
C7 KRD K . -13.60 -13.78 15.60
C6 KRD K . -13.40 -14.23 16.90
C11 KRD K . -14.94 -13.67 13.42
C12 KRD K . -15.37 -12.19 13.40
O KRD K . -14.54 -11.29 13.47
N4 KRD K . -16.66 -11.93 13.28
ZN ZN L . 9.81 13.14 -15.78
MG MG M . 7.50 14.10 -12.74
CL KRD N . 3.38 24.31 -22.20
C17 KRD N . 3.12 22.71 -22.94
C16 KRD N . 2.07 22.46 -23.80
C15 KRD N . 1.94 21.18 -24.39
C14 KRD N . 2.88 20.19 -24.12
C18 KRD N . 4.02 21.73 -22.66
C13 KRD N . 3.89 20.46 -23.21
C3 KRD N . 4.95 19.48 -22.90
N KRD N . 5.71 19.03 -23.94
N1 KRD N . 5.24 19.12 -21.60
C4 KRD N . 6.29 18.29 -21.39
N2 KRD N . 7.00 17.85 -22.44
C2 KRD N . 6.74 18.22 -23.71
C1 KRD N . 7.64 17.75 -24.86
C KRD N . 6.92 16.79 -25.76
N3 KRD N . 6.64 17.85 -20.13
C5 KRD N . 5.78 17.95 -19.04
C10 KRD N . 5.75 16.89 -18.15
C9 KRD N . 4.85 16.90 -17.08
C8 KRD N . 3.96 17.96 -16.89
C7 KRD N . 3.94 18.99 -17.82
C6 KRD N . 4.87 19.00 -18.88
C11 KRD N . 2.95 17.94 -15.72
C12 KRD N . 1.83 16.99 -16.03
O KRD N . 1.97 15.76 -15.89
N4 KRD N . 0.74 17.58 -16.52
MG MG O . 2.57 -0.68 7.58
ZN ZN P . 0.63 18.70 20.24
MG MG Q . 2.69 17.46 17.04
CL KRD R . 13.52 21.66 26.20
C17 KRD R . 12.35 20.55 26.97
C16 KRD R . 12.79 19.62 27.87
C15 KRD R . 11.91 18.75 28.46
C14 KRD R . 10.57 18.84 28.18
C18 KRD R . 11.01 20.63 26.68
C13 KRD R . 10.13 19.76 27.27
C3 KRD R . 8.66 19.90 27.00
N KRD R . 7.82 20.20 28.05
N1 KRD R . 8.20 19.82 25.71
C4 KRD R . 6.87 20.03 25.47
N2 KRD R . 6.06 20.35 26.51
C2 KRD R . 6.50 20.40 27.79
C1 KRD R . 5.50 20.81 28.89
C KRD R . 5.17 19.68 29.80
N3 KRD R . 6.31 19.90 24.21
C5 KRD R . 6.94 19.24 23.17
C10 KRD R . 8.34 19.29 22.96
C9 KRD R . 8.94 18.49 21.94
C8 KRD R . 8.14 17.67 21.14
C7 KRD R . 6.74 17.63 21.35
C6 KRD R . 6.16 18.42 22.34
C11 KRD R . 8.78 16.84 20.03
C12 KRD R . 9.01 15.42 20.52
O KRD R . 8.04 14.63 20.61
N4 KRD R . 10.28 15.09 20.87
#